data_4RLR
# 
_entry.id   4RLR 
# 
_audit_conform.dict_name       mmcif_pdbx.dic 
_audit_conform.dict_version    5.387 
_audit_conform.dict_location   http://mmcif.pdb.org/dictionaries/ascii/mmcif_pdbx.dic 
# 
loop_
_database_2.database_id 
_database_2.database_code 
_database_2.pdbx_database_accession 
_database_2.pdbx_DOI 
RCSB  RCSB087503   ?            ?                   
PDB   4RLR         pdb_00004rlr 10.2210/pdb4rlr/pdb 
WWPDB D_1000087503 ?            ?                   
# 
loop_
_pdbx_audit_revision_history.ordinal 
_pdbx_audit_revision_history.data_content_type 
_pdbx_audit_revision_history.major_revision 
_pdbx_audit_revision_history.minor_revision 
_pdbx_audit_revision_history.revision_date 
1 'Structure model' 1 0 2015-04-01 
2 'Structure model' 1 1 2015-08-26 
3 'Structure model' 1 2 2024-02-28 
# 
_pdbx_audit_revision_details.ordinal             1 
_pdbx_audit_revision_details.revision_ordinal    1 
_pdbx_audit_revision_details.data_content_type   'Structure model' 
_pdbx_audit_revision_details.provider            repository 
_pdbx_audit_revision_details.type                'Initial release' 
_pdbx_audit_revision_details.description         ? 
_pdbx_audit_revision_details.details             ? 
# 
loop_
_pdbx_audit_revision_group.ordinal 
_pdbx_audit_revision_group.revision_ordinal 
_pdbx_audit_revision_group.data_content_type 
_pdbx_audit_revision_group.group 
1 2 'Structure model' 'Database references'  
2 3 'Structure model' 'Data collection'      
3 3 'Structure model' 'Database references'  
4 3 'Structure model' 'Derived calculations' 
# 
loop_
_pdbx_audit_revision_category.ordinal 
_pdbx_audit_revision_category.revision_ordinal 
_pdbx_audit_revision_category.data_content_type 
_pdbx_audit_revision_category.category 
1 3 'Structure model' chem_comp_atom         
2 3 'Structure model' chem_comp_bond         
3 3 'Structure model' database_2             
4 3 'Structure model' pdbx_struct_conn_angle 
5 3 'Structure model' struct_conn            
6 3 'Structure model' struct_site            
# 
loop_
_pdbx_audit_revision_item.ordinal 
_pdbx_audit_revision_item.revision_ordinal 
_pdbx_audit_revision_item.data_content_type 
_pdbx_audit_revision_item.item 
1  3 'Structure model' '_database_2.pdbx_DOI'                        
2  3 'Structure model' '_database_2.pdbx_database_accession'         
3  3 'Structure model' '_pdbx_struct_conn_angle.ptnr1_auth_comp_id'  
4  3 'Structure model' '_pdbx_struct_conn_angle.ptnr1_auth_seq_id'   
5  3 'Structure model' '_pdbx_struct_conn_angle.ptnr1_label_asym_id' 
6  3 'Structure model' '_pdbx_struct_conn_angle.ptnr1_label_atom_id' 
7  3 'Structure model' '_pdbx_struct_conn_angle.ptnr1_label_comp_id' 
8  3 'Structure model' '_pdbx_struct_conn_angle.ptnr1_label_seq_id'  
9  3 'Structure model' '_pdbx_struct_conn_angle.ptnr2_auth_comp_id'  
10 3 'Structure model' '_pdbx_struct_conn_angle.ptnr2_auth_seq_id'   
11 3 'Structure model' '_pdbx_struct_conn_angle.ptnr2_label_asym_id' 
12 3 'Structure model' '_pdbx_struct_conn_angle.ptnr2_label_atom_id' 
13 3 'Structure model' '_pdbx_struct_conn_angle.ptnr2_label_comp_id' 
14 3 'Structure model' '_pdbx_struct_conn_angle.ptnr3_auth_comp_id'  
15 3 'Structure model' '_pdbx_struct_conn_angle.ptnr3_auth_seq_id'   
16 3 'Structure model' '_pdbx_struct_conn_angle.ptnr3_label_asym_id' 
17 3 'Structure model' '_pdbx_struct_conn_angle.ptnr3_label_atom_id' 
18 3 'Structure model' '_pdbx_struct_conn_angle.ptnr3_label_comp_id' 
19 3 'Structure model' '_pdbx_struct_conn_angle.ptnr3_label_seq_id'  
20 3 'Structure model' '_pdbx_struct_conn_angle.value'               
21 3 'Structure model' '_struct_conn.pdbx_dist_value'                
22 3 'Structure model' '_struct_conn.ptnr1_auth_comp_id'             
23 3 'Structure model' '_struct_conn.ptnr1_auth_seq_id'              
24 3 'Structure model' '_struct_conn.ptnr1_label_asym_id'            
25 3 'Structure model' '_struct_conn.ptnr1_label_atom_id'            
26 3 'Structure model' '_struct_conn.ptnr1_label_comp_id'            
27 3 'Structure model' '_struct_conn.ptnr1_label_seq_id'             
28 3 'Structure model' '_struct_conn.ptnr2_auth_comp_id'             
29 3 'Structure model' '_struct_conn.ptnr2_auth_seq_id'              
30 3 'Structure model' '_struct_conn.ptnr2_label_asym_id'            
31 3 'Structure model' '_struct_conn.ptnr2_label_atom_id'            
32 3 'Structure model' '_struct_conn.ptnr2_label_comp_id'            
33 3 'Structure model' '_struct_site.pdbx_auth_asym_id'              
34 3 'Structure model' '_struct_site.pdbx_auth_comp_id'              
35 3 'Structure model' '_struct_site.pdbx_auth_seq_id'               
# 
_pdbx_database_status.status_code                     REL 
_pdbx_database_status.entry_id                        4RLR 
_pdbx_database_status.recvd_initial_deposition_date   2014-10-17 
_pdbx_database_status.deposit_site                    RCSB 
_pdbx_database_status.process_site                    RCSB 
_pdbx_database_status.status_code_sf                  REL 
_pdbx_database_status.status_code_mr                  ? 
_pdbx_database_status.SG_entry                        ? 
_pdbx_database_status.status_code_cs                  ? 
_pdbx_database_status.methods_development_category    ? 
_pdbx_database_status.pdb_format_compatible           Y 
_pdbx_database_status.status_code_nmr_data            ? 
# 
loop_
_audit_author.name 
_audit_author.pdbx_ordinal 
'Pokkuluri, P.R.' 1 
'Salgueiro, C.A.' 2 
# 
_citation.id                        primary 
_citation.title                     
;The structure of PccH from Geobacter sulfurreducens - a novel low reduction potential monoheme cytochrome essential for accepting electrons from an electrode.
;
_citation.journal_abbrev            'Febs J.' 
_citation.journal_volume            282 
_citation.page_first                2215 
_citation.page_last                 2231 
_citation.year                      2015 
_citation.journal_id_ASTM           ? 
_citation.country                   UK 
_citation.journal_id_ISSN           1742-464X 
_citation.journal_id_CSD            ? 
_citation.book_publisher            ? 
_citation.pdbx_database_id_PubMed   25786707 
_citation.pdbx_database_id_DOI      10.1111/febs.13269 
# 
loop_
_citation_author.citation_id 
_citation_author.name 
_citation_author.ordinal 
_citation_author.identifier_ORCID 
primary 'Dantas, J.M.'    1 ? 
primary 'Campelo, L.M.'   2 ? 
primary 'Duke, N.E.'      3 ? 
primary 'Salgueiro, C.A.' 4 ? 
primary 'Pokkuluri, P.R.' 5 ? 
# 
loop_
_entity.id 
_entity.type 
_entity.src_method 
_entity.pdbx_description 
_entity.formula_weight 
_entity.pdbx_number_of_molecules 
_entity.pdbx_ec 
_entity.pdbx_mutation 
_entity.pdbx_fragment 
_entity.details 
1 polymer     man 'Cytochrome c, 1 heme-binding site' 14861.936 1   ? ? ? ? 
2 non-polymer syn 'PROTOPORPHYRIN IX CONTAINING FE'   616.487   1   ? ? ? ? 
3 non-polymer syn 'ZINC ION'                          65.409    3   ? ? ? ? 
4 non-polymer syn 'CACODYLATE ION'                    136.989   1   ? ? ? ? 
5 non-polymer syn 'ACETATE ION'                       59.044    1   ? ? ? ? 
6 water       nat water                               18.015    177 ? ? ? ? 
# 
_entity_poly.entity_id                      1 
_entity_poly.type                           'polypeptide(L)' 
_entity_poly.nstd_linkage                   no 
_entity_poly.nstd_monomer                   no 
_entity_poly.pdbx_seq_one_letter_code       
;GEVTYRKDIKPIFDVRCAGCHGADAAPEYHAFKAEKEKWLAKGQGMRMDTYSHLIFYTAWPDTGALMRRLDDGKNSKDAK
PGNMYRHLGATEEERQRNLAVFKAWVGVWNLKKWPDITKEELNAITVTY
;
_entity_poly.pdbx_seq_one_letter_code_can   
;GEVTYRKDIKPIFDVRCAGCHGADAAPEYHAFKAEKEKWLAKGQGMRMDTYSHLIFYTAWPDTGALMRRLDDGKNSKDAK
PGNMYRHLGATEEERQRNLAVFKAWVGVWNLKKWPDITKEELNAITVTY
;
_entity_poly.pdbx_strand_id                 A 
_entity_poly.pdbx_target_identifier         ? 
# 
loop_
_pdbx_entity_nonpoly.entity_id 
_pdbx_entity_nonpoly.name 
_pdbx_entity_nonpoly.comp_id 
2 'PROTOPORPHYRIN IX CONTAINING FE' HEM 
3 'ZINC ION'                        ZN  
4 'CACODYLATE ION'                  CAC 
5 'ACETATE ION'                     ACT 
6 water                             HOH 
# 
loop_
_entity_poly_seq.entity_id 
_entity_poly_seq.num 
_entity_poly_seq.mon_id 
_entity_poly_seq.hetero 
1 1   GLY n 
1 2   GLU n 
1 3   VAL n 
1 4   THR n 
1 5   TYR n 
1 6   ARG n 
1 7   LYS n 
1 8   ASP n 
1 9   ILE n 
1 10  LYS n 
1 11  PRO n 
1 12  ILE n 
1 13  PHE n 
1 14  ASP n 
1 15  VAL n 
1 16  ARG n 
1 17  CYS n 
1 18  ALA n 
1 19  GLY n 
1 20  CYS n 
1 21  HIS n 
1 22  GLY n 
1 23  ALA n 
1 24  ASP n 
1 25  ALA n 
1 26  ALA n 
1 27  PRO n 
1 28  GLU n 
1 29  TYR n 
1 30  HIS n 
1 31  ALA n 
1 32  PHE n 
1 33  LYS n 
1 34  ALA n 
1 35  GLU n 
1 36  LYS n 
1 37  GLU n 
1 38  LYS n 
1 39  TRP n 
1 40  LEU n 
1 41  ALA n 
1 42  LYS n 
1 43  GLY n 
1 44  GLN n 
1 45  GLY n 
1 46  MET n 
1 47  ARG n 
1 48  MET n 
1 49  ASP n 
1 50  THR n 
1 51  TYR n 
1 52  SER n 
1 53  HIS n 
1 54  LEU n 
1 55  ILE n 
1 56  PHE n 
1 57  TYR n 
1 58  THR n 
1 59  ALA n 
1 60  TRP n 
1 61  PRO n 
1 62  ASP n 
1 63  THR n 
1 64  GLY n 
1 65  ALA n 
1 66  LEU n 
1 67  MET n 
1 68  ARG n 
1 69  ARG n 
1 70  LEU n 
1 71  ASP n 
1 72  ASP n 
1 73  GLY n 
1 74  LYS n 
1 75  ASN n 
1 76  SER n 
1 77  LYS n 
1 78  ASP n 
1 79  ALA n 
1 80  LYS n 
1 81  PRO n 
1 82  GLY n 
1 83  ASN n 
1 84  MET n 
1 85  TYR n 
1 86  ARG n 
1 87  HIS n 
1 88  LEU n 
1 89  GLY n 
1 90  ALA n 
1 91  THR n 
1 92  GLU n 
1 93  GLU n 
1 94  GLU n 
1 95  ARG n 
1 96  GLN n 
1 97  ARG n 
1 98  ASN n 
1 99  LEU n 
1 100 ALA n 
1 101 VAL n 
1 102 PHE n 
1 103 LYS n 
1 104 ALA n 
1 105 TRP n 
1 106 VAL n 
1 107 GLY n 
1 108 VAL n 
1 109 TRP n 
1 110 ASN n 
1 111 LEU n 
1 112 LYS n 
1 113 LYS n 
1 114 TRP n 
1 115 PRO n 
1 116 ASP n 
1 117 ILE n 
1 118 THR n 
1 119 LYS n 
1 120 GLU n 
1 121 GLU n 
1 122 LEU n 
1 123 ASN n 
1 124 ALA n 
1 125 ILE n 
1 126 THR n 
1 127 VAL n 
1 128 THR n 
1 129 TYR n 
# 
_entity_src_gen.entity_id                          1 
_entity_src_gen.pdbx_src_id                        1 
_entity_src_gen.pdbx_alt_source_flag               sample 
_entity_src_gen.pdbx_seq_type                      ? 
_entity_src_gen.pdbx_beg_seq_num                   ? 
_entity_src_gen.pdbx_end_seq_num                   ? 
_entity_src_gen.gene_src_common_name               ? 
_entity_src_gen.gene_src_genus                     ? 
_entity_src_gen.pdbx_gene_src_gene                 GSU3274 
_entity_src_gen.gene_src_species                   ? 
_entity_src_gen.gene_src_strain                    ? 
_entity_src_gen.gene_src_tissue                    ? 
_entity_src_gen.gene_src_tissue_fraction           ? 
_entity_src_gen.gene_src_details                   ? 
_entity_src_gen.pdbx_gene_src_fragment             ? 
_entity_src_gen.pdbx_gene_src_scientific_name      'Geobacter sulfurreducens' 
_entity_src_gen.pdbx_gene_src_ncbi_taxonomy_id     35554 
_entity_src_gen.pdbx_gene_src_variant              ? 
_entity_src_gen.pdbx_gene_src_cell_line            ? 
_entity_src_gen.pdbx_gene_src_atcc                 ? 
_entity_src_gen.pdbx_gene_src_organ                ? 
_entity_src_gen.pdbx_gene_src_organelle            ? 
_entity_src_gen.pdbx_gene_src_cell                 ? 
_entity_src_gen.pdbx_gene_src_cellular_location    ? 
_entity_src_gen.host_org_common_name               ? 
_entity_src_gen.pdbx_host_org_scientific_name      'Escherichia coli' 
_entity_src_gen.pdbx_host_org_ncbi_taxonomy_id     562 
_entity_src_gen.host_org_genus                     ? 
_entity_src_gen.pdbx_host_org_gene                 ? 
_entity_src_gen.pdbx_host_org_organ                ? 
_entity_src_gen.host_org_species                   ? 
_entity_src_gen.pdbx_host_org_tissue               ? 
_entity_src_gen.pdbx_host_org_tissue_fraction      ? 
_entity_src_gen.pdbx_host_org_strain               ? 
_entity_src_gen.pdbx_host_org_variant              ? 
_entity_src_gen.pdbx_host_org_cell_line            ? 
_entity_src_gen.pdbx_host_org_atcc                 ? 
_entity_src_gen.pdbx_host_org_culture_collection   ? 
_entity_src_gen.pdbx_host_org_cell                 ? 
_entity_src_gen.pdbx_host_org_organelle            ? 
_entity_src_gen.pdbx_host_org_cellular_location    ? 
_entity_src_gen.pdbx_host_org_vector_type          ? 
_entity_src_gen.pdbx_host_org_vector               ? 
_entity_src_gen.host_org_details                   ? 
_entity_src_gen.expression_system_id               ? 
_entity_src_gen.plasmid_name                       ? 
_entity_src_gen.plasmid_details                    ? 
_entity_src_gen.pdbx_description                   ? 
# 
loop_
_chem_comp.id 
_chem_comp.type 
_chem_comp.mon_nstd_flag 
_chem_comp.name 
_chem_comp.pdbx_synonyms 
_chem_comp.formula 
_chem_comp.formula_weight 
ACT non-polymer         . 'ACETATE ION'                     ?                'C2 H3 O2 -1'      59.044  
ALA 'L-peptide linking' y ALANINE                           ?                'C3 H7 N O2'       89.093  
ARG 'L-peptide linking' y ARGININE                          ?                'C6 H15 N4 O2 1'   175.209 
ASN 'L-peptide linking' y ASPARAGINE                        ?                'C4 H8 N2 O3'      132.118 
ASP 'L-peptide linking' y 'ASPARTIC ACID'                   ?                'C4 H7 N O4'       133.103 
CAC non-polymer         . 'CACODYLATE ION'                  dimethylarsinate 'C2 H6 As O2 -1'   136.989 
CYS 'L-peptide linking' y CYSTEINE                          ?                'C3 H7 N O2 S'     121.158 
GLN 'L-peptide linking' y GLUTAMINE                         ?                'C5 H10 N2 O3'     146.144 
GLU 'L-peptide linking' y 'GLUTAMIC ACID'                   ?                'C5 H9 N O4'       147.129 
GLY 'peptide linking'   y GLYCINE                           ?                'C2 H5 N O2'       75.067  
HEM non-polymer         . 'PROTOPORPHYRIN IX CONTAINING FE' HEME             'C34 H32 Fe N4 O4' 616.487 
HIS 'L-peptide linking' y HISTIDINE                         ?                'C6 H10 N3 O2 1'   156.162 
HOH non-polymer         . WATER                             ?                'H2 O'             18.015  
ILE 'L-peptide linking' y ISOLEUCINE                        ?                'C6 H13 N O2'      131.173 
LEU 'L-peptide linking' y LEUCINE                           ?                'C6 H13 N O2'      131.173 
LYS 'L-peptide linking' y LYSINE                            ?                'C6 H15 N2 O2 1'   147.195 
MET 'L-peptide linking' y METHIONINE                        ?                'C5 H11 N O2 S'    149.211 
PHE 'L-peptide linking' y PHENYLALANINE                     ?                'C9 H11 N O2'      165.189 
PRO 'L-peptide linking' y PROLINE                           ?                'C5 H9 N O2'       115.130 
SER 'L-peptide linking' y SERINE                            ?                'C3 H7 N O3'       105.093 
THR 'L-peptide linking' y THREONINE                         ?                'C4 H9 N O3'       119.119 
TRP 'L-peptide linking' y TRYPTOPHAN                        ?                'C11 H12 N2 O2'    204.225 
TYR 'L-peptide linking' y TYROSINE                          ?                'C9 H11 N O3'      181.189 
VAL 'L-peptide linking' y VALINE                            ?                'C5 H11 N O2'      117.146 
ZN  non-polymer         . 'ZINC ION'                        ?                'Zn 2'             65.409  
# 
loop_
_pdbx_poly_seq_scheme.asym_id 
_pdbx_poly_seq_scheme.entity_id 
_pdbx_poly_seq_scheme.seq_id 
_pdbx_poly_seq_scheme.mon_id 
_pdbx_poly_seq_scheme.ndb_seq_num 
_pdbx_poly_seq_scheme.pdb_seq_num 
_pdbx_poly_seq_scheme.auth_seq_num 
_pdbx_poly_seq_scheme.pdb_mon_id 
_pdbx_poly_seq_scheme.auth_mon_id 
_pdbx_poly_seq_scheme.pdb_strand_id 
_pdbx_poly_seq_scheme.pdb_ins_code 
_pdbx_poly_seq_scheme.hetero 
A 1 1   GLY 1   1   1   GLY GLY A . n 
A 1 2   GLU 2   2   2   GLU GLU A . n 
A 1 3   VAL 3   3   3   VAL VAL A . n 
A 1 4   THR 4   4   4   THR THR A . n 
A 1 5   TYR 5   5   5   TYR TYR A . n 
A 1 6   ARG 6   6   6   ARG ARG A . n 
A 1 7   LYS 7   7   7   LYS LYS A . n 
A 1 8   ASP 8   8   8   ASP ASP A . n 
A 1 9   ILE 9   9   9   ILE ILE A . n 
A 1 10  LYS 10  10  10  LYS LYS A . n 
A 1 11  PRO 11  11  11  PRO PRO A . n 
A 1 12  ILE 12  12  12  ILE ILE A . n 
A 1 13  PHE 13  13  13  PHE PHE A . n 
A 1 14  ASP 14  14  14  ASP ASP A . n 
A 1 15  VAL 15  15  15  VAL VAL A . n 
A 1 16  ARG 16  16  16  ARG ARG A . n 
A 1 17  CYS 17  17  17  CYS CYS A . n 
A 1 18  ALA 18  18  18  ALA ALA A . n 
A 1 19  GLY 19  19  19  GLY GLY A . n 
A 1 20  CYS 20  20  20  CYS CYS A . n 
A 1 21  HIS 21  21  21  HIS HIS A . n 
A 1 22  GLY 22  22  22  GLY GLY A . n 
A 1 23  ALA 23  23  23  ALA ALA A . n 
A 1 24  ASP 24  24  24  ASP ASP A . n 
A 1 25  ALA 25  25  25  ALA ALA A . n 
A 1 26  ALA 26  26  26  ALA ALA A . n 
A 1 27  PRO 27  27  27  PRO PRO A . n 
A 1 28  GLU 28  28  28  GLU GLU A . n 
A 1 29  TYR 29  29  29  TYR TYR A . n 
A 1 30  HIS 30  30  30  HIS HIS A . n 
A 1 31  ALA 31  31  31  ALA ALA A . n 
A 1 32  PHE 32  32  32  PHE PHE A . n 
A 1 33  LYS 33  33  33  LYS LYS A . n 
A 1 34  ALA 34  34  34  ALA ALA A . n 
A 1 35  GLU 35  35  35  GLU GLU A . n 
A 1 36  LYS 36  36  36  LYS LYS A . n 
A 1 37  GLU 37  37  37  GLU GLU A . n 
A 1 38  LYS 38  38  38  LYS LYS A . n 
A 1 39  TRP 39  39  39  TRP TRP A . n 
A 1 40  LEU 40  40  40  LEU LEU A . n 
A 1 41  ALA 41  41  41  ALA ALA A . n 
A 1 42  LYS 42  42  42  LYS LYS A . n 
A 1 43  GLY 43  43  43  GLY GLY A . n 
A 1 44  GLN 44  44  44  GLN GLN A . n 
A 1 45  GLY 45  45  45  GLY GLY A . n 
A 1 46  MET 46  46  46  MET MET A . n 
A 1 47  ARG 47  47  47  ARG ARG A . n 
A 1 48  MET 48  48  48  MET MET A . n 
A 1 49  ASP 49  49  49  ASP ASP A . n 
A 1 50  THR 50  50  50  THR THR A . n 
A 1 51  TYR 51  51  51  TYR TYR A . n 
A 1 52  SER 52  52  52  SER SER A . n 
A 1 53  HIS 53  53  53  HIS HIS A . n 
A 1 54  LEU 54  54  54  LEU LEU A . n 
A 1 55  ILE 55  55  55  ILE ILE A . n 
A 1 56  PHE 56  56  56  PHE PHE A . n 
A 1 57  TYR 57  57  57  TYR TYR A . n 
A 1 58  THR 58  58  58  THR THR A . n 
A 1 59  ALA 59  59  59  ALA ALA A . n 
A 1 60  TRP 60  60  60  TRP TRP A . n 
A 1 61  PRO 61  61  61  PRO PRO A . n 
A 1 62  ASP 62  62  62  ASP ASP A . n 
A 1 63  THR 63  63  63  THR THR A . n 
A 1 64  GLY 64  64  64  GLY GLY A . n 
A 1 65  ALA 65  65  65  ALA ALA A . n 
A 1 66  LEU 66  66  66  LEU LEU A . n 
A 1 67  MET 67  67  67  MET MET A . n 
A 1 68  ARG 68  68  68  ARG ARG A . n 
A 1 69  ARG 69  69  69  ARG ARG A . n 
A 1 70  LEU 70  70  70  LEU LEU A . n 
A 1 71  ASP 71  71  71  ASP ASP A . n 
A 1 72  ASP 72  72  72  ASP ASP A . n 
A 1 73  GLY 73  73  73  GLY GLY A . n 
A 1 74  LYS 74  74  74  LYS LYS A . n 
A 1 75  ASN 75  75  ?   ?   ?   A . n 
A 1 76  SER 76  76  ?   ?   ?   A . n 
A 1 77  LYS 77  77  ?   ?   ?   A . n 
A 1 78  ASP 78  78  78  ASP ASP A . n 
A 1 79  ALA 79  79  79  ALA ALA A . n 
A 1 80  LYS 80  80  80  LYS LYS A . n 
A 1 81  PRO 81  81  81  PRO PRO A . n 
A 1 82  GLY 82  82  82  GLY GLY A . n 
A 1 83  ASN 83  83  83  ASN ASN A . n 
A 1 84  MET 84  84  84  MET MET A . n 
A 1 85  TYR 85  85  85  TYR TYR A . n 
A 1 86  ARG 86  86  86  ARG ARG A . n 
A 1 87  HIS 87  87  87  HIS HIS A . n 
A 1 88  LEU 88  88  88  LEU LEU A . n 
A 1 89  GLY 89  89  89  GLY GLY A . n 
A 1 90  ALA 90  90  90  ALA ALA A . n 
A 1 91  THR 91  91  91  THR THR A . n 
A 1 92  GLU 92  92  92  GLU GLU A . n 
A 1 93  GLU 93  93  93  GLU GLU A . n 
A 1 94  GLU 94  94  94  GLU GLU A . n 
A 1 95  ARG 95  95  95  ARG ARG A . n 
A 1 96  GLN 96  96  96  GLN GLN A . n 
A 1 97  ARG 97  97  97  ARG ARG A . n 
A 1 98  ASN 98  98  98  ASN ASN A . n 
A 1 99  LEU 99  99  99  LEU LEU A . n 
A 1 100 ALA 100 100 100 ALA ALA A . n 
A 1 101 VAL 101 101 101 VAL VAL A . n 
A 1 102 PHE 102 102 102 PHE PHE A . n 
A 1 103 LYS 103 103 103 LYS LYS A . n 
A 1 104 ALA 104 104 104 ALA ALA A . n 
A 1 105 TRP 105 105 105 TRP TRP A . n 
A 1 106 VAL 106 106 106 VAL VAL A . n 
A 1 107 GLY 107 107 107 GLY GLY A . n 
A 1 108 VAL 108 108 108 VAL VAL A . n 
A 1 109 TRP 109 109 109 TRP TRP A . n 
A 1 110 ASN 110 110 110 ASN ASN A . n 
A 1 111 LEU 111 111 111 LEU LEU A . n 
A 1 112 LYS 112 112 112 LYS LYS A . n 
A 1 113 LYS 113 113 113 LYS LYS A . n 
A 1 114 TRP 114 114 114 TRP TRP A . n 
A 1 115 PRO 115 115 115 PRO PRO A . n 
A 1 116 ASP 116 116 116 ASP ASP A . n 
A 1 117 ILE 117 117 117 ILE ILE A . n 
A 1 118 THR 118 118 118 THR THR A . n 
A 1 119 LYS 119 119 119 LYS LYS A . n 
A 1 120 GLU 120 120 120 GLU GLU A . n 
A 1 121 GLU 121 121 121 GLU GLU A . n 
A 1 122 LEU 122 122 122 LEU LEU A . n 
A 1 123 ASN 123 123 123 ASN ASN A . n 
A 1 124 ALA 124 124 124 ALA ALA A . n 
A 1 125 ILE 125 125 125 ILE ILE A . n 
A 1 126 THR 126 126 126 THR THR A . n 
A 1 127 VAL 127 127 127 VAL VAL A . n 
A 1 128 THR 128 128 128 THR THR A . n 
A 1 129 TYR 129 129 129 TYR TYR A . n 
# 
loop_
_pdbx_nonpoly_scheme.asym_id 
_pdbx_nonpoly_scheme.entity_id 
_pdbx_nonpoly_scheme.mon_id 
_pdbx_nonpoly_scheme.ndb_seq_num 
_pdbx_nonpoly_scheme.pdb_seq_num 
_pdbx_nonpoly_scheme.auth_seq_num 
_pdbx_nonpoly_scheme.pdb_mon_id 
_pdbx_nonpoly_scheme.auth_mon_id 
_pdbx_nonpoly_scheme.pdb_strand_id 
_pdbx_nonpoly_scheme.pdb_ins_code 
B 2 HEM 1   201 200 HEM HEM A . 
C 3 ZN  1   202 201 ZN  ZN  A . 
D 3 ZN  1   203 202 ZN  ZN  A . 
E 3 ZN  1   204 203 ZN  ZN  A . 
F 4 CAC 1   205 204 CAC CAC A . 
G 5 ACT 1   206 206 ACT ACT A . 
H 6 HOH 1   301 1   HOH HOH A . 
H 6 HOH 2   302 2   HOH HOH A . 
H 6 HOH 3   303 3   HOH HOH A . 
H 6 HOH 4   304 4   HOH HOH A . 
H 6 HOH 5   305 5   HOH HOH A . 
H 6 HOH 6   306 6   HOH HOH A . 
H 6 HOH 7   307 7   HOH HOH A . 
H 6 HOH 8   308 8   HOH HOH A . 
H 6 HOH 9   309 9   HOH HOH A . 
H 6 HOH 10  310 10  HOH HOH A . 
H 6 HOH 11  311 11  HOH HOH A . 
H 6 HOH 12  312 12  HOH HOH A . 
H 6 HOH 13  313 13  HOH HOH A . 
H 6 HOH 14  314 14  HOH HOH A . 
H 6 HOH 15  315 15  HOH HOH A . 
H 6 HOH 16  316 16  HOH HOH A . 
H 6 HOH 17  317 17  HOH HOH A . 
H 6 HOH 18  318 18  HOH HOH A . 
H 6 HOH 19  319 19  HOH HOH A . 
H 6 HOH 20  320 20  HOH HOH A . 
H 6 HOH 21  321 21  HOH HOH A . 
H 6 HOH 22  322 22  HOH HOH A . 
H 6 HOH 23  323 23  HOH HOH A . 
H 6 HOH 24  324 24  HOH HOH A . 
H 6 HOH 25  325 25  HOH HOH A . 
H 6 HOH 26  326 26  HOH HOH A . 
H 6 HOH 27  327 27  HOH HOH A . 
H 6 HOH 28  328 28  HOH HOH A . 
H 6 HOH 29  329 29  HOH HOH A . 
H 6 HOH 30  330 30  HOH HOH A . 
H 6 HOH 31  331 31  HOH HOH A . 
H 6 HOH 32  332 32  HOH HOH A . 
H 6 HOH 33  333 33  HOH HOH A . 
H 6 HOH 34  334 34  HOH HOH A . 
H 6 HOH 35  335 35  HOH HOH A . 
H 6 HOH 36  336 36  HOH HOH A . 
H 6 HOH 37  337 37  HOH HOH A . 
H 6 HOH 38  338 38  HOH HOH A . 
H 6 HOH 39  339 39  HOH HOH A . 
H 6 HOH 40  340 40  HOH HOH A . 
H 6 HOH 41  341 41  HOH HOH A . 
H 6 HOH 42  342 42  HOH HOH A . 
H 6 HOH 43  343 43  HOH HOH A . 
H 6 HOH 44  344 44  HOH HOH A . 
H 6 HOH 45  345 45  HOH HOH A . 
H 6 HOH 46  346 46  HOH HOH A . 
H 6 HOH 47  347 47  HOH HOH A . 
H 6 HOH 48  348 48  HOH HOH A . 
H 6 HOH 49  349 49  HOH HOH A . 
H 6 HOH 50  350 50  HOH HOH A . 
H 6 HOH 51  351 51  HOH HOH A . 
H 6 HOH 52  352 52  HOH HOH A . 
H 6 HOH 53  353 53  HOH HOH A . 
H 6 HOH 54  354 54  HOH HOH A . 
H 6 HOH 55  355 55  HOH HOH A . 
H 6 HOH 56  356 56  HOH HOH A . 
H 6 HOH 57  357 57  HOH HOH A . 
H 6 HOH 58  358 58  HOH HOH A . 
H 6 HOH 59  359 59  HOH HOH A . 
H 6 HOH 60  360 60  HOH HOH A . 
H 6 HOH 61  361 61  HOH HOH A . 
H 6 HOH 62  362 62  HOH HOH A . 
H 6 HOH 63  363 63  HOH HOH A . 
H 6 HOH 64  364 64  HOH HOH A . 
H 6 HOH 65  365 65  HOH HOH A . 
H 6 HOH 66  366 66  HOH HOH A . 
H 6 HOH 67  367 67  HOH HOH A . 
H 6 HOH 68  368 68  HOH HOH A . 
H 6 HOH 69  369 69  HOH HOH A . 
H 6 HOH 70  370 70  HOH HOH A . 
H 6 HOH 71  371 71  HOH HOH A . 
H 6 HOH 72  372 72  HOH HOH A . 
H 6 HOH 73  373 73  HOH HOH A . 
H 6 HOH 74  374 74  HOH HOH A . 
H 6 HOH 75  375 75  HOH HOH A . 
H 6 HOH 76  376 76  HOH HOH A . 
H 6 HOH 77  377 77  HOH HOH A . 
H 6 HOH 78  378 78  HOH HOH A . 
H 6 HOH 79  379 79  HOH HOH A . 
H 6 HOH 80  380 80  HOH HOH A . 
H 6 HOH 81  381 81  HOH HOH A . 
H 6 HOH 82  382 82  HOH HOH A . 
H 6 HOH 83  383 83  HOH HOH A . 
H 6 HOH 84  384 84  HOH HOH A . 
H 6 HOH 85  385 85  HOH HOH A . 
H 6 HOH 86  386 86  HOH HOH A . 
H 6 HOH 87  387 87  HOH HOH A . 
H 6 HOH 88  388 88  HOH HOH A . 
H 6 HOH 89  389 89  HOH HOH A . 
H 6 HOH 90  390 90  HOH HOH A . 
H 6 HOH 91  391 91  HOH HOH A . 
H 6 HOH 92  392 92  HOH HOH A . 
H 6 HOH 93  393 93  HOH HOH A . 
H 6 HOH 94  394 94  HOH HOH A . 
H 6 HOH 95  395 95  HOH HOH A . 
H 6 HOH 96  396 96  HOH HOH A . 
H 6 HOH 97  397 97  HOH HOH A . 
H 6 HOH 98  398 98  HOH HOH A . 
H 6 HOH 99  399 99  HOH HOH A . 
H 6 HOH 100 400 100 HOH HOH A . 
H 6 HOH 101 401 101 HOH HOH A . 
H 6 HOH 102 402 102 HOH HOH A . 
H 6 HOH 103 403 103 HOH HOH A . 
H 6 HOH 104 404 104 HOH HOH A . 
H 6 HOH 105 405 105 HOH HOH A . 
H 6 HOH 106 406 107 HOH HOH A . 
H 6 HOH 107 407 108 HOH HOH A . 
H 6 HOH 108 408 109 HOH HOH A . 
H 6 HOH 109 409 110 HOH HOH A . 
H 6 HOH 110 410 111 HOH HOH A . 
H 6 HOH 111 411 112 HOH HOH A . 
H 6 HOH 112 412 113 HOH HOH A . 
H 6 HOH 113 413 114 HOH HOH A . 
H 6 HOH 114 414 115 HOH HOH A . 
H 6 HOH 115 415 116 HOH HOH A . 
H 6 HOH 116 416 117 HOH HOH A . 
H 6 HOH 117 417 118 HOH HOH A . 
H 6 HOH 118 418 119 HOH HOH A . 
H 6 HOH 119 419 120 HOH HOH A . 
H 6 HOH 120 420 121 HOH HOH A . 
H 6 HOH 121 421 122 HOH HOH A . 
H 6 HOH 122 422 123 HOH HOH A . 
H 6 HOH 123 423 124 HOH HOH A . 
H 6 HOH 124 424 125 HOH HOH A . 
H 6 HOH 125 425 126 HOH HOH A . 
H 6 HOH 126 426 129 HOH HOH A . 
H 6 HOH 127 427 131 HOH HOH A . 
H 6 HOH 128 428 134 HOH HOH A . 
H 6 HOH 129 429 136 HOH HOH A . 
H 6 HOH 130 430 137 HOH HOH A . 
H 6 HOH 131 431 138 HOH HOH A . 
H 6 HOH 132 432 139 HOH HOH A . 
H 6 HOH 133 433 140 HOH HOH A . 
H 6 HOH 134 434 141 HOH HOH A . 
H 6 HOH 135 435 142 HOH HOH A . 
H 6 HOH 136 436 143 HOH HOH A . 
H 6 HOH 137 437 144 HOH HOH A . 
H 6 HOH 138 438 145 HOH HOH A . 
H 6 HOH 139 439 146 HOH HOH A . 
H 6 HOH 140 440 147 HOH HOH A . 
H 6 HOH 141 441 148 HOH HOH A . 
H 6 HOH 142 442 150 HOH HOH A . 
H 6 HOH 143 443 151 HOH HOH A . 
H 6 HOH 144 444 152 HOH HOH A . 
H 6 HOH 145 445 153 HOH HOH A . 
H 6 HOH 146 446 156 HOH HOH A . 
H 6 HOH 147 447 157 HOH HOH A . 
H 6 HOH 148 448 158 HOH HOH A . 
H 6 HOH 149 449 159 HOH HOH A . 
H 6 HOH 150 450 160 HOH HOH A . 
H 6 HOH 151 451 161 HOH HOH A . 
H 6 HOH 152 452 162 HOH HOH A . 
H 6 HOH 153 453 163 HOH HOH A . 
H 6 HOH 154 454 164 HOH HOH A . 
H 6 HOH 155 455 165 HOH HOH A . 
H 6 HOH 156 456 166 HOH HOH A . 
H 6 HOH 157 457 167 HOH HOH A . 
H 6 HOH 158 458 168 HOH HOH A . 
H 6 HOH 159 459 170 HOH HOH A . 
H 6 HOH 160 460 171 HOH HOH A . 
H 6 HOH 161 461 172 HOH HOH A . 
H 6 HOH 162 462 174 HOH HOH A . 
H 6 HOH 163 463 176 HOH HOH A . 
H 6 HOH 164 464 177 HOH HOH A . 
H 6 HOH 165 465 178 HOH HOH A . 
H 6 HOH 166 466 179 HOH HOH A . 
H 6 HOH 167 467 180 HOH HOH A . 
H 6 HOH 168 468 181 HOH HOH A . 
H 6 HOH 169 469 183 HOH HOH A . 
H 6 HOH 170 470 184 HOH HOH A . 
H 6 HOH 171 471 185 HOH HOH A . 
H 6 HOH 172 472 186 HOH HOH A . 
H 6 HOH 173 473 187 HOH HOH A . 
H 6 HOH 174 474 188 HOH HOH A . 
H 6 HOH 175 475 189 HOH HOH A . 
H 6 HOH 176 476 190 HOH HOH A . 
H 6 HOH 177 477 191 HOH HOH A . 
# 
loop_
_pdbx_unobs_or_zero_occ_atoms.id 
_pdbx_unobs_or_zero_occ_atoms.PDB_model_num 
_pdbx_unobs_or_zero_occ_atoms.polymer_flag 
_pdbx_unobs_or_zero_occ_atoms.occupancy_flag 
_pdbx_unobs_or_zero_occ_atoms.auth_asym_id 
_pdbx_unobs_or_zero_occ_atoms.auth_comp_id 
_pdbx_unobs_or_zero_occ_atoms.auth_seq_id 
_pdbx_unobs_or_zero_occ_atoms.PDB_ins_code 
_pdbx_unobs_or_zero_occ_atoms.auth_atom_id 
_pdbx_unobs_or_zero_occ_atoms.label_alt_id 
_pdbx_unobs_or_zero_occ_atoms.label_asym_id 
_pdbx_unobs_or_zero_occ_atoms.label_comp_id 
_pdbx_unobs_or_zero_occ_atoms.label_seq_id 
_pdbx_unobs_or_zero_occ_atoms.label_atom_id 
1  1 Y 1 A GLU 2   ? CG  ? A GLU 2   CG  
2  1 Y 1 A GLU 2   ? CD  ? A GLU 2   CD  
3  1 Y 1 A GLU 2   ? OE1 ? A GLU 2   OE1 
4  1 Y 1 A GLU 2   ? OE2 ? A GLU 2   OE2 
5  1 Y 1 A LYS 7   ? CG  ? A LYS 7   CG  
6  1 Y 1 A LYS 7   ? CD  ? A LYS 7   CD  
7  1 Y 1 A LYS 7   ? CE  ? A LYS 7   CE  
8  1 Y 1 A LYS 7   ? NZ  ? A LYS 7   NZ  
9  1 Y 1 A LYS 33  ? CG  ? A LYS 33  CG  
10 1 Y 1 A LYS 33  ? CD  ? A LYS 33  CD  
11 1 Y 1 A LYS 33  ? CE  ? A LYS 33  CE  
12 1 Y 1 A LYS 33  ? NZ  ? A LYS 33  NZ  
13 1 Y 1 A LYS 42  ? CG  ? A LYS 42  CG  
14 1 Y 1 A LYS 42  ? CD  ? A LYS 42  CD  
15 1 Y 1 A LYS 42  ? CE  ? A LYS 42  CE  
16 1 Y 1 A LYS 42  ? NZ  ? A LYS 42  NZ  
17 1 Y 1 A LYS 74  ? CG  ? A LYS 74  CG  
18 1 Y 1 A LYS 74  ? CD  ? A LYS 74  CD  
19 1 Y 1 A LYS 74  ? CE  ? A LYS 74  CE  
20 1 Y 1 A LYS 74  ? NZ  ? A LYS 74  NZ  
21 1 Y 1 A ASP 78  ? CG  ? A ASP 78  CG  
22 1 Y 1 A ASP 78  ? OD1 ? A ASP 78  OD1 
23 1 Y 1 A ASP 78  ? OD2 ? A ASP 78  OD2 
24 1 Y 1 A LYS 80  ? CG  ? A LYS 80  CG  
25 1 Y 1 A LYS 80  ? CD  ? A LYS 80  CD  
26 1 Y 1 A LYS 80  ? CE  ? A LYS 80  CE  
27 1 Y 1 A LYS 80  ? NZ  ? A LYS 80  NZ  
28 1 Y 1 A GLU 93  ? CG  ? A GLU 93  CG  
29 1 Y 1 A GLU 93  ? CD  ? A GLU 93  CD  
30 1 Y 1 A GLU 93  ? OE1 ? A GLU 93  OE1 
31 1 Y 1 A GLU 93  ? OE2 ? A GLU 93  OE2 
32 1 Y 0 A LYS 113 ? NZ  ? A LYS 113 NZ  
33 1 Y 1 A GLU 120 ? CG  ? A GLU 120 CG  
34 1 Y 1 A GLU 120 ? CD  ? A GLU 120 CD  
35 1 Y 1 A GLU 120 ? OE1 ? A GLU 120 OE1 
36 1 Y 1 A GLU 120 ? OE2 ? A GLU 120 OE2 
# 
loop_
_software.name 
_software.classification 
_software.version 
_software.citation_id 
_software.pdbx_ordinal 
HKL-3000 'data collection' .                             ? 1 
HKL-3000 phasing           .                             ? 2 
PHENIX   refinement        '(phenix.refine: 1.8.2_1309)' ? 3 
HKL-3000 'data reduction'  .                             ? 4 
HKL-3000 'data scaling'    .                             ? 5 
# 
_cell.entry_id           4RLR 
_cell.length_a           63.311 
_cell.length_b           63.311 
_cell.length_c           78.682 
_cell.angle_alpha        90.00 
_cell.angle_beta         90.00 
_cell.angle_gamma        90.00 
_cell.Z_PDB              8 
_cell.pdbx_unique_axis   ? 
_cell.length_a_esd       ? 
_cell.length_b_esd       ? 
_cell.length_c_esd       ? 
_cell.angle_alpha_esd    ? 
_cell.angle_beta_esd     ? 
_cell.angle_gamma_esd    ? 
# 
_symmetry.entry_id                         4RLR 
_symmetry.space_group_name_H-M             'P 43 21 2' 
_symmetry.pdbx_full_space_group_name_H-M   ? 
_symmetry.cell_setting                     ? 
_symmetry.Int_Tables_number                96 
_symmetry.space_group_name_Hall            ? 
# 
_exptl.entry_id          4RLR 
_exptl.method            'X-RAY DIFFRACTION' 
_exptl.crystals_number   1 
# 
_exptl_crystal.id                    1 
_exptl_crystal.density_meas          ? 
_exptl_crystal.density_Matthews      2.65 
_exptl_crystal.density_percent_sol   53.63 
_exptl_crystal.description           ? 
_exptl_crystal.F_000                 ? 
_exptl_crystal.preparation           ? 
# 
_exptl_crystal_grow.crystal_id      1 
_exptl_crystal_grow.method          'VAPOR DIFFUSION, HANGING DROP' 
_exptl_crystal_grow.temp            298 
_exptl_crystal_grow.temp_details    ? 
_exptl_crystal_grow.pH              6.5 
_exptl_crystal_grow.pdbx_details    
;Crystal screen #45 (0.2 M zinc acetate, 0.1 M sodium cacodylate pH 6.5, 18% PEG8000) diluted 4:1 by water, VAPOR DIFFUSION, HANGING DROP, temperature 298K
;
_exptl_crystal_grow.pdbx_pH_range   ? 
# 
_diffrn.id                     1 
_diffrn.ambient_temp           100 
_diffrn.ambient_temp_details   ? 
_diffrn.crystal_id             1 
# 
_diffrn_detector.diffrn_id              1 
_diffrn_detector.detector               CCD 
_diffrn_detector.type                   ? 
_diffrn_detector.pdbx_collection_date   2013-08-19 
_diffrn_detector.details                ? 
# 
_diffrn_radiation.diffrn_id                        1 
_diffrn_radiation.wavelength_id                    1 
_diffrn_radiation.pdbx_monochromatic_or_laue_m_l   M 
_diffrn_radiation.monochromator                    ? 
_diffrn_radiation.pdbx_diffrn_protocol             'SINGLE WAVELENGTH' 
_diffrn_radiation.pdbx_scattering_type             x-ray 
# 
loop_
_diffrn_radiation_wavelength.id 
_diffrn_radiation_wavelength.wavelength 
_diffrn_radiation_wavelength.wt 
1 1.72202 1.0 
2 0.97927 1.0 
# 
_diffrn_source.diffrn_id                   1 
_diffrn_source.source                      SYNCHROTRON 
_diffrn_source.type                        'APS BEAMLINE 19-BM' 
_diffrn_source.pdbx_synchrotron_site       APS 
_diffrn_source.pdbx_synchrotron_beamline   19-BM 
_diffrn_source.pdbx_wavelength             ? 
_diffrn_source.pdbx_wavelength_list        '1.72202, 0.97927' 
# 
_reflns.entry_id                     4RLR 
_reflns.observed_criterion_sigma_I   -3 
_reflns.observed_criterion_sigma_F   ? 
_reflns.d_resolution_low             100 
_reflns.d_resolution_high            2.0 
_reflns.number_obs                   11316 
_reflns.number_all                   11316 
_reflns.percent_possible_obs         99.8 
_reflns.pdbx_Rmerge_I_obs            0.054 
_reflns.pdbx_Rsym_value              ? 
_reflns.pdbx_netI_over_sigmaI        46 
_reflns.B_iso_Wilson_estimate        25.4 
_reflns.pdbx_redundancy              12 
_reflns.R_free_details               ? 
_reflns.limit_h_max                  ? 
_reflns.limit_h_min                  ? 
_reflns.limit_k_max                  ? 
_reflns.limit_k_min                  ? 
_reflns.limit_l_max                  ? 
_reflns.limit_l_min                  ? 
_reflns.observed_criterion_F_max     ? 
_reflns.observed_criterion_F_min     ? 
_reflns.pdbx_chi_squared             ? 
_reflns.pdbx_scaling_rejects         ? 
_reflns.pdbx_ordinal                 1 
_reflns.pdbx_diffrn_id               1 
# 
_reflns_shell.d_res_high             2.00 
_reflns_shell.d_res_low              2.02 
_reflns_shell.percent_possible_all   100 
_reflns_shell.Rmerge_I_obs           0.388 
_reflns_shell.pdbx_Rsym_value        ? 
_reflns_shell.meanI_over_sigI_obs    4.9 
_reflns_shell.pdbx_redundancy        11 
_reflns_shell.percent_possible_obs   ? 
_reflns_shell.number_unique_all      296 
_reflns_shell.number_measured_all    ? 
_reflns_shell.number_measured_obs    ? 
_reflns_shell.number_unique_obs      ? 
_reflns_shell.pdbx_chi_squared       ? 
_reflns_shell.pdbx_ordinal           1 
_reflns_shell.pdbx_diffrn_id         1 
# 
_refine.entry_id                                 4RLR 
_refine.ls_number_reflns_obs                     20138 
_refine.ls_number_reflns_all                     ? 
_refine.pdbx_ls_sigma_I                          ? 
_refine.pdbx_ls_sigma_F                          1.33 
_refine.pdbx_data_cutoff_high_absF               ? 
_refine.pdbx_data_cutoff_low_absF                ? 
_refine.pdbx_data_cutoff_high_rms_absF           ? 
_refine.ls_d_res_low                             29.552 
_refine.ls_d_res_high                            2.002 
_refine.ls_percent_reflns_obs                    97.80 
_refine.ls_R_factor_obs                          0.1918 
_refine.ls_R_factor_all                          ? 
_refine.ls_R_factor_R_work                       0.1899 
_refine.ls_R_factor_R_free                       0.2316 
_refine.ls_R_factor_R_free_error                 ? 
_refine.ls_R_factor_R_free_error_details         ? 
_refine.ls_percent_reflns_R_free                 4.45 
_refine.ls_number_reflns_R_free                  897 
_refine.ls_number_parameters                     ? 
_refine.ls_number_restraints                     ? 
_refine.occupancy_min                            ? 
_refine.occupancy_max                            ? 
_refine.correlation_coeff_Fo_to_Fc               ? 
_refine.correlation_coeff_Fo_to_Fc_free          ? 
_refine.B_iso_mean                               ? 
_refine.aniso_B[1][1]                            ? 
_refine.aniso_B[2][2]                            ? 
_refine.aniso_B[3][3]                            ? 
_refine.aniso_B[1][2]                            ? 
_refine.aniso_B[1][3]                            ? 
_refine.aniso_B[2][3]                            ? 
_refine.solvent_model_details                    'FLAT BULK SOLVENT MODEL' 
_refine.solvent_model_param_ksol                 ? 
_refine.solvent_model_param_bsol                 ? 
_refine.pdbx_solvent_vdw_probe_radii             1.11 
_refine.pdbx_solvent_ion_probe_radii             ? 
_refine.pdbx_solvent_shrinkage_radii             0.90 
_refine.pdbx_ls_cross_valid_method               THROUGHOUT 
_refine.details                                  ? 
_refine.pdbx_starting_model                      ? 
_refine.pdbx_method_to_determine_struct          SAD 
_refine.pdbx_isotropic_thermal_model             ? 
_refine.pdbx_stereochemistry_target_values       'Engh & Huber' 
_refine.pdbx_stereochem_target_val_spec_case     ? 
_refine.pdbx_R_Free_selection_details            random 
_refine.pdbx_overall_ESU_R                       ? 
_refine.pdbx_overall_ESU_R_Free                  ? 
_refine.overall_SU_ML                            0.21 
_refine.pdbx_overall_phase_error                 24.52 
_refine.overall_SU_B                             ? 
_refine.overall_SU_R_Cruickshank_DPI             ? 
_refine.ls_redundancy_reflns_obs                 ? 
_refine.B_iso_min                                ? 
_refine.B_iso_max                                ? 
_refine.overall_SU_R_free                        ? 
_refine.ls_wR_factor_R_free                      ? 
_refine.ls_wR_factor_R_work                      ? 
_refine.overall_FOM_free_R_set                   ? 
_refine.overall_FOM_work_R_set                   ? 
_refine.pdbx_diffrn_id                           1 
_refine.pdbx_refine_id                           'X-RAY DIFFRACTION' 
_refine.pdbx_TLS_residual_ADP_flag               ? 
_refine.pdbx_overall_SU_R_free_Cruickshank_DPI   ? 
_refine.pdbx_overall_SU_R_Blow_DPI               ? 
_refine.pdbx_overall_SU_R_free_Blow_DPI          ? 
# 
_refine_hist.pdbx_refine_id                   'X-RAY DIFFRACTION' 
_refine_hist.cycle_id                         LAST 
_refine_hist.pdbx_number_atoms_protein        988 
_refine_hist.pdbx_number_atoms_nucleic_acid   0 
_refine_hist.pdbx_number_atoms_ligand         55 
_refine_hist.number_atoms_solvent             177 
_refine_hist.number_atoms_total               1220 
_refine_hist.d_res_high                       2.002 
_refine_hist.d_res_low                        29.552 
# 
loop_
_refine_ls_restr.type 
_refine_ls_restr.dev_ideal 
_refine_ls_restr.dev_ideal_target 
_refine_ls_restr.weight 
_refine_ls_restr.number 
_refine_ls_restr.pdbx_restraint_function 
_refine_ls_restr.pdbx_refine_id 
f_bond_d           0.020  ? ? 1092 ? 'X-RAY DIFFRACTION' 
f_angle_d          1.492  ? ? 1497 ? 'X-RAY DIFFRACTION' 
f_dihedral_angle_d 17.309 ? ? 363  ? 'X-RAY DIFFRACTION' 
f_chiral_restr     0.083  ? ? 144  ? 'X-RAY DIFFRACTION' 
f_plane_restr      0.007  ? ? 184  ? 'X-RAY DIFFRACTION' 
# 
loop_
_refine_ls_shell.pdbx_total_number_of_bins_used 
_refine_ls_shell.d_res_high 
_refine_ls_shell.d_res_low 
_refine_ls_shell.number_reflns_R_work 
_refine_ls_shell.R_factor_R_work 
_refine_ls_shell.percent_reflns_obs 
_refine_ls_shell.R_factor_R_free 
_refine_ls_shell.R_factor_R_free_error 
_refine_ls_shell.percent_reflns_R_free 
_refine_ls_shell.number_reflns_R_free 
_refine_ls_shell.number_reflns_all 
_refine_ls_shell.R_factor_all 
_refine_ls_shell.number_reflns_obs 
_refine_ls_shell.redundancy_reflns_obs 
_refine_ls_shell.pdbx_refine_id 
. 2.0025 2.1279  3280 0.2153 100.00 0.2532 . . 155 . . . . 'X-RAY DIFFRACTION' 
. 2.1279 2.2921  2913 0.3272 89.00  0.3917 . . 134 . . . . 'X-RAY DIFFRACTION' 
. 2.2921 2.5227  3260 0.2126 100.00 0.2905 . . 149 . . . . 'X-RAY DIFFRACTION' 
. 2.5227 2.8875  3274 0.1915 100.00 0.2728 . . 154 . . . . 'X-RAY DIFFRACTION' 
. 2.8875 3.6369  3255 0.1756 100.00 0.2106 . . 161 . . . . 'X-RAY DIFFRACTION' 
. 3.6369 29.5549 3259 0.1514 99.00  0.1631 . . 144 . . . . 'X-RAY DIFFRACTION' 
# 
_struct.entry_id                  4RLR 
_struct.title                     'Structure of monoheme cytochrome PccH from Geobacter sulfurreducens' 
_struct.pdbx_model_details        ? 
_struct.pdbx_CASP_flag            ? 
_struct.pdbx_model_type_details   ? 
# 
_struct_keywords.entry_id        4RLR 
_struct_keywords.pdbx_keywords   'ELECTRON TRANSPORT' 
_struct_keywords.text            'novel monoheme cytochrome, electrode, electron transport' 
# 
loop_
_struct_asym.id 
_struct_asym.pdbx_blank_PDB_chainid_flag 
_struct_asym.pdbx_modified 
_struct_asym.entity_id 
_struct_asym.details 
A N N 1 ? 
B N N 2 ? 
C N N 3 ? 
D N N 3 ? 
E N N 3 ? 
F N N 4 ? 
G N N 5 ? 
H N N 6 ? 
# 
_struct_ref.id                         1 
_struct_ref.db_name                    UNP 
_struct_ref.db_code                    Q747J2_GEOSL 
_struct_ref.pdbx_db_accession          Q747J2 
_struct_ref.entity_id                  1 
_struct_ref.pdbx_seq_one_letter_code   
;GEVTYRKDIKPIFDVRCAGCHGADAAPEYHAFKAEKEKWLAKGQGMRMDTYSHLIFYTAWPDTGALMRRLDDGKNSKDAK
PGNMYRHLGATEEERQRNLAVFKAWVGVWNLKKWPDITKEELNAITVTY
;
_struct_ref.pdbx_align_begin           22 
_struct_ref.pdbx_db_isoform            ? 
# 
_struct_ref_seq.align_id                      1 
_struct_ref_seq.ref_id                        1 
_struct_ref_seq.pdbx_PDB_id_code              4RLR 
_struct_ref_seq.pdbx_strand_id                A 
_struct_ref_seq.seq_align_beg                 1 
_struct_ref_seq.pdbx_seq_align_beg_ins_code   ? 
_struct_ref_seq.seq_align_end                 129 
_struct_ref_seq.pdbx_seq_align_end_ins_code   ? 
_struct_ref_seq.pdbx_db_accession             Q747J2 
_struct_ref_seq.db_align_beg                  22 
_struct_ref_seq.pdbx_db_align_beg_ins_code    ? 
_struct_ref_seq.db_align_end                  150 
_struct_ref_seq.pdbx_db_align_end_ins_code    ? 
_struct_ref_seq.pdbx_auth_seq_align_beg       1 
_struct_ref_seq.pdbx_auth_seq_align_end       129 
# 
loop_
_pdbx_struct_assembly.id 
_pdbx_struct_assembly.details 
_pdbx_struct_assembly.method_details 
_pdbx_struct_assembly.oligomeric_details 
_pdbx_struct_assembly.oligomeric_count 
1 author_defined_assembly   ?    monomeric 1 
2 software_defined_assembly PISA dimeric   2 
# 
loop_
_pdbx_struct_assembly_prop.biol_id 
_pdbx_struct_assembly_prop.type 
_pdbx_struct_assembly_prop.value 
_pdbx_struct_assembly_prop.details 
2 'ABSA (A^2)' 5450  ? 
2 MORE         -260  ? 
2 'SSA (A^2)'  12040 ? 
# 
loop_
_pdbx_struct_assembly_gen.assembly_id 
_pdbx_struct_assembly_gen.oper_expression 
_pdbx_struct_assembly_gen.asym_id_list 
1 1   A,B,C,D,E,F,G,H 
2 1,2 A,B,C,D,E,F,G,H 
# 
loop_
_pdbx_struct_oper_list.id 
_pdbx_struct_oper_list.type 
_pdbx_struct_oper_list.name 
_pdbx_struct_oper_list.symmetry_operation 
_pdbx_struct_oper_list.matrix[1][1] 
_pdbx_struct_oper_list.matrix[1][2] 
_pdbx_struct_oper_list.matrix[1][3] 
_pdbx_struct_oper_list.vector[1] 
_pdbx_struct_oper_list.matrix[2][1] 
_pdbx_struct_oper_list.matrix[2][2] 
_pdbx_struct_oper_list.matrix[2][3] 
_pdbx_struct_oper_list.vector[2] 
_pdbx_struct_oper_list.matrix[3][1] 
_pdbx_struct_oper_list.matrix[3][2] 
_pdbx_struct_oper_list.matrix[3][3] 
_pdbx_struct_oper_list.vector[3] 
1 'identity operation'         1_555 x,y,z    1.0000000000  0.0000000000  0.0000000000 0.0000000000   0.0000000000  1.0000000000 0.0000000000  0.0000000000   0.0000000000 0.0000000000  1.0000000000  0.0000000000   
2 'crystal symmetry operation' 7_556 y,x,-z+1 -0.4888919958 -0.8722357527 0.0137625625 -19.2060162657 -0.8722357527 0.4885214125 -0.0234866192 -11.4388905284 0.0137625625 -0.0234866192 -0.9996294166 -11.7028095753 
# 
_struct_biol.id        1 
_struct_biol.details   ? 
# 
loop_
_struct_conf.conf_type_id 
_struct_conf.id 
_struct_conf.pdbx_PDB_helix_id 
_struct_conf.beg_label_comp_id 
_struct_conf.beg_label_asym_id 
_struct_conf.beg_label_seq_id 
_struct_conf.pdbx_beg_PDB_ins_code 
_struct_conf.end_label_comp_id 
_struct_conf.end_label_asym_id 
_struct_conf.end_label_seq_id 
_struct_conf.pdbx_end_PDB_ins_code 
_struct_conf.beg_auth_comp_id 
_struct_conf.beg_auth_asym_id 
_struct_conf.beg_auth_seq_id 
_struct_conf.end_auth_comp_id 
_struct_conf.end_auth_asym_id 
_struct_conf.end_auth_seq_id 
_struct_conf.pdbx_PDB_helix_class 
_struct_conf.details 
_struct_conf.pdbx_PDB_helix_length 
HELX_P HELX_P1  1  ASP A 8   ? CYS A 17  ? ASP A 8   CYS A 17  1 ? 10 
HELX_P HELX_P2  2  CYS A 17  ? GLY A 22  ? CYS A 17  GLY A 22  1 ? 6  
HELX_P HELX_P3  3  GLU A 28  ? GLU A 35  ? GLU A 28  GLU A 35  1 ? 8  
HELX_P HELX_P4  4  GLU A 35  ? ALA A 41  ? GLU A 35  ALA A 41  1 ? 7  
HELX_P HELX_P5  5  THR A 50  ? PHE A 56  ? THR A 50  PHE A 56  1 ? 7  
HELX_P HELX_P6  6  GLY A 64  ? ASP A 71  ? GLY A 64  ASP A 71  1 ? 8  
HELX_P HELX_P7  7  MET A 84  ? GLY A 89  ? MET A 84  GLY A 89  5 ? 6  
HELX_P HELX_P8  8  THR A 91  ? GLY A 107 ? THR A 91  GLY A 107 1 ? 17 
HELX_P HELX_P9  9  LYS A 113 ? ILE A 117 ? LYS A 113 ILE A 117 5 ? 5  
HELX_P HELX_P10 10 THR A 118 ? ALA A 124 ? THR A 118 ALA A 124 1 ? 7  
# 
_struct_conf_type.id          HELX_P 
_struct_conf_type.criteria    ? 
_struct_conf_type.reference   ? 
# 
loop_
_struct_conn.id 
_struct_conn.conn_type_id 
_struct_conn.pdbx_leaving_atom_flag 
_struct_conn.pdbx_PDB_id 
_struct_conn.ptnr1_label_asym_id 
_struct_conn.ptnr1_label_comp_id 
_struct_conn.ptnr1_label_seq_id 
_struct_conn.ptnr1_label_atom_id 
_struct_conn.pdbx_ptnr1_label_alt_id 
_struct_conn.pdbx_ptnr1_PDB_ins_code 
_struct_conn.pdbx_ptnr1_standard_comp_id 
_struct_conn.ptnr1_symmetry 
_struct_conn.ptnr2_label_asym_id 
_struct_conn.ptnr2_label_comp_id 
_struct_conn.ptnr2_label_seq_id 
_struct_conn.ptnr2_label_atom_id 
_struct_conn.pdbx_ptnr2_label_alt_id 
_struct_conn.pdbx_ptnr2_PDB_ins_code 
_struct_conn.ptnr1_auth_asym_id 
_struct_conn.ptnr1_auth_comp_id 
_struct_conn.ptnr1_auth_seq_id 
_struct_conn.ptnr2_auth_asym_id 
_struct_conn.ptnr2_auth_comp_id 
_struct_conn.ptnr2_auth_seq_id 
_struct_conn.ptnr2_symmetry 
_struct_conn.pdbx_ptnr3_label_atom_id 
_struct_conn.pdbx_ptnr3_label_seq_id 
_struct_conn.pdbx_ptnr3_label_comp_id 
_struct_conn.pdbx_ptnr3_label_asym_id 
_struct_conn.pdbx_ptnr3_label_alt_id 
_struct_conn.pdbx_ptnr3_PDB_ins_code 
_struct_conn.details 
_struct_conn.pdbx_dist_value 
_struct_conn.pdbx_value_order 
_struct_conn.pdbx_role 
metalc1  metalc ? ? A HIS 21 NE2 ? ? ? 1_555 B HEM . FE ? ? A HIS 21  A HEM 201 1_555 ? ? ? ? ? ? ? 1.968 ? ? 
metalc2  metalc ? ? A HIS 30 NE2 ? ? ? 1_555 D ZN  . ZN ? ? A HIS 30  A ZN  203 1_555 ? ? ? ? ? ? ? 1.996 ? ? 
metalc3  metalc ? ? A ASP 62 OD2 ? ? ? 1_555 C ZN  . ZN ? ? A ASP 62  A ZN  202 1_555 ? ? ? ? ? ? ? 1.978 ? ? 
metalc4  metalc ? ? A ASP 62 OD1 ? ? ? 1_555 C ZN  . ZN ? ? A ASP 62  A ZN  202 1_555 ? ? ? ? ? ? ? 2.378 ? ? 
metalc5  metalc ? ? A MET 84 SD  ? ? ? 1_555 B HEM . FE ? ? A MET 84  A HEM 201 1_555 ? ? ? ? ? ? ? 2.321 ? ? 
metalc6  metalc ? ? A HIS 87 ND1 ? ? ? 1_555 E ZN  . ZN ? ? A HIS 87  A ZN  204 1_555 ? ? ? ? ? ? ? 2.054 ? ? 
metalc7  metalc ? ? B HEM .  O1A ? ? ? 1_555 C ZN  . ZN ? ? A HEM 201 A ZN  202 1_555 ? ? ? ? ? ? ? 1.945 ? ? 
metalc8  metalc ? ? C ZN  .  ZN  ? ? ? 1_555 H HOH . O  ? ? A ZN  202 A HOH 301 1_555 ? ? ? ? ? ? ? 2.086 ? ? 
metalc9  metalc ? ? C ZN  .  ZN  ? ? ? 1_555 H HOH . O  ? ? A ZN  202 A HOH 449 1_555 ? ? ? ? ? ? ? 2.036 ? ? 
metalc10 metalc ? ? D ZN  .  ZN  ? ? ? 1_555 F CAC . O2 ? ? A ZN  203 A CAC 205 1_555 ? ? ? ? ? ? ? 1.805 ? ? 
metalc11 metalc ? ? D ZN  .  ZN  ? ? ? 1_555 H HOH . O  ? ? A ZN  203 A HOH 316 1_555 ? ? ? ? ? ? ? 2.061 ? ? 
metalc12 metalc ? ? E ZN  .  ZN  ? ? ? 1_555 G ACT . O  ? ? A ZN  204 A ACT 206 1_555 ? ? ? ? ? ? ? 1.897 ? ? 
metalc13 metalc ? ? E ZN  .  ZN  ? ? ? 1_555 H HOH . O  ? ? A ZN  204 A HOH 346 1_555 ? ? ? ? ? ? ? 2.070 ? ? 
# 
_struct_conn_type.id          metalc 
_struct_conn_type.criteria    ? 
_struct_conn_type.reference   ? 
# 
loop_
_pdbx_struct_conn_angle.id 
_pdbx_struct_conn_angle.ptnr1_label_atom_id 
_pdbx_struct_conn_angle.ptnr1_label_alt_id 
_pdbx_struct_conn_angle.ptnr1_label_asym_id 
_pdbx_struct_conn_angle.ptnr1_label_comp_id 
_pdbx_struct_conn_angle.ptnr1_label_seq_id 
_pdbx_struct_conn_angle.ptnr1_auth_atom_id 
_pdbx_struct_conn_angle.ptnr1_auth_asym_id 
_pdbx_struct_conn_angle.ptnr1_auth_comp_id 
_pdbx_struct_conn_angle.ptnr1_auth_seq_id 
_pdbx_struct_conn_angle.ptnr1_PDB_ins_code 
_pdbx_struct_conn_angle.ptnr1_symmetry 
_pdbx_struct_conn_angle.ptnr2_label_atom_id 
_pdbx_struct_conn_angle.ptnr2_label_alt_id 
_pdbx_struct_conn_angle.ptnr2_label_asym_id 
_pdbx_struct_conn_angle.ptnr2_label_comp_id 
_pdbx_struct_conn_angle.ptnr2_label_seq_id 
_pdbx_struct_conn_angle.ptnr2_auth_atom_id 
_pdbx_struct_conn_angle.ptnr2_auth_asym_id 
_pdbx_struct_conn_angle.ptnr2_auth_comp_id 
_pdbx_struct_conn_angle.ptnr2_auth_seq_id 
_pdbx_struct_conn_angle.ptnr2_PDB_ins_code 
_pdbx_struct_conn_angle.ptnr2_symmetry 
_pdbx_struct_conn_angle.ptnr3_label_atom_id 
_pdbx_struct_conn_angle.ptnr3_label_alt_id 
_pdbx_struct_conn_angle.ptnr3_label_asym_id 
_pdbx_struct_conn_angle.ptnr3_label_comp_id 
_pdbx_struct_conn_angle.ptnr3_label_seq_id 
_pdbx_struct_conn_angle.ptnr3_auth_atom_id 
_pdbx_struct_conn_angle.ptnr3_auth_asym_id 
_pdbx_struct_conn_angle.ptnr3_auth_comp_id 
_pdbx_struct_conn_angle.ptnr3_auth_seq_id 
_pdbx_struct_conn_angle.ptnr3_PDB_ins_code 
_pdbx_struct_conn_angle.ptnr3_symmetry 
_pdbx_struct_conn_angle.value 
_pdbx_struct_conn_angle.value_esd 
1  NE2 ? A HIS 21 ? A HIS 21  ? 1_555 FE ? B HEM . ? A HEM 201 ? 1_555 NA  ? B HEM .  ? A HEM 201 ? 1_555 90.5  ? 
2  NE2 ? A HIS 21 ? A HIS 21  ? 1_555 FE ? B HEM . ? A HEM 201 ? 1_555 NB  ? B HEM .  ? A HEM 201 ? 1_555 92.1  ? 
3  NA  ? B HEM .  ? A HEM 201 ? 1_555 FE ? B HEM . ? A HEM 201 ? 1_555 NB  ? B HEM .  ? A HEM 201 ? 1_555 88.1  ? 
4  NE2 ? A HIS 21 ? A HIS 21  ? 1_555 FE ? B HEM . ? A HEM 201 ? 1_555 NC  ? B HEM .  ? A HEM 201 ? 1_555 92.1  ? 
5  NA  ? B HEM .  ? A HEM 201 ? 1_555 FE ? B HEM . ? A HEM 201 ? 1_555 NC  ? B HEM .  ? A HEM 201 ? 1_555 175.0 ? 
6  NB  ? B HEM .  ? A HEM 201 ? 1_555 FE ? B HEM . ? A HEM 201 ? 1_555 NC  ? B HEM .  ? A HEM 201 ? 1_555 96.1  ? 
7  NE2 ? A HIS 21 ? A HIS 21  ? 1_555 FE ? B HEM . ? A HEM 201 ? 1_555 ND  ? B HEM .  ? A HEM 201 ? 1_555 90.3  ? 
8  NA  ? B HEM .  ? A HEM 201 ? 1_555 FE ? B HEM . ? A HEM 201 ? 1_555 ND  ? B HEM .  ? A HEM 201 ? 1_555 91.1  ? 
9  NB  ? B HEM .  ? A HEM 201 ? 1_555 FE ? B HEM . ? A HEM 201 ? 1_555 ND  ? B HEM .  ? A HEM 201 ? 1_555 177.5 ? 
10 NC  ? B HEM .  ? A HEM 201 ? 1_555 FE ? B HEM . ? A HEM 201 ? 1_555 ND  ? B HEM .  ? A HEM 201 ? 1_555 84.6  ? 
11 NE2 ? A HIS 21 ? A HIS 21  ? 1_555 FE ? B HEM . ? A HEM 201 ? 1_555 SD  ? A MET 84 ? A MET 84  ? 1_555 174.8 ? 
12 NA  ? B HEM .  ? A HEM 201 ? 1_555 FE ? B HEM . ? A HEM 201 ? 1_555 SD  ? A MET 84 ? A MET 84  ? 1_555 94.6  ? 
13 NB  ? B HEM .  ? A HEM 201 ? 1_555 FE ? B HEM . ? A HEM 201 ? 1_555 SD  ? A MET 84 ? A MET 84  ? 1_555 87.3  ? 
14 NC  ? B HEM .  ? A HEM 201 ? 1_555 FE ? B HEM . ? A HEM 201 ? 1_555 SD  ? A MET 84 ? A MET 84  ? 1_555 82.9  ? 
15 ND  ? B HEM .  ? A HEM 201 ? 1_555 FE ? B HEM . ? A HEM 201 ? 1_555 SD  ? A MET 84 ? A MET 84  ? 1_555 90.4  ? 
16 NE2 ? A HIS 30 ? A HIS 30  ? 1_555 ZN ? D ZN  . ? A ZN  203 ? 1_555 O2  ? F CAC .  ? A CAC 205 ? 1_555 99.0  ? 
17 NE2 ? A HIS 30 ? A HIS 30  ? 1_555 ZN ? D ZN  . ? A ZN  203 ? 1_555 O   ? H HOH .  ? A HOH 316 ? 1_555 103.7 ? 
18 O2  ? F CAC .  ? A CAC 205 ? 1_555 ZN ? D ZN  . ? A ZN  203 ? 1_555 O   ? H HOH .  ? A HOH 316 ? 1_555 118.2 ? 
19 OD2 ? A ASP 62 ? A ASP 62  ? 1_555 ZN ? C ZN  . ? A ZN  202 ? 1_555 OD1 ? A ASP 62 ? A ASP 62  ? 1_555 58.0  ? 
20 OD2 ? A ASP 62 ? A ASP 62  ? 1_555 ZN ? C ZN  . ? A ZN  202 ? 1_555 O1A ? B HEM .  ? A HEM 201 ? 1_555 83.6  ? 
21 OD1 ? A ASP 62 ? A ASP 62  ? 1_555 ZN ? C ZN  . ? A ZN  202 ? 1_555 O1A ? B HEM .  ? A HEM 201 ? 1_555 128.2 ? 
22 OD2 ? A ASP 62 ? A ASP 62  ? 1_555 ZN ? C ZN  . ? A ZN  202 ? 1_555 O   ? H HOH .  ? A HOH 301 ? 1_555 142.0 ? 
23 OD1 ? A ASP 62 ? A ASP 62  ? 1_555 ZN ? C ZN  . ? A ZN  202 ? 1_555 O   ? H HOH .  ? A HOH 301 ? 1_555 95.8  ? 
24 O1A ? B HEM .  ? A HEM 201 ? 1_555 ZN ? C ZN  . ? A ZN  202 ? 1_555 O   ? H HOH .  ? A HOH 301 ? 1_555 95.6  ? 
25 OD2 ? A ASP 62 ? A ASP 62  ? 1_555 ZN ? C ZN  . ? A ZN  202 ? 1_555 O   ? H HOH .  ? A HOH 449 ? 1_555 104.6 ? 
26 OD1 ? A ASP 62 ? A ASP 62  ? 1_555 ZN ? C ZN  . ? A ZN  202 ? 1_555 O   ? H HOH .  ? A HOH 449 ? 1_555 128.1 ? 
27 O1A ? B HEM .  ? A HEM 201 ? 1_555 ZN ? C ZN  . ? A ZN  202 ? 1_555 O   ? H HOH .  ? A HOH 449 ? 1_555 92.0  ? 
28 O   ? H HOH .  ? A HOH 301 ? 1_555 ZN ? C ZN  . ? A ZN  202 ? 1_555 O   ? H HOH .  ? A HOH 449 ? 1_555 113.3 ? 
29 ND1 ? A HIS 87 ? A HIS 87  ? 1_555 ZN ? E ZN  . ? A ZN  204 ? 1_555 O   ? G ACT .  ? A ACT 206 ? 1_555 112.7 ? 
30 ND1 ? A HIS 87 ? A HIS 87  ? 1_555 ZN ? E ZN  . ? A ZN  204 ? 1_555 O   ? H HOH .  ? A HOH 346 ? 1_555 105.4 ? 
31 O   ? G ACT .  ? A ACT 206 ? 1_555 ZN ? E ZN  . ? A ZN  204 ? 1_555 O   ? H HOH .  ? A HOH 346 ? 1_555 96.9  ? 
# 
_struct_mon_prot_cis.pdbx_id                1 
_struct_mon_prot_cis.label_comp_id          TRP 
_struct_mon_prot_cis.label_seq_id           60 
_struct_mon_prot_cis.label_asym_id          A 
_struct_mon_prot_cis.label_alt_id           . 
_struct_mon_prot_cis.pdbx_PDB_ins_code      ? 
_struct_mon_prot_cis.auth_comp_id           TRP 
_struct_mon_prot_cis.auth_seq_id            60 
_struct_mon_prot_cis.auth_asym_id           A 
_struct_mon_prot_cis.pdbx_label_comp_id_2   PRO 
_struct_mon_prot_cis.pdbx_label_seq_id_2    61 
_struct_mon_prot_cis.pdbx_label_asym_id_2   A 
_struct_mon_prot_cis.pdbx_PDB_ins_code_2    ? 
_struct_mon_prot_cis.pdbx_auth_comp_id_2    PRO 
_struct_mon_prot_cis.pdbx_auth_seq_id_2     61 
_struct_mon_prot_cis.pdbx_auth_asym_id_2    A 
_struct_mon_prot_cis.pdbx_PDB_model_num     1 
_struct_mon_prot_cis.pdbx_omega_angle       -0.15 
# 
loop_
_struct_site.id 
_struct_site.pdbx_evidence_code 
_struct_site.pdbx_auth_asym_id 
_struct_site.pdbx_auth_comp_id 
_struct_site.pdbx_auth_seq_id 
_struct_site.pdbx_auth_ins_code 
_struct_site.pdbx_num_residues 
_struct_site.details 
AC1 Software A HEM 201 ? 18 'BINDING SITE FOR RESIDUE HEM A 201' 
AC2 Software A ZN  202 ? 5  'BINDING SITE FOR RESIDUE ZN A 202'  
AC3 Software A ZN  203 ? 3  'BINDING SITE FOR RESIDUE ZN A 203'  
AC4 Software A ZN  204 ? 4  'BINDING SITE FOR RESIDUE ZN A 204'  
AC5 Software A CAC 205 ? 2  'BINDING SITE FOR RESIDUE CAC A 205' 
AC6 Software A ACT 206 ? 9  'BINDING SITE FOR RESIDUE ACT A 206' 
# 
loop_
_struct_site_gen.id 
_struct_site_gen.site_id 
_struct_site_gen.pdbx_num_res 
_struct_site_gen.label_comp_id 
_struct_site_gen.label_asym_id 
_struct_site_gen.label_seq_id 
_struct_site_gen.pdbx_auth_ins_code 
_struct_site_gen.auth_comp_id 
_struct_site_gen.auth_asym_id 
_struct_site_gen.auth_seq_id 
_struct_site_gen.label_atom_id 
_struct_site_gen.label_alt_id 
_struct_site_gen.symmetry 
_struct_site_gen.details 
1  AC1 18 VAL A 15 ? VAL A 15  . ? 4_555 ? 
2  AC1 18 ARG A 16 ? ARG A 16  . ? 1_555 ? 
3  AC1 18 CYS A 17 ? CYS A 17  . ? 1_555 ? 
4  AC1 18 CYS A 20 ? CYS A 20  . ? 1_555 ? 
5  AC1 18 HIS A 21 ? HIS A 21  . ? 1_555 ? 
6  AC1 18 TYR A 29 ? TYR A 29  . ? 1_555 ? 
7  AC1 18 MET A 48 ? MET A 48  . ? 1_555 ? 
8  AC1 18 ASP A 62 ? ASP A 62  . ? 1_555 ? 
9  AC1 18 ALA A 65 ? ALA A 65  . ? 1_555 ? 
10 AC1 18 ARG A 69 ? ARG A 69  . ? 1_555 ? 
11 AC1 18 ASN A 83 ? ASN A 83  . ? 1_555 ? 
12 AC1 18 MET A 84 ? MET A 84  . ? 1_555 ? 
13 AC1 18 HIS A 87 ? HIS A 87  . ? 1_555 ? 
14 AC1 18 ZN  C .  ? ZN  A 202 . ? 1_555 ? 
15 AC1 18 HOH H .  ? HOH A 301 . ? 1_555 ? 
16 AC1 18 HOH H .  ? HOH A 356 . ? 1_555 ? 
17 AC1 18 HOH H .  ? HOH A 359 . ? 1_555 ? 
18 AC1 18 HOH H .  ? HOH A 449 . ? 1_555 ? 
19 AC2 5  ASP A 62 ? ASP A 62  . ? 1_555 ? 
20 AC2 5  ALA A 65 ? ALA A 65  . ? 1_555 ? 
21 AC2 5  HEM B .  ? HEM A 201 . ? 1_555 ? 
22 AC2 5  HOH H .  ? HOH A 301 . ? 1_555 ? 
23 AC2 5  HOH H .  ? HOH A 449 . ? 1_555 ? 
24 AC3 3  HIS A 30 ? HIS A 30  . ? 1_555 ? 
25 AC3 3  CAC F .  ? CAC A 205 . ? 1_555 ? 
26 AC3 3  HOH H .  ? HOH A 316 . ? 1_555 ? 
27 AC4 4  GLU A 37 ? GLU A 37  . ? 3_544 ? 
28 AC4 4  HIS A 87 ? HIS A 87  . ? 1_555 ? 
29 AC4 4  ACT G .  ? ACT A 206 . ? 1_555 ? 
30 AC4 4  HOH H .  ? HOH A 346 . ? 1_555 ? 
31 AC5 2  HIS A 30 ? HIS A 30  . ? 1_555 ? 
32 AC5 2  ZN  D .  ? ZN  A 203 . ? 1_555 ? 
33 AC6 9  ARG A 16 ? ARG A 16  . ? 1_555 ? 
34 AC6 9  GLU A 37 ? GLU A 37  . ? 3_544 ? 
35 AC6 9  LEU A 40 ? LEU A 40  . ? 3_544 ? 
36 AC6 9  ARG A 86 ? ARG A 86  . ? 1_555 ? 
37 AC6 9  HIS A 87 ? HIS A 87  . ? 1_555 ? 
38 AC6 9  GLY A 89 ? GLY A 89  . ? 1_555 ? 
39 AC6 9  ZN  E .  ? ZN  A 204 . ? 1_555 ? 
40 AC6 9  HOH H .  ? HOH A 346 . ? 1_555 ? 
41 AC6 9  HOH H .  ? HOH A 383 . ? 1_555 ? 
# 
loop_
_pdbx_validate_close_contact.id 
_pdbx_validate_close_contact.PDB_model_num 
_pdbx_validate_close_contact.auth_atom_id_1 
_pdbx_validate_close_contact.auth_asym_id_1 
_pdbx_validate_close_contact.auth_comp_id_1 
_pdbx_validate_close_contact.auth_seq_id_1 
_pdbx_validate_close_contact.PDB_ins_code_1 
_pdbx_validate_close_contact.label_alt_id_1 
_pdbx_validate_close_contact.auth_atom_id_2 
_pdbx_validate_close_contact.auth_asym_id_2 
_pdbx_validate_close_contact.auth_comp_id_2 
_pdbx_validate_close_contact.auth_seq_id_2 
_pdbx_validate_close_contact.PDB_ins_code_2 
_pdbx_validate_close_contact.label_alt_id_2 
_pdbx_validate_close_contact.dist 
1 1 SG  A CYS 17  ? ? CAB A HEM 201 ? ? 1.95 
2 1 O   A HOH 301 ? ? O   A HOH 345 ? ? 1.96 
3 1 O   A HOH 435 ? ? O   A HOH 439 ? ? 2.11 
4 1 O   A HOH 328 ? ? O   A HOH 462 ? ? 2.17 
5 1 OE2 A GLU 121 ? ? O   A HOH 476 ? ? 2.18 
6 1 O   A HOH 345 ? ? O   A HOH 408 ? ? 2.19 
# 
loop_
_pdbx_validate_torsion.id 
_pdbx_validate_torsion.PDB_model_num 
_pdbx_validate_torsion.auth_comp_id 
_pdbx_validate_torsion.auth_asym_id 
_pdbx_validate_torsion.auth_seq_id 
_pdbx_validate_torsion.PDB_ins_code 
_pdbx_validate_torsion.label_alt_id 
_pdbx_validate_torsion.phi 
_pdbx_validate_torsion.psi 
1 1 GLU A 2  ? ? -32.36  145.23 
2 1 CYS A 17 ? ? -134.76 -31.63 
3 1 GLU A 35 ? ? -140.28 59.04  
4 1 THR A 58 ? ? -112.21 -83.96 
5 1 TRP A 60 ? ? -172.05 140.50 
# 
_pdbx_struct_special_symmetry.id              1 
_pdbx_struct_special_symmetry.PDB_model_num   1 
_pdbx_struct_special_symmetry.auth_asym_id    A 
_pdbx_struct_special_symmetry.auth_comp_id    HOH 
_pdbx_struct_special_symmetry.auth_seq_id     425 
_pdbx_struct_special_symmetry.PDB_ins_code    ? 
_pdbx_struct_special_symmetry.label_asym_id   H 
_pdbx_struct_special_symmetry.label_comp_id   HOH 
_pdbx_struct_special_symmetry.label_seq_id    . 
# 
loop_
_pdbx_unobs_or_zero_occ_residues.id 
_pdbx_unobs_or_zero_occ_residues.PDB_model_num 
_pdbx_unobs_or_zero_occ_residues.polymer_flag 
_pdbx_unobs_or_zero_occ_residues.occupancy_flag 
_pdbx_unobs_or_zero_occ_residues.auth_asym_id 
_pdbx_unobs_or_zero_occ_residues.auth_comp_id 
_pdbx_unobs_or_zero_occ_residues.auth_seq_id 
_pdbx_unobs_or_zero_occ_residues.PDB_ins_code 
_pdbx_unobs_or_zero_occ_residues.label_asym_id 
_pdbx_unobs_or_zero_occ_residues.label_comp_id 
_pdbx_unobs_or_zero_occ_residues.label_seq_id 
1 1 Y 1 A ASN 75 ? A ASN 75 
2 1 Y 1 A SER 76 ? A SER 76 
3 1 Y 1 A LYS 77 ? A LYS 77 
# 
loop_
_chem_comp_atom.comp_id 
_chem_comp_atom.atom_id 
_chem_comp_atom.type_symbol 
_chem_comp_atom.pdbx_aromatic_flag 
_chem_comp_atom.pdbx_stereo_config 
_chem_comp_atom.pdbx_ordinal 
ACT C    C  N N 1   
ACT O    O  N N 2   
ACT OXT  O  N N 3   
ACT CH3  C  N N 4   
ACT H1   H  N N 5   
ACT H2   H  N N 6   
ACT H3   H  N N 7   
ALA N    N  N N 8   
ALA CA   C  N S 9   
ALA C    C  N N 10  
ALA O    O  N N 11  
ALA CB   C  N N 12  
ALA OXT  O  N N 13  
ALA H    H  N N 14  
ALA H2   H  N N 15  
ALA HA   H  N N 16  
ALA HB1  H  N N 17  
ALA HB2  H  N N 18  
ALA HB3  H  N N 19  
ALA HXT  H  N N 20  
ARG N    N  N N 21  
ARG CA   C  N S 22  
ARG C    C  N N 23  
ARG O    O  N N 24  
ARG CB   C  N N 25  
ARG CG   C  N N 26  
ARG CD   C  N N 27  
ARG NE   N  N N 28  
ARG CZ   C  N N 29  
ARG NH1  N  N N 30  
ARG NH2  N  N N 31  
ARG OXT  O  N N 32  
ARG H    H  N N 33  
ARG H2   H  N N 34  
ARG HA   H  N N 35  
ARG HB2  H  N N 36  
ARG HB3  H  N N 37  
ARG HG2  H  N N 38  
ARG HG3  H  N N 39  
ARG HD2  H  N N 40  
ARG HD3  H  N N 41  
ARG HE   H  N N 42  
ARG HH11 H  N N 43  
ARG HH12 H  N N 44  
ARG HH21 H  N N 45  
ARG HH22 H  N N 46  
ARG HXT  H  N N 47  
ASN N    N  N N 48  
ASN CA   C  N S 49  
ASN C    C  N N 50  
ASN O    O  N N 51  
ASN CB   C  N N 52  
ASN CG   C  N N 53  
ASN OD1  O  N N 54  
ASN ND2  N  N N 55  
ASN OXT  O  N N 56  
ASN H    H  N N 57  
ASN H2   H  N N 58  
ASN HA   H  N N 59  
ASN HB2  H  N N 60  
ASN HB3  H  N N 61  
ASN HD21 H  N N 62  
ASN HD22 H  N N 63  
ASN HXT  H  N N 64  
ASP N    N  N N 65  
ASP CA   C  N S 66  
ASP C    C  N N 67  
ASP O    O  N N 68  
ASP CB   C  N N 69  
ASP CG   C  N N 70  
ASP OD1  O  N N 71  
ASP OD2  O  N N 72  
ASP OXT  O  N N 73  
ASP H    H  N N 74  
ASP H2   H  N N 75  
ASP HA   H  N N 76  
ASP HB2  H  N N 77  
ASP HB3  H  N N 78  
ASP HD2  H  N N 79  
ASP HXT  H  N N 80  
CAC AS   AS N N 81  
CAC O1   O  N N 82  
CAC O2   O  N N 83  
CAC C1   C  N N 84  
CAC C2   C  N N 85  
CAC H11  H  N N 86  
CAC H12  H  N N 87  
CAC H13  H  N N 88  
CAC H21  H  N N 89  
CAC H22  H  N N 90  
CAC H23  H  N N 91  
CYS N    N  N N 92  
CYS CA   C  N R 93  
CYS C    C  N N 94  
CYS O    O  N N 95  
CYS CB   C  N N 96  
CYS SG   S  N N 97  
CYS OXT  O  N N 98  
CYS H    H  N N 99  
CYS H2   H  N N 100 
CYS HA   H  N N 101 
CYS HB2  H  N N 102 
CYS HB3  H  N N 103 
CYS HG   H  N N 104 
CYS HXT  H  N N 105 
GLN N    N  N N 106 
GLN CA   C  N S 107 
GLN C    C  N N 108 
GLN O    O  N N 109 
GLN CB   C  N N 110 
GLN CG   C  N N 111 
GLN CD   C  N N 112 
GLN OE1  O  N N 113 
GLN NE2  N  N N 114 
GLN OXT  O  N N 115 
GLN H    H  N N 116 
GLN H2   H  N N 117 
GLN HA   H  N N 118 
GLN HB2  H  N N 119 
GLN HB3  H  N N 120 
GLN HG2  H  N N 121 
GLN HG3  H  N N 122 
GLN HE21 H  N N 123 
GLN HE22 H  N N 124 
GLN HXT  H  N N 125 
GLU N    N  N N 126 
GLU CA   C  N S 127 
GLU C    C  N N 128 
GLU O    O  N N 129 
GLU CB   C  N N 130 
GLU CG   C  N N 131 
GLU CD   C  N N 132 
GLU OE1  O  N N 133 
GLU OE2  O  N N 134 
GLU OXT  O  N N 135 
GLU H    H  N N 136 
GLU H2   H  N N 137 
GLU HA   H  N N 138 
GLU HB2  H  N N 139 
GLU HB3  H  N N 140 
GLU HG2  H  N N 141 
GLU HG3  H  N N 142 
GLU HE2  H  N N 143 
GLU HXT  H  N N 144 
GLY N    N  N N 145 
GLY CA   C  N N 146 
GLY C    C  N N 147 
GLY O    O  N N 148 
GLY OXT  O  N N 149 
GLY H    H  N N 150 
GLY H2   H  N N 151 
GLY HA2  H  N N 152 
GLY HA3  H  N N 153 
GLY HXT  H  N N 154 
HEM CHA  C  N N 155 
HEM CHB  C  N N 156 
HEM CHC  C  N N 157 
HEM CHD  C  N N 158 
HEM C1A  C  Y N 159 
HEM C2A  C  Y N 160 
HEM C3A  C  Y N 161 
HEM C4A  C  Y N 162 
HEM CMA  C  N N 163 
HEM CAA  C  N N 164 
HEM CBA  C  N N 165 
HEM CGA  C  N N 166 
HEM O1A  O  N N 167 
HEM O2A  O  N N 168 
HEM C1B  C  N N 169 
HEM C2B  C  N N 170 
HEM C3B  C  N N 171 
HEM C4B  C  N N 172 
HEM CMB  C  N N 173 
HEM CAB  C  N N 174 
HEM CBB  C  N N 175 
HEM C1C  C  Y N 176 
HEM C2C  C  Y N 177 
HEM C3C  C  Y N 178 
HEM C4C  C  Y N 179 
HEM CMC  C  N N 180 
HEM CAC  C  N N 181 
HEM CBC  C  N N 182 
HEM C1D  C  N N 183 
HEM C2D  C  N N 184 
HEM C3D  C  N N 185 
HEM C4D  C  N N 186 
HEM CMD  C  N N 187 
HEM CAD  C  N N 188 
HEM CBD  C  N N 189 
HEM CGD  C  N N 190 
HEM O1D  O  N N 191 
HEM O2D  O  N N 192 
HEM NA   N  Y N 193 
HEM NB   N  N N 194 
HEM NC   N  Y N 195 
HEM ND   N  N N 196 
HEM FE   FE N N 197 
HEM HHB  H  N N 198 
HEM HHC  H  N N 199 
HEM HHD  H  N N 200 
HEM HMA  H  N N 201 
HEM HMAA H  N N 202 
HEM HMAB H  N N 203 
HEM HAA  H  N N 204 
HEM HAAA H  N N 205 
HEM HBA  H  N N 206 
HEM HBAA H  N N 207 
HEM HMB  H  N N 208 
HEM HMBA H  N N 209 
HEM HMBB H  N N 210 
HEM HAB  H  N N 211 
HEM HBB  H  N N 212 
HEM HBBA H  N N 213 
HEM HMC  H  N N 214 
HEM HMCA H  N N 215 
HEM HMCB H  N N 216 
HEM HAC  H  N N 217 
HEM HBC  H  N N 218 
HEM HBCA H  N N 219 
HEM HMD  H  N N 220 
HEM HMDA H  N N 221 
HEM HMDB H  N N 222 
HEM HAD  H  N N 223 
HEM HADA H  N N 224 
HEM HBD  H  N N 225 
HEM HBDA H  N N 226 
HEM H2A  H  N N 227 
HEM H2D  H  N N 228 
HEM HHA  H  N N 229 
HIS N    N  N N 230 
HIS CA   C  N S 231 
HIS C    C  N N 232 
HIS O    O  N N 233 
HIS CB   C  N N 234 
HIS CG   C  Y N 235 
HIS ND1  N  Y N 236 
HIS CD2  C  Y N 237 
HIS CE1  C  Y N 238 
HIS NE2  N  Y N 239 
HIS OXT  O  N N 240 
HIS H    H  N N 241 
HIS H2   H  N N 242 
HIS HA   H  N N 243 
HIS HB2  H  N N 244 
HIS HB3  H  N N 245 
HIS HD1  H  N N 246 
HIS HD2  H  N N 247 
HIS HE1  H  N N 248 
HIS HE2  H  N N 249 
HIS HXT  H  N N 250 
HOH O    O  N N 251 
HOH H1   H  N N 252 
HOH H2   H  N N 253 
ILE N    N  N N 254 
ILE CA   C  N S 255 
ILE C    C  N N 256 
ILE O    O  N N 257 
ILE CB   C  N S 258 
ILE CG1  C  N N 259 
ILE CG2  C  N N 260 
ILE CD1  C  N N 261 
ILE OXT  O  N N 262 
ILE H    H  N N 263 
ILE H2   H  N N 264 
ILE HA   H  N N 265 
ILE HB   H  N N 266 
ILE HG12 H  N N 267 
ILE HG13 H  N N 268 
ILE HG21 H  N N 269 
ILE HG22 H  N N 270 
ILE HG23 H  N N 271 
ILE HD11 H  N N 272 
ILE HD12 H  N N 273 
ILE HD13 H  N N 274 
ILE HXT  H  N N 275 
LEU N    N  N N 276 
LEU CA   C  N S 277 
LEU C    C  N N 278 
LEU O    O  N N 279 
LEU CB   C  N N 280 
LEU CG   C  N N 281 
LEU CD1  C  N N 282 
LEU CD2  C  N N 283 
LEU OXT  O  N N 284 
LEU H    H  N N 285 
LEU H2   H  N N 286 
LEU HA   H  N N 287 
LEU HB2  H  N N 288 
LEU HB3  H  N N 289 
LEU HG   H  N N 290 
LEU HD11 H  N N 291 
LEU HD12 H  N N 292 
LEU HD13 H  N N 293 
LEU HD21 H  N N 294 
LEU HD22 H  N N 295 
LEU HD23 H  N N 296 
LEU HXT  H  N N 297 
LYS N    N  N N 298 
LYS CA   C  N S 299 
LYS C    C  N N 300 
LYS O    O  N N 301 
LYS CB   C  N N 302 
LYS CG   C  N N 303 
LYS CD   C  N N 304 
LYS CE   C  N N 305 
LYS NZ   N  N N 306 
LYS OXT  O  N N 307 
LYS H    H  N N 308 
LYS H2   H  N N 309 
LYS HA   H  N N 310 
LYS HB2  H  N N 311 
LYS HB3  H  N N 312 
LYS HG2  H  N N 313 
LYS HG3  H  N N 314 
LYS HD2  H  N N 315 
LYS HD3  H  N N 316 
LYS HE2  H  N N 317 
LYS HE3  H  N N 318 
LYS HZ1  H  N N 319 
LYS HZ2  H  N N 320 
LYS HZ3  H  N N 321 
LYS HXT  H  N N 322 
MET N    N  N N 323 
MET CA   C  N S 324 
MET C    C  N N 325 
MET O    O  N N 326 
MET CB   C  N N 327 
MET CG   C  N N 328 
MET SD   S  N N 329 
MET CE   C  N N 330 
MET OXT  O  N N 331 
MET H    H  N N 332 
MET H2   H  N N 333 
MET HA   H  N N 334 
MET HB2  H  N N 335 
MET HB3  H  N N 336 
MET HG2  H  N N 337 
MET HG3  H  N N 338 
MET HE1  H  N N 339 
MET HE2  H  N N 340 
MET HE3  H  N N 341 
MET HXT  H  N N 342 
PHE N    N  N N 343 
PHE CA   C  N S 344 
PHE C    C  N N 345 
PHE O    O  N N 346 
PHE CB   C  N N 347 
PHE CG   C  Y N 348 
PHE CD1  C  Y N 349 
PHE CD2  C  Y N 350 
PHE CE1  C  Y N 351 
PHE CE2  C  Y N 352 
PHE CZ   C  Y N 353 
PHE OXT  O  N N 354 
PHE H    H  N N 355 
PHE H2   H  N N 356 
PHE HA   H  N N 357 
PHE HB2  H  N N 358 
PHE HB3  H  N N 359 
PHE HD1  H  N N 360 
PHE HD2  H  N N 361 
PHE HE1  H  N N 362 
PHE HE2  H  N N 363 
PHE HZ   H  N N 364 
PHE HXT  H  N N 365 
PRO N    N  N N 366 
PRO CA   C  N S 367 
PRO C    C  N N 368 
PRO O    O  N N 369 
PRO CB   C  N N 370 
PRO CG   C  N N 371 
PRO CD   C  N N 372 
PRO OXT  O  N N 373 
PRO H    H  N N 374 
PRO HA   H  N N 375 
PRO HB2  H  N N 376 
PRO HB3  H  N N 377 
PRO HG2  H  N N 378 
PRO HG3  H  N N 379 
PRO HD2  H  N N 380 
PRO HD3  H  N N 381 
PRO HXT  H  N N 382 
SER N    N  N N 383 
SER CA   C  N S 384 
SER C    C  N N 385 
SER O    O  N N 386 
SER CB   C  N N 387 
SER OG   O  N N 388 
SER OXT  O  N N 389 
SER H    H  N N 390 
SER H2   H  N N 391 
SER HA   H  N N 392 
SER HB2  H  N N 393 
SER HB3  H  N N 394 
SER HG   H  N N 395 
SER HXT  H  N N 396 
THR N    N  N N 397 
THR CA   C  N S 398 
THR C    C  N N 399 
THR O    O  N N 400 
THR CB   C  N R 401 
THR OG1  O  N N 402 
THR CG2  C  N N 403 
THR OXT  O  N N 404 
THR H    H  N N 405 
THR H2   H  N N 406 
THR HA   H  N N 407 
THR HB   H  N N 408 
THR HG1  H  N N 409 
THR HG21 H  N N 410 
THR HG22 H  N N 411 
THR HG23 H  N N 412 
THR HXT  H  N N 413 
TRP N    N  N N 414 
TRP CA   C  N S 415 
TRP C    C  N N 416 
TRP O    O  N N 417 
TRP CB   C  N N 418 
TRP CG   C  Y N 419 
TRP CD1  C  Y N 420 
TRP CD2  C  Y N 421 
TRP NE1  N  Y N 422 
TRP CE2  C  Y N 423 
TRP CE3  C  Y N 424 
TRP CZ2  C  Y N 425 
TRP CZ3  C  Y N 426 
TRP CH2  C  Y N 427 
TRP OXT  O  N N 428 
TRP H    H  N N 429 
TRP H2   H  N N 430 
TRP HA   H  N N 431 
TRP HB2  H  N N 432 
TRP HB3  H  N N 433 
TRP HD1  H  N N 434 
TRP HE1  H  N N 435 
TRP HE3  H  N N 436 
TRP HZ2  H  N N 437 
TRP HZ3  H  N N 438 
TRP HH2  H  N N 439 
TRP HXT  H  N N 440 
TYR N    N  N N 441 
TYR CA   C  N S 442 
TYR C    C  N N 443 
TYR O    O  N N 444 
TYR CB   C  N N 445 
TYR CG   C  Y N 446 
TYR CD1  C  Y N 447 
TYR CD2  C  Y N 448 
TYR CE1  C  Y N 449 
TYR CE2  C  Y N 450 
TYR CZ   C  Y N 451 
TYR OH   O  N N 452 
TYR OXT  O  N N 453 
TYR H    H  N N 454 
TYR H2   H  N N 455 
TYR HA   H  N N 456 
TYR HB2  H  N N 457 
TYR HB3  H  N N 458 
TYR HD1  H  N N 459 
TYR HD2  H  N N 460 
TYR HE1  H  N N 461 
TYR HE2  H  N N 462 
TYR HH   H  N N 463 
TYR HXT  H  N N 464 
VAL N    N  N N 465 
VAL CA   C  N S 466 
VAL C    C  N N 467 
VAL O    O  N N 468 
VAL CB   C  N N 469 
VAL CG1  C  N N 470 
VAL CG2  C  N N 471 
VAL OXT  O  N N 472 
VAL H    H  N N 473 
VAL H2   H  N N 474 
VAL HA   H  N N 475 
VAL HB   H  N N 476 
VAL HG11 H  N N 477 
VAL HG12 H  N N 478 
VAL HG13 H  N N 479 
VAL HG21 H  N N 480 
VAL HG22 H  N N 481 
VAL HG23 H  N N 482 
VAL HXT  H  N N 483 
ZN  ZN   ZN N N 484 
# 
loop_
_chem_comp_bond.comp_id 
_chem_comp_bond.atom_id_1 
_chem_comp_bond.atom_id_2 
_chem_comp_bond.value_order 
_chem_comp_bond.pdbx_aromatic_flag 
_chem_comp_bond.pdbx_stereo_config 
_chem_comp_bond.pdbx_ordinal 
ACT C   O    doub N N 1   
ACT C   OXT  sing N N 2   
ACT C   CH3  sing N N 3   
ACT CH3 H1   sing N N 4   
ACT CH3 H2   sing N N 5   
ACT CH3 H3   sing N N 6   
ALA N   CA   sing N N 7   
ALA N   H    sing N N 8   
ALA N   H2   sing N N 9   
ALA CA  C    sing N N 10  
ALA CA  CB   sing N N 11  
ALA CA  HA   sing N N 12  
ALA C   O    doub N N 13  
ALA C   OXT  sing N N 14  
ALA CB  HB1  sing N N 15  
ALA CB  HB2  sing N N 16  
ALA CB  HB3  sing N N 17  
ALA OXT HXT  sing N N 18  
ARG N   CA   sing N N 19  
ARG N   H    sing N N 20  
ARG N   H2   sing N N 21  
ARG CA  C    sing N N 22  
ARG CA  CB   sing N N 23  
ARG CA  HA   sing N N 24  
ARG C   O    doub N N 25  
ARG C   OXT  sing N N 26  
ARG CB  CG   sing N N 27  
ARG CB  HB2  sing N N 28  
ARG CB  HB3  sing N N 29  
ARG CG  CD   sing N N 30  
ARG CG  HG2  sing N N 31  
ARG CG  HG3  sing N N 32  
ARG CD  NE   sing N N 33  
ARG CD  HD2  sing N N 34  
ARG CD  HD3  sing N N 35  
ARG NE  CZ   sing N N 36  
ARG NE  HE   sing N N 37  
ARG CZ  NH1  sing N N 38  
ARG CZ  NH2  doub N N 39  
ARG NH1 HH11 sing N N 40  
ARG NH1 HH12 sing N N 41  
ARG NH2 HH21 sing N N 42  
ARG NH2 HH22 sing N N 43  
ARG OXT HXT  sing N N 44  
ASN N   CA   sing N N 45  
ASN N   H    sing N N 46  
ASN N   H2   sing N N 47  
ASN CA  C    sing N N 48  
ASN CA  CB   sing N N 49  
ASN CA  HA   sing N N 50  
ASN C   O    doub N N 51  
ASN C   OXT  sing N N 52  
ASN CB  CG   sing N N 53  
ASN CB  HB2  sing N N 54  
ASN CB  HB3  sing N N 55  
ASN CG  OD1  doub N N 56  
ASN CG  ND2  sing N N 57  
ASN ND2 HD21 sing N N 58  
ASN ND2 HD22 sing N N 59  
ASN OXT HXT  sing N N 60  
ASP N   CA   sing N N 61  
ASP N   H    sing N N 62  
ASP N   H2   sing N N 63  
ASP CA  C    sing N N 64  
ASP CA  CB   sing N N 65  
ASP CA  HA   sing N N 66  
ASP C   O    doub N N 67  
ASP C   OXT  sing N N 68  
ASP CB  CG   sing N N 69  
ASP CB  HB2  sing N N 70  
ASP CB  HB3  sing N N 71  
ASP CG  OD1  doub N N 72  
ASP CG  OD2  sing N N 73  
ASP OD2 HD2  sing N N 74  
ASP OXT HXT  sing N N 75  
CAC AS  O1   doub N N 76  
CAC AS  O2   sing N N 77  
CAC AS  C1   sing N N 78  
CAC AS  C2   sing N N 79  
CAC C1  H11  sing N N 80  
CAC C1  H12  sing N N 81  
CAC C1  H13  sing N N 82  
CAC C2  H21  sing N N 83  
CAC C2  H22  sing N N 84  
CAC C2  H23  sing N N 85  
CYS N   CA   sing N N 86  
CYS N   H    sing N N 87  
CYS N   H2   sing N N 88  
CYS CA  C    sing N N 89  
CYS CA  CB   sing N N 90  
CYS CA  HA   sing N N 91  
CYS C   O    doub N N 92  
CYS C   OXT  sing N N 93  
CYS CB  SG   sing N N 94  
CYS CB  HB2  sing N N 95  
CYS CB  HB3  sing N N 96  
CYS SG  HG   sing N N 97  
CYS OXT HXT  sing N N 98  
GLN N   CA   sing N N 99  
GLN N   H    sing N N 100 
GLN N   H2   sing N N 101 
GLN CA  C    sing N N 102 
GLN CA  CB   sing N N 103 
GLN CA  HA   sing N N 104 
GLN C   O    doub N N 105 
GLN C   OXT  sing N N 106 
GLN CB  CG   sing N N 107 
GLN CB  HB2  sing N N 108 
GLN CB  HB3  sing N N 109 
GLN CG  CD   sing N N 110 
GLN CG  HG2  sing N N 111 
GLN CG  HG3  sing N N 112 
GLN CD  OE1  doub N N 113 
GLN CD  NE2  sing N N 114 
GLN NE2 HE21 sing N N 115 
GLN NE2 HE22 sing N N 116 
GLN OXT HXT  sing N N 117 
GLU N   CA   sing N N 118 
GLU N   H    sing N N 119 
GLU N   H2   sing N N 120 
GLU CA  C    sing N N 121 
GLU CA  CB   sing N N 122 
GLU CA  HA   sing N N 123 
GLU C   O    doub N N 124 
GLU C   OXT  sing N N 125 
GLU CB  CG   sing N N 126 
GLU CB  HB2  sing N N 127 
GLU CB  HB3  sing N N 128 
GLU CG  CD   sing N N 129 
GLU CG  HG2  sing N N 130 
GLU CG  HG3  sing N N 131 
GLU CD  OE1  doub N N 132 
GLU CD  OE2  sing N N 133 
GLU OE2 HE2  sing N N 134 
GLU OXT HXT  sing N N 135 
GLY N   CA   sing N N 136 
GLY N   H    sing N N 137 
GLY N   H2   sing N N 138 
GLY CA  C    sing N N 139 
GLY CA  HA2  sing N N 140 
GLY CA  HA3  sing N N 141 
GLY C   O    doub N N 142 
GLY C   OXT  sing N N 143 
GLY OXT HXT  sing N N 144 
HEM CHA C1A  sing N N 145 
HEM CHA C4D  doub N N 146 
HEM CHA HHA  sing N N 147 
HEM CHB C4A  sing N N 148 
HEM CHB C1B  doub N N 149 
HEM CHB HHB  sing N N 150 
HEM CHC C4B  sing N N 151 
HEM CHC C1C  doub N N 152 
HEM CHC HHC  sing N N 153 
HEM CHD C4C  doub N N 154 
HEM CHD C1D  sing N N 155 
HEM CHD HHD  sing N N 156 
HEM C1A C2A  doub Y N 157 
HEM C1A NA   sing Y N 158 
HEM C2A C3A  sing Y N 159 
HEM C2A CAA  sing N N 160 
HEM C3A C4A  doub Y N 161 
HEM C3A CMA  sing N N 162 
HEM C4A NA   sing Y N 163 
HEM CMA HMA  sing N N 164 
HEM CMA HMAA sing N N 165 
HEM CMA HMAB sing N N 166 
HEM CAA CBA  sing N N 167 
HEM CAA HAA  sing N N 168 
HEM CAA HAAA sing N N 169 
HEM CBA CGA  sing N N 170 
HEM CBA HBA  sing N N 171 
HEM CBA HBAA sing N N 172 
HEM CGA O1A  doub N N 173 
HEM CGA O2A  sing N N 174 
HEM C1B C2B  sing N N 175 
HEM C1B NB   sing N N 176 
HEM C2B C3B  doub N N 177 
HEM C2B CMB  sing N N 178 
HEM C3B C4B  sing N N 179 
HEM C3B CAB  sing N N 180 
HEM C4B NB   doub N N 181 
HEM CMB HMB  sing N N 182 
HEM CMB HMBA sing N N 183 
HEM CMB HMBB sing N N 184 
HEM CAB CBB  doub N N 185 
HEM CAB HAB  sing N N 186 
HEM CBB HBB  sing N N 187 
HEM CBB HBBA sing N N 188 
HEM C1C C2C  sing Y N 189 
HEM C1C NC   sing Y N 190 
HEM C2C C3C  doub Y N 191 
HEM C2C CMC  sing N N 192 
HEM C3C C4C  sing Y N 193 
HEM C3C CAC  sing N N 194 
HEM C4C NC   sing Y N 195 
HEM CMC HMC  sing N N 196 
HEM CMC HMCA sing N N 197 
HEM CMC HMCB sing N N 198 
HEM CAC CBC  doub N N 199 
HEM CAC HAC  sing N N 200 
HEM CBC HBC  sing N N 201 
HEM CBC HBCA sing N N 202 
HEM C1D C2D  sing N N 203 
HEM C1D ND   doub N N 204 
HEM C2D C3D  doub N N 205 
HEM C2D CMD  sing N N 206 
HEM C3D C4D  sing N N 207 
HEM C3D CAD  sing N N 208 
HEM C4D ND   sing N N 209 
HEM CMD HMD  sing N N 210 
HEM CMD HMDA sing N N 211 
HEM CMD HMDB sing N N 212 
HEM CAD CBD  sing N N 213 
HEM CAD HAD  sing N N 214 
HEM CAD HADA sing N N 215 
HEM CBD CGD  sing N N 216 
HEM CBD HBD  sing N N 217 
HEM CBD HBDA sing N N 218 
HEM CGD O1D  doub N N 219 
HEM CGD O2D  sing N N 220 
HEM O2A H2A  sing N N 221 
HEM O2D H2D  sing N N 222 
HEM FE  NA   sing N N 223 
HEM FE  NB   sing N N 224 
HEM FE  NC   sing N N 225 
HEM FE  ND   sing N N 226 
HIS N   CA   sing N N 227 
HIS N   H    sing N N 228 
HIS N   H2   sing N N 229 
HIS CA  C    sing N N 230 
HIS CA  CB   sing N N 231 
HIS CA  HA   sing N N 232 
HIS C   O    doub N N 233 
HIS C   OXT  sing N N 234 
HIS CB  CG   sing N N 235 
HIS CB  HB2  sing N N 236 
HIS CB  HB3  sing N N 237 
HIS CG  ND1  sing Y N 238 
HIS CG  CD2  doub Y N 239 
HIS ND1 CE1  doub Y N 240 
HIS ND1 HD1  sing N N 241 
HIS CD2 NE2  sing Y N 242 
HIS CD2 HD2  sing N N 243 
HIS CE1 NE2  sing Y N 244 
HIS CE1 HE1  sing N N 245 
HIS NE2 HE2  sing N N 246 
HIS OXT HXT  sing N N 247 
HOH O   H1   sing N N 248 
HOH O   H2   sing N N 249 
ILE N   CA   sing N N 250 
ILE N   H    sing N N 251 
ILE N   H2   sing N N 252 
ILE CA  C    sing N N 253 
ILE CA  CB   sing N N 254 
ILE CA  HA   sing N N 255 
ILE C   O    doub N N 256 
ILE C   OXT  sing N N 257 
ILE CB  CG1  sing N N 258 
ILE CB  CG2  sing N N 259 
ILE CB  HB   sing N N 260 
ILE CG1 CD1  sing N N 261 
ILE CG1 HG12 sing N N 262 
ILE CG1 HG13 sing N N 263 
ILE CG2 HG21 sing N N 264 
ILE CG2 HG22 sing N N 265 
ILE CG2 HG23 sing N N 266 
ILE CD1 HD11 sing N N 267 
ILE CD1 HD12 sing N N 268 
ILE CD1 HD13 sing N N 269 
ILE OXT HXT  sing N N 270 
LEU N   CA   sing N N 271 
LEU N   H    sing N N 272 
LEU N   H2   sing N N 273 
LEU CA  C    sing N N 274 
LEU CA  CB   sing N N 275 
LEU CA  HA   sing N N 276 
LEU C   O    doub N N 277 
LEU C   OXT  sing N N 278 
LEU CB  CG   sing N N 279 
LEU CB  HB2  sing N N 280 
LEU CB  HB3  sing N N 281 
LEU CG  CD1  sing N N 282 
LEU CG  CD2  sing N N 283 
LEU CG  HG   sing N N 284 
LEU CD1 HD11 sing N N 285 
LEU CD1 HD12 sing N N 286 
LEU CD1 HD13 sing N N 287 
LEU CD2 HD21 sing N N 288 
LEU CD2 HD22 sing N N 289 
LEU CD2 HD23 sing N N 290 
LEU OXT HXT  sing N N 291 
LYS N   CA   sing N N 292 
LYS N   H    sing N N 293 
LYS N   H2   sing N N 294 
LYS CA  C    sing N N 295 
LYS CA  CB   sing N N 296 
LYS CA  HA   sing N N 297 
LYS C   O    doub N N 298 
LYS C   OXT  sing N N 299 
LYS CB  CG   sing N N 300 
LYS CB  HB2  sing N N 301 
LYS CB  HB3  sing N N 302 
LYS CG  CD   sing N N 303 
LYS CG  HG2  sing N N 304 
LYS CG  HG3  sing N N 305 
LYS CD  CE   sing N N 306 
LYS CD  HD2  sing N N 307 
LYS CD  HD3  sing N N 308 
LYS CE  NZ   sing N N 309 
LYS CE  HE2  sing N N 310 
LYS CE  HE3  sing N N 311 
LYS NZ  HZ1  sing N N 312 
LYS NZ  HZ2  sing N N 313 
LYS NZ  HZ3  sing N N 314 
LYS OXT HXT  sing N N 315 
MET N   CA   sing N N 316 
MET N   H    sing N N 317 
MET N   H2   sing N N 318 
MET CA  C    sing N N 319 
MET CA  CB   sing N N 320 
MET CA  HA   sing N N 321 
MET C   O    doub N N 322 
MET C   OXT  sing N N 323 
MET CB  CG   sing N N 324 
MET CB  HB2  sing N N 325 
MET CB  HB3  sing N N 326 
MET CG  SD   sing N N 327 
MET CG  HG2  sing N N 328 
MET CG  HG3  sing N N 329 
MET SD  CE   sing N N 330 
MET CE  HE1  sing N N 331 
MET CE  HE2  sing N N 332 
MET CE  HE3  sing N N 333 
MET OXT HXT  sing N N 334 
PHE N   CA   sing N N 335 
PHE N   H    sing N N 336 
PHE N   H2   sing N N 337 
PHE CA  C    sing N N 338 
PHE CA  CB   sing N N 339 
PHE CA  HA   sing N N 340 
PHE C   O    doub N N 341 
PHE C   OXT  sing N N 342 
PHE CB  CG   sing N N 343 
PHE CB  HB2  sing N N 344 
PHE CB  HB3  sing N N 345 
PHE CG  CD1  doub Y N 346 
PHE CG  CD2  sing Y N 347 
PHE CD1 CE1  sing Y N 348 
PHE CD1 HD1  sing N N 349 
PHE CD2 CE2  doub Y N 350 
PHE CD2 HD2  sing N N 351 
PHE CE1 CZ   doub Y N 352 
PHE CE1 HE1  sing N N 353 
PHE CE2 CZ   sing Y N 354 
PHE CE2 HE2  sing N N 355 
PHE CZ  HZ   sing N N 356 
PHE OXT HXT  sing N N 357 
PRO N   CA   sing N N 358 
PRO N   CD   sing N N 359 
PRO N   H    sing N N 360 
PRO CA  C    sing N N 361 
PRO CA  CB   sing N N 362 
PRO CA  HA   sing N N 363 
PRO C   O    doub N N 364 
PRO C   OXT  sing N N 365 
PRO CB  CG   sing N N 366 
PRO CB  HB2  sing N N 367 
PRO CB  HB3  sing N N 368 
PRO CG  CD   sing N N 369 
PRO CG  HG2  sing N N 370 
PRO CG  HG3  sing N N 371 
PRO CD  HD2  sing N N 372 
PRO CD  HD3  sing N N 373 
PRO OXT HXT  sing N N 374 
SER N   CA   sing N N 375 
SER N   H    sing N N 376 
SER N   H2   sing N N 377 
SER CA  C    sing N N 378 
SER CA  CB   sing N N 379 
SER CA  HA   sing N N 380 
SER C   O    doub N N 381 
SER C   OXT  sing N N 382 
SER CB  OG   sing N N 383 
SER CB  HB2  sing N N 384 
SER CB  HB3  sing N N 385 
SER OG  HG   sing N N 386 
SER OXT HXT  sing N N 387 
THR N   CA   sing N N 388 
THR N   H    sing N N 389 
THR N   H2   sing N N 390 
THR CA  C    sing N N 391 
THR CA  CB   sing N N 392 
THR CA  HA   sing N N 393 
THR C   O    doub N N 394 
THR C   OXT  sing N N 395 
THR CB  OG1  sing N N 396 
THR CB  CG2  sing N N 397 
THR CB  HB   sing N N 398 
THR OG1 HG1  sing N N 399 
THR CG2 HG21 sing N N 400 
THR CG2 HG22 sing N N 401 
THR CG2 HG23 sing N N 402 
THR OXT HXT  sing N N 403 
TRP N   CA   sing N N 404 
TRP N   H    sing N N 405 
TRP N   H2   sing N N 406 
TRP CA  C    sing N N 407 
TRP CA  CB   sing N N 408 
TRP CA  HA   sing N N 409 
TRP C   O    doub N N 410 
TRP C   OXT  sing N N 411 
TRP CB  CG   sing N N 412 
TRP CB  HB2  sing N N 413 
TRP CB  HB3  sing N N 414 
TRP CG  CD1  doub Y N 415 
TRP CG  CD2  sing Y N 416 
TRP CD1 NE1  sing Y N 417 
TRP CD1 HD1  sing N N 418 
TRP CD2 CE2  doub Y N 419 
TRP CD2 CE3  sing Y N 420 
TRP NE1 CE2  sing Y N 421 
TRP NE1 HE1  sing N N 422 
TRP CE2 CZ2  sing Y N 423 
TRP CE3 CZ3  doub Y N 424 
TRP CE3 HE3  sing N N 425 
TRP CZ2 CH2  doub Y N 426 
TRP CZ2 HZ2  sing N N 427 
TRP CZ3 CH2  sing Y N 428 
TRP CZ3 HZ3  sing N N 429 
TRP CH2 HH2  sing N N 430 
TRP OXT HXT  sing N N 431 
TYR N   CA   sing N N 432 
TYR N   H    sing N N 433 
TYR N   H2   sing N N 434 
TYR CA  C    sing N N 435 
TYR CA  CB   sing N N 436 
TYR CA  HA   sing N N 437 
TYR C   O    doub N N 438 
TYR C   OXT  sing N N 439 
TYR CB  CG   sing N N 440 
TYR CB  HB2  sing N N 441 
TYR CB  HB3  sing N N 442 
TYR CG  CD1  doub Y N 443 
TYR CG  CD2  sing Y N 444 
TYR CD1 CE1  sing Y N 445 
TYR CD1 HD1  sing N N 446 
TYR CD2 CE2  doub Y N 447 
TYR CD2 HD2  sing N N 448 
TYR CE1 CZ   doub Y N 449 
TYR CE1 HE1  sing N N 450 
TYR CE2 CZ   sing Y N 451 
TYR CE2 HE2  sing N N 452 
TYR CZ  OH   sing N N 453 
TYR OH  HH   sing N N 454 
TYR OXT HXT  sing N N 455 
VAL N   CA   sing N N 456 
VAL N   H    sing N N 457 
VAL N   H2   sing N N 458 
VAL CA  C    sing N N 459 
VAL CA  CB   sing N N 460 
VAL CA  HA   sing N N 461 
VAL C   O    doub N N 462 
VAL C   OXT  sing N N 463 
VAL CB  CG1  sing N N 464 
VAL CB  CG2  sing N N 465 
VAL CB  HB   sing N N 466 
VAL CG1 HG11 sing N N 467 
VAL CG1 HG12 sing N N 468 
VAL CG1 HG13 sing N N 469 
VAL CG2 HG21 sing N N 470 
VAL CG2 HG22 sing N N 471 
VAL CG2 HG23 sing N N 472 
VAL OXT HXT  sing N N 473 
# 
_atom_sites.entry_id                    4RLR 
_atom_sites.fract_transf_matrix[1][1]   -0.00019370 
_atom_sites.fract_transf_matrix[1][2]   0.01297478 
_atom_sites.fract_transf_matrix[1][3]   0.00900553 
_atom_sites.fract_transf_matrix[2][1]   -0.01109843 
_atom_sites.fract_transf_matrix[2][2]   0.00629590 
_atom_sites.fract_transf_matrix[2][3]   -0.00930959 
_atom_sites.fract_transf_matrix[3][1]   -0.00904150 
_atom_sites.fract_transf_matrix[3][2]   -0.00518333 
_atom_sites.fract_transf_matrix[3][3]   0.00727345 
_atom_sites.fract_transf_vector[1]      0.494055 
_atom_sites.fract_transf_vector[2]      0.243969 
_atom_sites.fract_transf_vector[3]      0.426073 
# 
loop_
_atom_type.symbol 
AS 
C  
FE 
N  
O  
S  
ZN 
# 
loop_
_atom_site.group_PDB 
_atom_site.id 
_atom_site.type_symbol 
_atom_site.label_atom_id 
_atom_site.label_alt_id 
_atom_site.label_comp_id 
_atom_site.label_asym_id 
_atom_site.label_entity_id 
_atom_site.label_seq_id 
_atom_site.pdbx_PDB_ins_code 
_atom_site.Cartn_x 
_atom_site.Cartn_y 
_atom_site.Cartn_z 
_atom_site.occupancy 
_atom_site.B_iso_or_equiv 
_atom_site.pdbx_formal_charge 
_atom_site.auth_seq_id 
_atom_site.auth_comp_id 
_atom_site.auth_asym_id 
_atom_site.auth_atom_id 
_atom_site.pdbx_PDB_model_num 
ATOM   1    N  N   . GLY A 1 1   ? 7.292   4.765   -20.549 1.00   41.53 ? 1   GLY A N   1 
ATOM   2    C  CA  . GLY A 1 1   ? 7.371   5.858   -19.523 1.00   37.33 ? 1   GLY A CA  1 
ATOM   3    C  C   . GLY A 1 1   ? 6.602   5.540   -18.244 1.00   39.87 ? 1   GLY A C   1 
ATOM   4    O  O   . GLY A 1 1   ? 7.219   5.041   -17.269 1.00   39.21 ? 1   GLY A O   1 
ATOM   5    N  N   . GLU A 1 2   ? 5.287   5.835   -18.266 1.00   34.88 ? 2   GLU A N   1 
ATOM   6    C  CA  . GLU A 1 2   ? 4.350   5.661   -17.132 1.00   34.86 ? 2   GLU A CA  1 
ATOM   7    C  C   . GLU A 1 2   ? 4.683   4.488   -16.231 1.00   29.30 ? 2   GLU A C   1 
ATOM   8    O  O   . GLU A 1 2   ? 5.115   3.439   -16.684 1.00   32.32 ? 2   GLU A O   1 
ATOM   9    C  CB  . GLU A 1 2   ? 2.898   5.470   -17.599 1.00   31.55 ? 2   GLU A CB  1 
ATOM   10   N  N   . VAL A 1 3   ? 4.411   4.696   -14.955 1.00   27.16 ? 3   VAL A N   1 
ATOM   11   C  CA  . VAL A 1 3   ? 4.775   3.780   -13.898 1.00   28.42 ? 3   VAL A CA  1 
ATOM   12   C  C   . VAL A 1 3   ? 3.626   2.813   -13.691 1.00   28.24 ? 3   VAL A C   1 
ATOM   13   O  O   . VAL A 1 3   ? 2.461   3.241   -13.515 1.00   24.38 ? 3   VAL A O   1 
ATOM   14   C  CB  . VAL A 1 3   ? 5.014   4.552   -12.616 1.00   26.63 ? 3   VAL A CB  1 
ATOM   15   C  CG1 . VAL A 1 3   ? 5.279   3.588   -11.428 1.00   26.55 ? 3   VAL A CG1 1 
ATOM   16   C  CG2 . VAL A 1 3   ? 6.170   5.484   -12.810 1.00   32.51 ? 3   VAL A CG2 1 
ATOM   17   N  N   . THR A 1 4   ? 3.958   1.524   -13.717 1.00   25.11 ? 4   THR A N   1 
ATOM   18   C  CA  . THR A 1 4   ? 2.952   0.473   -13.689 1.00   25.69 ? 4   THR A CA  1 
ATOM   19   C  C   . THR A 1 4   ? 3.239   -0.599  -12.632 1.00   24.47 ? 4   THR A C   1 
ATOM   20   O  O   . THR A 1 4   ? 4.335   -0.704  -12.095 1.00   25.02 ? 4   THR A O   1 
ATOM   21   C  CB  . THR A 1 4   ? 2.827   -0.233  -15.055 1.00   26.03 ? 4   THR A CB  1 
ATOM   22   O  OG1 . THR A 1 4   ? 3.964   -1.069  -15.269 1.00   21.09 ? 4   THR A OG1 1 
ATOM   23   C  CG2 . THR A 1 4   ? 2.683   0.798   -16.199 1.00   29.02 ? 4   THR A CG2 1 
ATOM   24   N  N   . TYR A 1 5   ? 2.229   -1.406  -12.362 1.00   26.03 ? 5   TYR A N   1 
ATOM   25   C  CA  . TYR A 1 5   ? 2.342   -2.455  -11.367 1.00   23.27 ? 5   TYR A CA  1 
ATOM   26   C  C   . TYR A 1 5   ? 3.376   -3.473  -11.811 1.00   20.29 ? 5   TYR A C   1 
ATOM   27   O  O   . TYR A 1 5   ? 4.255   -3.823  -11.046 1.00   20.71 ? 5   TYR A O   1 
ATOM   28   C  CB  . TYR A 1 5   ? 0.981   -3.119  -11.162 1.00   22.29 ? 5   TYR A CB  1 
ATOM   29   C  CG  . TYR A 1 5   ? 1.044   -4.293  -10.251 1.00   19.82 ? 5   TYR A CG  1 
ATOM   30   C  CD1 . TYR A 1 5   ? 1.082   -4.109  -8.879  1.00   20.06 ? 5   TYR A CD1 1 
ATOM   31   C  CD2 . TYR A 1 5   ? 1.071   -5.579  -10.747 1.00   19.94 ? 5   TYR A CD2 1 
ATOM   32   C  CE1 . TYR A 1 5   ? 1.152   -5.178  -8.026  1.00   20.76 ? 5   TYR A CE1 1 
ATOM   33   C  CE2 . TYR A 1 5   ? 1.134   -6.657  -9.899  1.00   20.53 ? 5   TYR A CE2 1 
ATOM   34   C  CZ  . TYR A 1 5   ? 1.196   -6.445  -8.543  1.00   19.06 ? 5   TYR A CZ  1 
ATOM   35   O  OH  . TYR A 1 5   ? 1.247   -7.486  -7.683  1.00   20.78 ? 5   TYR A OH  1 
ATOM   36   N  N   . ARG A 1 6   ? 3.289   -3.925  -13.063 1.00   21.93 ? 6   ARG A N   1 
ATOM   37   C  CA  . ARG A 1 6   ? 4.181   -4.968  -13.548 1.00   22.94 ? 6   ARG A CA  1 
ATOM   38   C  C   . ARG A 1 6   ? 5.639   -4.503  -13.630 1.00   26.08 ? 6   ARG A C   1 
ATOM   39   O  O   . ARG A 1 6   ? 6.539   -5.254  -13.308 1.00   23.89 ? 6   ARG A O   1 
ATOM   40   C  CB  . ARG A 1 6   ? 3.745   -5.465  -14.927 1.00   24.46 ? 6   ARG A CB  1 
ATOM   41   C  CG  . ARG A 1 6   ? 2.532   -6.358  -14.904 1.00   27.96 ? 6   ARG A CG  1 
ATOM   42   C  CD  . ARG A 1 6   ? 2.014   -6.615  -16.276 1.00   28.72 ? 6   ARG A CD  1 
ATOM   43   N  NE  . ARG A 1 6   ? 1.420   -5.398  -16.791 1.00   30.38 ? 6   ARG A NE  1 
ATOM   44   C  CZ  . ARG A 1 6   ? 0.979   -5.244  -18.027 1.00   34.67 ? 6   ARG A CZ  1 
ATOM   45   N  NH1 . ARG A 1 6   ? 1.068   -6.254  -18.901 1.00   37.81 ? 6   ARG A NH1 1 
ATOM   46   N  NH2 . ARG A 1 6   ? 0.431   -4.086  -18.373 1.00   32.07 ? 6   ARG A NH2 1 
ATOM   47   N  N   . LYS A 1 7   ? 5.862   -3.273  -14.070 1.00   26.67 ? 7   LYS A N   1 
ATOM   48   C  CA  . LYS A 1 7   ? 7.221   -2.829  -14.375 1.00   28.22 ? 7   LYS A CA  1 
ATOM   49   C  C   . LYS A 1 7   ? 7.930   -2.258  -13.148 1.00   27.03 ? 7   LYS A C   1 
ATOM   50   O  O   . LYS A 1 7   ? 9.126   -2.478  -12.971 1.00   27.98 ? 7   LYS A O   1 
ATOM   51   C  CB  . LYS A 1 7   ? 7.208   -1.815  -15.518 1.00   26.30 ? 7   LYS A CB  1 
ATOM   52   N  N   . ASP A 1 8   ? 7.172   -1.619  -12.260 1.00   25.10 ? 8   ASP A N   1 
ATOM   53   C  CA  . ASP A 1 8   ? 7.749   -0.801  -11.199 1.00   27.00 ? 8   ASP A CA  1 
ATOM   54   C  C   . ASP A 1 8   ? 7.316   -1.137  -9.759  1.00   25.88 ? 8   ASP A C   1 
ATOM   55   O  O   . ASP A 1 8   ? 8.119   -1.035  -8.825  1.00   26.76 ? 8   ASP A O   1 
ATOM   56   C  CB  . ASP A 1 8   ? 7.424   0.652   -11.483 1.00   24.76 ? 8   ASP A CB  1 
ATOM   57   C  CG  . ASP A 1 8   ? 7.726   1.050   -12.935 1.00   30.63 ? 8   ASP A CG  1 
ATOM   58   O  OD1 . ASP A 1 8   ? 8.906   1.209   -13.267 1.00   30.23 ? 8   ASP A OD1 1 
ATOM   59   O  OD2 . ASP A 1 8   ? 6.790   1.183   -13.754 1.00   30.68 ? 8   ASP A OD2 1 
ATOM   60   N  N   . ILE A 1 9   ? 6.050   -1.462  -9.543  1.00   23.93 ? 9   ILE A N   1 
ATOM   61   C  CA  . ILE A 1 9   ? 5.594   -1.697  -8.176  1.00   24.23 ? 9   ILE A CA  1 
ATOM   62   C  C   . ILE A 1 9   ? 5.909   -3.118  -7.716  1.00   21.87 ? 9   ILE A C   1 
ATOM   63   O  O   . ILE A 1 9   ? 6.471   -3.305  -6.651  1.00   21.96 ? 9   ILE A O   1 
ATOM   64   C  CB  . ILE A 1 9   ? 4.106   -1.368  -8.028  1.00   22.58 ? 9   ILE A CB  1 
ATOM   65   C  CG1 . ILE A 1 9   ? 3.902   0.135   -8.215  1.00   22.39 ? 9   ILE A CG1 1 
ATOM   66   C  CG2 . ILE A 1 9   ? 3.546   -1.818  -6.666  1.00   21.70 ? 9   ILE A CG2 1 
ATOM   67   C  CD1 . ILE A 1 9   ? 4.688   1.037   -7.261  1.00   21.90 ? 9   ILE A CD1 1 
ATOM   68   N  N   . LYS A 1 10  ? 5.570   -4.109  -8.525  1.00   21.51 ? 10  LYS A N   1 
ATOM   69   C  CA  . LYS A 1 10  ? 5.704   -5.494  -8.081  1.00   24.35 ? 10  LYS A CA  1 
ATOM   70   C  C   . LYS A 1 10  ? 7.162   -5.877  -7.704  1.00   22.59 ? 10  LYS A C   1 
ATOM   71   O  O   . LYS A 1 10  ? 7.386   -6.521  -6.690  1.00   20.68 ? 10  LYS A O   1 
ATOM   72   C  CB  . LYS A 1 10  ? 5.113   -6.434  -9.128  1.00   22.42 ? 10  LYS A CB  1 
ATOM   73   C  CG  . LYS A 1 10  ? 5.447   -7.878  -8.964  1.00   27.60 ? 10  LYS A CG  1 
ATOM   74   C  CD  . LYS A 1 10  ? 4.768   -8.693  -10.064 1.00   28.83 ? 10  LYS A CD  1 
ATOM   75   C  CE  . LYS A 1 10  ? 5.113   -10.178 -9.969  1.00   36.32 ? 10  LYS A CE  1 
ATOM   76   N  NZ  . LYS A 1 10  ? 4.928   -10.716 -8.570  1.00   29.86 ? 10  LYS A NZ  1 
ATOM   77   N  N   . PRO A 1 11  ? 8.148   -5.462  -8.515  1.00   24.79 ? 11  PRO A N   1 
ATOM   78   C  CA  . PRO A 1 11  ? 9.535   -5.702  -8.113  1.00   26.87 ? 11  PRO A CA  1 
ATOM   79   C  C   . PRO A 1 11  ? 9.853   -5.165  -6.696  1.00   25.52 ? 11  PRO A C   1 
ATOM   80   O  O   . PRO A 1 11  ? 10.451  -5.897  -5.916  1.00   25.14 ? 11  PRO A O   1 
ATOM   81   C  CB  . PRO A 1 11  ? 10.333  -4.947  -9.178  1.00   29.98 ? 11  PRO A CB  1 
ATOM   82   C  CG  . PRO A 1 11  ? 9.463   -4.934  -10.357 1.00   27.11 ? 11  PRO A CG  1 
ATOM   83   C  CD  . PRO A 1 11  ? 8.074   -4.754  -9.800  1.00   26.31 ? 11  PRO A CD  1 
ATOM   84   N  N   . ILE A 1 12  ? 9.413   -3.942  -6.368  1.00   24.08 ? 12  ILE A N   1 
ATOM   85   C  CA  . ILE A 1 12  ? 9.623   -3.381  -5.035  1.00   25.39 ? 12  ILE A CA  1 
ATOM   86   C  C   . ILE A 1 12  ? 8.843   -4.182  -3.998  1.00   23.07 ? 12  ILE A C   1 
ATOM   87   O  O   . ILE A 1 12  ? 9.395   -4.616  -2.994  1.00   23.92 ? 12  ILE A O   1 
ATOM   88   C  CB  . ILE A 1 12  ? 9.186   -1.879  -4.945  1.00   22.35 ? 12  ILE A CB  1 
ATOM   89   C  CG1 . ILE A 1 12  ? 10.038  -1.024  -5.888  1.00   26.87 ? 12  ILE A CG1 1 
ATOM   90   C  CG2 . ILE A 1 12  ? 9.321   -1.365  -3.534  1.00   21.71 ? 12  ILE A CG2 1 
ATOM   91   C  CD1 . ILE A 1 12  ? 9.505   0.350   -6.113  1.00   27.78 ? 12  ILE A CD1 1 
ATOM   92   N  N   . PHE A 1 13  ? 7.551   -4.369  -4.254  1.00   22.67 ? 13  PHE A N   1 
ATOM   93   C  CA  . PHE A 1 13  ? 6.696   -5.055  -3.310  1.00   21.03 ? 13  PHE A CA  1 
ATOM   94   C  C   . PHE A 1 13  ? 7.226   -6.443  -2.987  1.00   22.01 ? 13  PHE A C   1 
ATOM   95   O  O   . PHE A 1 13  ? 7.236   -6.837  -1.825  1.00   20.95 ? 13  PHE A O   1 
ATOM   96   C  CB  . PHE A 1 13  ? 5.258   -5.153  -3.834  1.00   22.55 ? 13  PHE A CB  1 
ATOM   97   C  CG  . PHE A 1 13  ? 4.306   -5.658  -2.808  1.00   21.39 ? 13  PHE A CG  1 
ATOM   98   C  CD1 . PHE A 1 13  ? 4.126   -7.022  -2.630  1.00   22.30 ? 13  PHE A CD1 1 
ATOM   99   C  CD2 . PHE A 1 13  ? 3.641   -4.776  -1.982  1.00   19.49 ? 13  PHE A CD2 1 
ATOM   100  C  CE1 . PHE A 1 13  ? 3.272   -7.508  -1.654  1.00   20.58 ? 13  PHE A CE1 1 
ATOM   101  C  CE2 . PHE A 1 13  ? 2.782   -5.246  -0.992  1.00   22.64 ? 13  PHE A CE2 1 
ATOM   102  C  CZ  . PHE A 1 13  ? 2.611   -6.632  -0.827  1.00   21.47 ? 13  PHE A CZ  1 
ATOM   103  N  N   . ASP A 1 14  ? 7.642   -7.196  -4.006  1.00   20.88 ? 14  ASP A N   1 
ATOM   104  C  CA  . ASP A 1 14  ? 8.160   -8.556  -3.782  1.00   21.97 ? 14  ASP A CA  1 
ATOM   105  C  C   . ASP A 1 14  ? 9.337   -8.617  -2.817  1.00   20.37 ? 14  ASP A C   1 
ATOM   106  O  O   . ASP A 1 14  ? 9.483   -9.589  -2.093  1.00   22.61 ? 14  ASP A O   1 
ATOM   107  C  CB  . ASP A 1 14  ? 8.527   -9.236  -5.107  1.00   25.15 ? 14  ASP A CB  1 
ATOM   108  C  CG  . ASP A 1 14  ? 7.280   -9.659  -5.902  1.00   28.30 ? 14  ASP A CG  1 
ATOM   109  O  OD1 . ASP A 1 14  ? 6.183   -9.621  -5.309  1.00   27.76 ? 14  ASP A OD1 1 
ATOM   110  O  OD2 . ASP A 1 14  ? 7.388   -10.049 -7.085  1.00   31.98 ? 14  ASP A OD2 1 
ATOM   111  N  N   . VAL A 1 15  ? 10.182  -7.595  -2.826  1.00   22.87 ? 15  VAL A N   1 
ATOM   112  C  CA  . VAL A 1 15  ? 11.300  -7.510  -1.910  1.00   23.49 ? 15  VAL A CA  1 
ATOM   113  C  C   . VAL A 1 15  ? 10.853  -6.978  -0.551  1.00   19.74 ? 15  VAL A C   1 
ATOM   114  O  O   . VAL A 1 15  ? 11.085  -7.609  0.472   1.00   22.10 ? 15  VAL A O   1 
ATOM   115  C  CB  . VAL A 1 15  ? 12.435  -6.567  -2.438  1.00   21.07 ? 15  VAL A CB  1 
ATOM   116  C  CG1 . VAL A 1 15  ? 13.497  -6.337  -1.367  1.00   23.99 ? 15  VAL A CG1 1 
ATOM   117  C  CG2 . VAL A 1 15  ? 13.091  -7.132  -3.645  1.00   21.74 ? 15  VAL A CG2 1 
ATOM   118  N  N   . ARG A 1 16  ? 10.227  -5.815  -0.558  1.00   19.04 ? 16  ARG A N   1 
ATOM   119  C  CA  . ARG A 1 16  ? 10.080  -5.022  0.657   1.00   21.85 ? 16  ARG A CA  1 
ATOM   120  C  C   . ARG A 1 16  ? 8.820   -5.255  1.487   1.00   20.66 ? 16  ARG A C   1 
ATOM   121  O  O   . ARG A 1 16  ? 8.763   -4.793  2.635   1.00   19.75 ? 16  ARG A O   1 
ATOM   122  C  CB  . ARG A 1 16  ? 10.189  -3.544  0.281   1.00   22.96 ? 16  ARG A CB  1 
ATOM   123  C  CG  . ARG A 1 16  ? 11.472  -3.253  -0.506  1.00   23.99 ? 16  ARG A CG  1 
ATOM   124  C  CD  . ARG A 1 16  ? 12.052  -1.912  -0.178  1.00   27.14 ? 16  ARG A CD  1 
ATOM   125  N  NE  . ARG A 1 16  ? 12.926  -1.942  1.004   1.00   29.05 ? 16  ARG A NE  1 
ATOM   126  C  CZ  . ARG A 1 16  ? 14.232  -2.236  0.981   1.00   27.64 ? 16  ARG A CZ  1 
ATOM   127  N  NH1 . ARG A 1 16  ? 14.863  -2.546  -0.148  1.00   25.85 ? 16  ARG A NH1 1 
ATOM   128  N  NH2 . ARG A 1 16  ? 14.913  -2.216  2.105   1.00   28.50 ? 16  ARG A NH2 1 
ATOM   129  N  N   . CYS A 1 17  ? 7.838   -5.972  0.935   1.00   16.63 ? 17  CYS A N   1 
ATOM   130  C  CA  . CYS A 1 17  ? 6.503   -6.021  1.538   1.00   18.48 ? 17  CYS A CA  1 
ATOM   131  C  C   . CYS A 1 17  ? 5.902   -7.432  1.613   1.00   19.37 ? 17  CYS A C   1 
ATOM   132  O  O   . CYS A 1 17  ? 5.170   -7.747  2.539   1.00   19.68 ? 17  CYS A O   1 
ATOM   133  C  CB  . CYS A 1 17  ? 5.540   -5.142  0.726   1.00   18.06 ? 17  CYS A CB  1 
ATOM   134  S  SG  . CYS A 1 17  ? 6.165   -3.553  0.193   1.00   22.18 ? 17  CYS A SG  1 
ATOM   135  N  N   . ALA A 1 18  ? 6.246   -8.275  0.645   1.00   18.95 ? 18  ALA A N   1 
ATOM   136  C  CA  . ALA A 1 18  ? 5.666   -9.605  0.495   1.00   22.99 ? 18  ALA A CA  1 
ATOM   137  C  C   . ALA A 1 18  ? 6.017   -10.552 1.624   1.00   20.61 ? 18  ALA A C   1 
ATOM   138  O  O   . ALA A 1 18  ? 5.331   -11.548 1.815   1.00   21.33 ? 18  ALA A O   1 
ATOM   139  C  CB  . ALA A 1 18  ? 6.087   -10.224 -0.836  1.00   21.31 ? 18  ALA A CB  1 
ATOM   140  N  N   . GLY A 1 19  ? 7.084   -10.252 2.355   1.00   22.98 ? 19  GLY A N   1 
ATOM   141  C  CA  . GLY A 1 19  ? 7.440   -11.041 3.519   1.00   23.10 ? 19  GLY A CA  1 
ATOM   142  C  C   . GLY A 1 19  ? 6.307   -11.172 4.531   1.00   21.70 ? 19  GLY A C   1 
ATOM   143  O  O   . GLY A 1 19  ? 6.207   -12.159 5.260   1.00   22.25 ? 19  GLY A O   1 
ATOM   144  N  N   . CYS A 1 20  ? 5.452   -10.161 4.591   1.00   22.59 ? 20  CYS A N   1 
ATOM   145  C  CA  . CYS A 1 20  ? 4.406   -10.062 5.638   1.00   19.08 ? 20  CYS A CA  1 
ATOM   146  C  C   . CYS A 1 20  ? 3.045   -9.872  4.989   1.00   17.56 ? 20  CYS A C   1 
ATOM   147  O  O   . CYS A 1 20  ? 2.019   -9.763  5.668   1.00   18.53 ? 20  CYS A O   1 
ATOM   148  C  CB  . CYS A 1 20  ? 4.694   -8.873  6.563   1.00   21.22 ? 20  CYS A CB  1 
ATOM   149  S  SG  . CYS A 1 20  ? 6.271   -8.900  7.355   1.00   24.34 ? 20  CYS A SG  1 
ATOM   150  N  N   . HIS A 1 21  ? 3.039   -9.776  3.666   1.00   18.20 ? 21  HIS A N   1 
ATOM   151  C  CA  . HIS A 1 21  ? 1.812   -9.521  2.933   1.00   18.55 ? 21  HIS A CA  1 
ATOM   152  C  C   . HIS A 1 21  ? 1.659   -10.488 1.743   1.00   18.48 ? 21  HIS A C   1 
ATOM   153  O  O   . HIS A 1 21  ? 0.993   -10.161 0.774   1.00   16.47 ? 21  HIS A O   1 
ATOM   154  C  CB  . HIS A 1 21  ? 1.751   -8.073  2.444   1.00   17.26 ? 21  HIS A CB  1 
ATOM   155  C  CG  . HIS A 1 21  ? 1.587   -7.045  3.525   1.00   17.72 ? 21  HIS A CG  1 
ATOM   156  N  ND1 . HIS A 1 21  ? 0.404   -6.850  4.200   1.00   17.26 ? 21  HIS A ND1 1 
ATOM   157  C  CD2 . HIS A 1 21  ? 2.444   -6.116  4.006   1.00   17.79 ? 21  HIS A CD2 1 
ATOM   158  C  CE1 . HIS A 1 21  ? 0.545   -5.861  5.059   1.00   17.89 ? 21  HIS A CE1 1 
ATOM   159  N  NE2 . HIS A 1 21  ? 1.775   -5.389  4.959   1.00   15.51 ? 21  HIS A NE2 1 
ATOM   160  N  N   . GLY A 1 22  ? 2.269   -11.675 1.825   1.00   20.18 ? 22  GLY A N   1 
ATOM   161  C  CA  . GLY A 1 22  ? 2.144   -12.668 0.770   1.00   22.92 ? 22  GLY A CA  1 
ATOM   162  C  C   . GLY A 1 22  ? 1.506   -13.994 1.138   1.00   23.25 ? 22  GLY A C   1 
ATOM   163  O  O   . GLY A 1 22  ? 0.399   -14.045 1.661   1.00   25.57 ? 22  GLY A O   1 
ATOM   164  N  N   . ALA A 1 23  ? 2.197   -15.091 0.848   1.00   26.85 ? 23  ALA A N   1 
ATOM   165  C  CA  . ALA A 1 23  ? 1.617   -16.430 1.005   1.00   26.85 ? 23  ALA A CA  1 
ATOM   166  C  C   . ALA A 1 23  ? 1.298   -16.812 2.448   1.00   27.64 ? 23  ALA A C   1 
ATOM   167  O  O   . ALA A 1 23  ? 0.448   -17.674 2.675   1.00   27.46 ? 23  ALA A O   1 
ATOM   168  C  CB  . ALA A 1 23  ? 2.537   -17.470 0.417   1.00   29.13 ? 23  ALA A CB  1 
ATOM   169  N  N   . ASP A 1 24  ? 1.979   -16.186 3.408   1.00   25.25 ? 24  ASP A N   1 
ATOM   170  C  CA  . ASP A 1 24  ? 1.774   -16.509 4.813   1.00   25.74 ? 24  ASP A CA  1 
ATOM   171  C  C   . ASP A 1 24  ? 0.854   -15.550 5.545   1.00   25.38 ? 24  ASP A C   1 
ATOM   172  O  O   . ASP A 1 24  ? 0.661   -15.682 6.769   1.00   24.11 ? 24  ASP A O   1 
ATOM   173  C  CB  . ASP A 1 24  ? 3.106   -16.575 5.539   1.00   28.62 ? 24  ASP A CB  1 
ATOM   174  C  CG  . ASP A 1 24  ? 3.944   -17.747 5.073   1.00   33.82 ? 24  ASP A CG  1 
ATOM   175  O  OD1 . ASP A 1 24  ? 3.394   -18.863 4.947   1.00   32.73 ? 24  ASP A OD1 1 
ATOM   176  O  OD2 . ASP A 1 24  ? 5.136   -17.540 4.791   1.00   39.61 ? 24  ASP A OD2 1 
ATOM   177  N  N   . ALA A 1 25  ? 0.332   -14.572 4.806   1.00   21.22 ? 25  ALA A N   1 
ATOM   178  C  CA  . ALA A 1 25  ? -0.536  -13.540 5.361   1.00   21.11 ? 25  ALA A CA  1 
ATOM   179  C  C   . ALA A 1 25  ? -1.994  -13.951 5.190   1.00   23.44 ? 25  ALA A C   1 
ATOM   180  O  O   . ALA A 1 25  ? -2.291  -14.883 4.422   1.00   21.29 ? 25  ALA A O   1 
ATOM   181  C  CB  . ALA A 1 25  ? -0.292  -12.222 4.659   1.00   18.18 ? 25  ALA A CB  1 
ATOM   182  N  N   . ALA A 1 26  ? -2.885  -13.237 5.879   1.00   21.25 ? 26  ALA A N   1 
ATOM   183  C  CA  . ALA A 1 26  ? -4.316  -13.509 5.812   1.00   22.51 ? 26  ALA A CA  1 
ATOM   184  C  C   . ALA A 1 26  ? -4.765  -13.326 4.360   1.00   21.29 ? 26  ALA A C   1 
ATOM   185  O  O   . ALA A 1 26  ? -4.275  -12.433 3.682   1.00   19.13 ? 26  ALA A O   1 
ATOM   186  C  CB  . ALA A 1 26  ? -5.069  -12.593 6.760   1.00   22.79 ? 26  ALA A CB  1 
ATOM   187  N  N   . PRO A 1 27  ? -5.654  -14.201 3.865   1.00   19.60 ? 27  PRO A N   1 
ATOM   188  C  CA  . PRO A 1 27  ? -5.986  -14.187 2.441   1.00   23.12 ? 27  PRO A CA  1 
ATOM   189  C  C   . PRO A 1 27  ? -6.677  -12.894 1.987   1.00   19.70 ? 27  PRO A C   1 
ATOM   190  O  O   . PRO A 1 27  ? -6.617  -12.565 0.813   1.00   20.33 ? 27  PRO A O   1 
ATOM   191  C  CB  . PRO A 1 27  ? -6.972  -15.347 2.283   1.00   22.44 ? 27  PRO A CB  1 
ATOM   192  C  CG  . PRO A 1 27  ? -6.949  -16.089 3.566   1.00   26.96 ? 27  PRO A CG  1 
ATOM   193  C  CD  . PRO A 1 27  ? -6.385  -15.238 4.610   1.00   24.77 ? 27  PRO A CD  1 
ATOM   194  N  N   . GLU A 1 28  ? -7.323  -12.192 2.914   1.00   19.24 ? 28  GLU A N   1 
ATOM   195  C  CA  . GLU A 1 28  ? -8.074  -10.993 2.593   1.00   17.61 ? 28  GLU A CA  1 
ATOM   196  C  C   . GLU A 1 28  ? -8.106  -10.144 3.855   1.00   20.43 ? 28  GLU A C   1 
ATOM   197  O  O   . GLU A 1 28  ? -7.907  -10.669 4.938   1.00   16.25 ? 28  GLU A O   1 
ATOM   198  C  CB  . GLU A 1 28  ? -9.518  -11.352 2.199   1.00   16.96 ? 28  GLU A CB  1 
ATOM   199  C  CG  . GLU A 1 28  ? -9.705  -12.198 0.938   1.00   20.83 ? 28  GLU A CG  1 
ATOM   200  C  CD  . GLU A 1 28  ? -9.256  -11.533 -0.377  1.00   17.02 ? 28  GLU A CD  1 
ATOM   201  O  OE1 . GLU A 1 28  ? -9.128  -10.282 -0.448  1.00   17.48 ? 28  GLU A OE1 1 
ATOM   202  O  OE2 . GLU A 1 28  ? -9.028  -12.289 -1.359  1.00   18.67 ? 28  GLU A OE2 1 
ATOM   203  N  N   . TYR A 1 29  ? -8.409  -8.856  3.714   1.00   19.46 ? 29  TYR A N   1 
ATOM   204  C  CA  . TYR A 1 29  ? -8.495  -7.934  4.848   1.00   20.44 ? 29  TYR A CA  1 
ATOM   205  C  C   . TYR A 1 29  ? -9.396  -8.437  5.987   1.00   24.95 ? 29  TYR A C   1 
ATOM   206  O  O   . TYR A 1 29  ? -8.988  -8.467  7.143   1.00   22.07 ? 29  TYR A O   1 
ATOM   207  C  CB  . TYR A 1 29  ? -8.992  -6.565  4.393   1.00   22.96 ? 29  TYR A CB  1 
ATOM   208  C  CG  . TYR A 1 29  ? -9.020  -5.619  5.549   1.00   27.43 ? 29  TYR A CG  1 
ATOM   209  C  CD1 . TYR A 1 29  ? -7.832  -5.176  6.110   1.00   28.39 ? 29  TYR A CD1 1 
ATOM   210  C  CD2 . TYR A 1 29  ? -10.216 -5.244  6.154   1.00   30.13 ? 29  TYR A CD2 1 
ATOM   211  C  CE1 . TYR A 1 29  ? -7.825  -4.368  7.217   1.00   30.89 ? 29  TYR A CE1 1 
ATOM   212  C  CE2 . TYR A 1 29  ? -10.220 -4.408  7.288   1.00   34.17 ? 29  TYR A CE2 1 
ATOM   213  C  CZ  . TYR A 1 29  ? -9.021  -3.975  7.807   1.00   36.41 ? 29  TYR A CZ  1 
ATOM   214  O  OH  . TYR A 1 29  ? -8.975  -3.155  8.921   1.00   40.23 ? 29  TYR A OH  1 
ATOM   215  N  N   . HIS A 1 30  ? -10.624 -8.826  5.673   1.00   23.33 ? 30  HIS A N   1 
ATOM   216  C  CA  . HIS A 1 30  ? -11.560 -9.139  6.747   1.00   23.96 ? 30  HIS A CA  1 
ATOM   217  C  C   . HIS A 1 30  ? -11.184 -10.450 7.393   1.00   26.01 ? 30  HIS A C   1 
ATOM   218  O  O   . HIS A 1 30  ? -11.453 -10.644 8.574   1.00   25.06 ? 30  HIS A O   1 
ATOM   219  C  CB  . HIS A 1 30  ? -13.006 -9.086  6.273   1.00   25.45 ? 30  HIS A CB  1 
ATOM   220  C  CG  . HIS A 1 30  ? -13.603 -7.714  6.365   1.00   26.23 ? 30  HIS A CG  1 
ATOM   221  N  ND1 . HIS A 1 30  ? -14.145 -7.222  7.533   1.00   28.68 ? 30  HIS A ND1 1 
ATOM   222  C  CD2 . HIS A 1 30  ? -13.689 -6.709  5.464   1.00   27.50 ? 30  HIS A CD2 1 
ATOM   223  C  CE1 . HIS A 1 30  ? -14.565 -5.990  7.342   1.00   27.65 ? 30  HIS A CE1 1 
ATOM   224  N  NE2 . HIS A 1 30  ? -14.300 -5.654  6.095   1.00   31.77 ? 30  HIS A NE2 1 
ATOM   225  N  N   . ALA A 1 31  ? -10.492 -11.307 6.643   1.00   21.50 ? 31  ALA A N   1 
ATOM   226  C  CA  . ALA A 1 31  ? -9.900  -12.514 7.218   1.00   24.18 ? 31  ALA A CA  1 
ATOM   227  C  C   . ALA A 1 31  ? -8.909  -12.151 8.310   1.00   23.81 ? 31  ALA A C   1 
ATOM   228  O  O   . ALA A 1 31  ? -8.912  -12.761 9.369   1.00   26.61 ? 31  ALA A O   1 
ATOM   229  C  CB  . ALA A 1 31  ? -9.224  -13.354 6.146   1.00   23.73 ? 31  ALA A CB  1 
ATOM   230  N  N   . PHE A 1 32  ? -8.071  -11.147 8.059   1.00   23.37 ? 32  PHE A N   1 
ATOM   231  C  CA  . PHE A 1 32  ? -7.166  -10.619 9.090   1.00   23.22 ? 32  PHE A CA  1 
ATOM   232  C  C   . PHE A 1 32  ? -7.959  -10.022 10.278  1.00   24.02 ? 32  PHE A C   1 
ATOM   233  O  O   . PHE A 1 32  ? -7.769  -10.424 11.424  1.00   25.07 ? 32  PHE A O   1 
ATOM   234  C  CB  . PHE A 1 32  ? -6.201  -9.568  8.478   1.00   19.23 ? 32  PHE A CB  1 
ATOM   235  C  CG  . PHE A 1 32  ? -5.302  -8.900  9.504   1.00   22.22 ? 32  PHE A CG  1 
ATOM   236  C  CD1 . PHE A 1 32  ? -4.190  -9.554  10.002  1.00   21.61 ? 32  PHE A CD1 1 
ATOM   237  C  CD2 . PHE A 1 32  ? -5.587  -7.626  9.978   1.00   24.59 ? 32  PHE A CD2 1 
ATOM   238  C  CE1 . PHE A 1 32  ? -3.381  -8.961  10.960  1.00   22.01 ? 32  PHE A CE1 1 
ATOM   239  C  CE2 . PHE A 1 32  ? -4.772  -7.021  10.946  1.00   22.50 ? 32  PHE A CE2 1 
ATOM   240  C  CZ  . PHE A 1 32  ? -3.667  -7.697  11.426  1.00   23.28 ? 32  PHE A CZ  1 
ATOM   241  N  N   . LYS A 1 33  ? -8.859  -9.085  10.003  1.00   22.27 ? 33  LYS A N   1 
ATOM   242  C  CA  . LYS A 1 33  ? -9.556  -8.343  11.074  1.00   24.94 ? 33  LYS A CA  1 
ATOM   243  C  C   . LYS A 1 33  ? -10.329 -9.242  12.041  1.00   29.08 ? 33  LYS A C   1 
ATOM   244  O  O   . LYS A 1 33  ? -10.421 -8.940  13.243  1.00   31.80 ? 33  LYS A O   1 
ATOM   245  C  CB  . LYS A 1 33  ? -10.489 -7.287  10.488  1.00   26.07 ? 33  LYS A CB  1 
ATOM   246  N  N   . ALA A 1 34  ? -10.843 -10.351 11.526  1.00   24.64 ? 34  ALA A N   1 
ATOM   247  C  CA  . ALA A 1 34  ? -11.653 -11.291 12.299  1.00   31.55 ? 34  ALA A CA  1 
ATOM   248  C  C   . ALA A 1 34  ? -10.828 -12.214 13.199  1.00   27.95 ? 34  ALA A C   1 
ATOM   249  O  O   . ALA A 1 34  ? -11.334 -12.728 14.189  1.00   30.34 ? 34  ALA A O   1 
ATOM   250  C  CB  . ALA A 1 34  ? -12.499 -12.133 11.359  1.00   32.71 ? 34  ALA A CB  1 
ATOM   251  N  N   . GLU A 1 35  ? -9.575  -12.437 12.842  1.00   26.29 ? 35  GLU A N   1 
ATOM   252  C  CA  . GLU A 1 35  ? -8.683  -13.316 13.606  1.00   28.68 ? 35  GLU A CA  1 
ATOM   253  C  C   . GLU A 1 35  ? -7.272  -12.753 13.690  1.00   25.60 ? 35  GLU A C   1 
ATOM   254  O  O   . GLU A 1 35  ? -6.308  -13.415 13.276  1.00   23.76 ? 35  GLU A O   1 
ATOM   255  C  CB  . GLU A 1 35  ? -8.576  -14.680 12.959  1.00   28.47 ? 35  GLU A CB  1 
ATOM   256  C  CG  . GLU A 1 35  ? -9.847  -15.469 12.893  1.00   39.22 ? 35  GLU A CG  1 
ATOM   257  C  CD  . GLU A 1 35  ? -9.569  -16.882 12.417  1.00   44.48 ? 35  GLU A CD  1 
ATOM   258  O  OE1 . GLU A 1 35  ? -9.252  -17.741 13.275  1.00   54.11 ? 35  GLU A OE1 1 
ATOM   259  O  OE2 . GLU A 1 35  ? -9.643  -17.122 11.187  1.00   44.88 ? 35  GLU A OE2 1 
ATOM   260  N  N   . LYS A 1 36  ? -7.139  -11.555 14.250  1.00   26.66 ? 36  LYS A N   1 
ATOM   261  C  CA  . LYS A 1 36  ? -5.865  -10.856 14.174  1.00   25.14 ? 36  LYS A CA  1 
ATOM   262  C  C   . LYS A 1 36  ? -4.767  -11.636 14.871  1.00   24.62 ? 36  LYS A C   1 
ATOM   263  O  O   . LYS A 1 36  ? -3.679  -11.761 14.329  1.00   24.23 ? 36  LYS A O   1 
ATOM   264  C  CB  . LYS A 1 36  ? -5.938  -9.441  14.732  1.00   25.90 ? 36  LYS A CB  1 
ATOM   265  C  CG  . LYS A 1 36  ? -6.872  -8.518  13.992  1.00   26.70 ? 36  LYS A CG  1 
ATOM   266  C  CD  . LYS A 1 36  ? -6.869  -7.165  14.663  1.00   27.07 ? 36  LYS A CD  1 
ATOM   267  C  CE  . LYS A 1 36  ? -8.219  -6.784  15.250  1.00   29.65 ? 36  LYS A CE  1 
ATOM   268  N  NZ  . LYS A 1 36  ? -8.916  -5.769  14.395  1.00   41.39 ? 36  LYS A NZ  1 
ATOM   269  N  N   . GLU A 1 37  ? -5.054  -12.174 16.059  1.00   26.52 ? 37  GLU A N   1 
ATOM   270  C  CA  . GLU A 1 37  ? -4.015  -12.833 16.845  1.00   25.04 ? 37  GLU A CA  1 
ATOM   271  C  C   . GLU A 1 37  ? -3.313  -13.915 16.053  1.00   27.03 ? 37  GLU A C   1 
ATOM   272  O  O   . GLU A 1 37  ? -2.104  -14.102 16.185  1.00   29.47 ? 37  GLU A O   1 
ATOM   273  C  CB  . GLU A 1 37  ? -4.584  -13.412 18.149  1.00   28.22 ? 37  GLU A CB  1 
ATOM   274  C  CG  . GLU A 1 37  ? -3.516  -13.923 19.140  1.00   27.16 ? 37  GLU A CG  1 
ATOM   275  C  CD  . GLU A 1 37  ? -2.606  -12.835 19.704  1.00   26.03 ? 37  GLU A CD  1 
ATOM   276  O  OE1 . GLU A 1 37  ? -2.806  -11.641 19.426  1.00   24.92 ? 37  GLU A OE1 1 
ATOM   277  O  OE2 . GLU A 1 37  ? -1.657  -13.165 20.440  1.00   29.24 ? 37  GLU A OE2 1 
ATOM   278  N  N   . LYS A 1 38  ? -4.067  -14.651 15.249  1.00   26.30 ? 38  LYS A N   1 
ATOM   279  C  CA  . LYS A 1 38  ? -3.489  -15.743 14.471  1.00   26.27 ? 38  LYS A CA  1 
ATOM   280  C  C   . LYS A 1 38  ? -2.378  -15.213 13.579  1.00   27.22 ? 38  LYS A C   1 
ATOM   281  O  O   . LYS A 1 38  ? -1.268  -15.725 13.592  1.00   26.40 ? 38  LYS A O   1 
ATOM   282  C  CB  . LYS A 1 38  ? -4.579  -16.395 13.625  1.00   31.60 ? 38  LYS A CB  1 
ATOM   283  C  CG  . LYS A 1 38  ? -4.122  -17.455 12.632  1.00   32.91 ? 38  LYS A CG  1 
ATOM   284  C  CD  . LYS A 1 38  ? -5.344  -18.244 12.160  1.00   38.11 ? 38  LYS A CD  1 
ATOM   285  C  CE  . LYS A 1 38  ? -5.408  -18.380 10.658  1.00   37.93 ? 38  LYS A CE  1 
ATOM   286  N  NZ  . LYS A 1 38  ? -4.436  -19.370 10.099  1.00   46.46 ? 38  LYS A NZ  1 
ATOM   287  N  N   . TRP A 1 39  ? -2.671  -14.155 12.831  1.00   25.05 ? 39  TRP A N   1 
ATOM   288  C  CA  . TRP A 1 39  ? -1.700  -13.602 11.906  1.00   23.93 ? 39  TRP A CA  1 
ATOM   289  C  C   . TRP A 1 39  ? -0.592  -12.787 12.589  1.00   24.79 ? 39  TRP A C   1 
ATOM   290  O  O   . TRP A 1 39  ? 0.595   -12.925 12.255  1.00   23.43 ? 39  TRP A O   1 
ATOM   291  C  CB  . TRP A 1 39  ? -2.441  -12.767 10.844  1.00   22.34 ? 39  TRP A CB  1 
ATOM   292  C  CG  . TRP A 1 39  ? -3.549  -13.594 10.227  1.00   25.32 ? 39  TRP A CG  1 
ATOM   293  C  CD1 . TRP A 1 39  ? -4.889  -13.517 10.486  1.00   24.49 ? 39  TRP A CD1 1 
ATOM   294  C  CD2 . TRP A 1 39  ? -3.380  -14.664 9.312   1.00   27.68 ? 39  TRP A CD2 1 
ATOM   295  N  NE1 . TRP A 1 39  ? -5.563  -14.475 9.773   1.00   25.51 ? 39  TRP A NE1 1 
ATOM   296  C  CE2 . TRP A 1 39  ? -4.659  -15.176 9.022   1.00   29.12 ? 39  TRP A CE2 1 
ATOM   297  C  CE3 . TRP A 1 39  ? -2.268  -15.225 8.681   1.00   27.03 ? 39  TRP A CE3 1 
ATOM   298  C  CZ2 . TRP A 1 39  ? -4.853  -16.225 8.135   1.00   26.19 ? 39  TRP A CZ2 1 
ATOM   299  C  CZ3 . TRP A 1 39  ? -2.467  -16.261 7.801   1.00   29.39 ? 39  TRP A CZ3 1 
ATOM   300  C  CH2 . TRP A 1 39  ? -3.756  -16.751 7.537   1.00   27.37 ? 39  TRP A CH2 1 
ATOM   301  N  N   . LEU A 1 40  ? -0.974  -11.938 13.536  1.00   20.37 ? 40  LEU A N   1 
ATOM   302  C  CA  . LEU A 1 40  ? 0.006   -11.087 14.235  1.00   24.02 ? 40  LEU A CA  1 
ATOM   303  C  C   . LEU A 1 40  ? 1.100   -11.873 14.939  1.00   25.68 ? 40  LEU A C   1 
ATOM   304  O  O   . LEU A 1 40  ? 2.241   -11.410 15.054  1.00   28.37 ? 40  LEU A O   1 
ATOM   305  C  CB  . LEU A 1 40  ? -0.698  -10.179 15.254  1.00   21.06 ? 40  LEU A CB  1 
ATOM   306  C  CG  . LEU A 1 40  ? -1.470  -9.010  14.667  1.00   20.72 ? 40  LEU A CG  1 
ATOM   307  C  CD1 . LEU A 1 40  ? -2.045  -8.153  15.793  1.00   25.94 ? 40  LEU A CD1 1 
ATOM   308  C  CD2 . LEU A 1 40  ? -0.625  -8.168  13.718  1.00   20.11 ? 40  LEU A CD2 1 
ATOM   309  N  N   . ALA A 1 41  ? 0.752   -13.062 15.412  1.00   28.33 ? 41  ALA A N   1 
ATOM   310  C  CA  . ALA A 1 41  ? 1.699   -13.903 16.138  1.00   27.25 ? 41  ALA A CA  1 
ATOM   311  C  C   . ALA A 1 41  ? 2.818   -14.408 15.232  1.00   33.81 ? 41  ALA A C   1 
ATOM   312  O  O   . ALA A 1 41  ? 3.870   -14.812 15.718  1.00   36.54 ? 41  ALA A O   1 
ATOM   313  C  CB  . ALA A 1 41  ? 0.988   -15.034 16.753  1.00   31.63 ? 41  ALA A CB  1 
ATOM   314  N  N   . LYS A 1 42  ? 2.602   -14.351 13.920  1.00   30.94 ? 42  LYS A N   1 
ATOM   315  C  CA  . LYS A 1 42  ? 3.627   -14.726 12.949  1.00   30.98 ? 42  LYS A CA  1 
ATOM   316  C  C   . LYS A 1 42  ? 4.206   -13.480 12.271  1.00   30.87 ? 42  LYS A C   1 
ATOM   317  O  O   . LYS A 1 42  ? 4.906   -13.555 11.263  1.00   34.75 ? 42  LYS A O   1 
ATOM   318  C  CB  . LYS A 1 42  ? 3.022   -15.686 11.917  1.00   31.42 ? 42  LYS A CB  1 
ATOM   319  N  N   . GLY A 1 43  ? 3.909   -12.320 12.833  1.00   29.98 ? 43  GLY A N   1 
ATOM   320  C  CA  . GLY A 1 43  ? 4.343   -11.070 12.249  1.00   28.41 ? 43  GLY A CA  1 
ATOM   321  C  C   . GLY A 1 43  ? 3.685   -10.756 10.916  1.00   27.81 ? 43  GLY A C   1 
ATOM   322  O  O   . GLY A 1 43  ? 4.128   -9.804  10.254  1.00   25.91 ? 43  GLY A O   1 
ATOM   323  N  N   . GLN A 1 44  ? 2.620   -11.492 10.560  1.00   21.39 ? 44  GLN A N   1 
ATOM   324  C  CA  . GLN A 1 44  ? 1.936   -11.339 9.279   1.00   20.68 ? 44  GLN A CA  1 
ATOM   325  C  C   . GLN A 1 44  ? 0.719   -10.408 9.282   1.00   22.61 ? 44  GLN A C   1 
ATOM   326  O  O   . GLN A 1 44  ? -0.032  -10.367 10.244  1.00   20.75 ? 44  GLN A O   1 
ATOM   327  C  CB  . GLN A 1 44  ? 1.454   -12.691 8.797   1.00   21.02 ? 44  GLN A CB  1 
ATOM   328  C  CG  . GLN A 1 44  ? 2.569   -13.685 8.560   1.00   24.04 ? 44  GLN A CG  1 
ATOM   329  C  CD  . GLN A 1 44  ? 3.400   -13.311 7.366   1.00   21.36 ? 44  GLN A CD  1 
ATOM   330  O  OE1 . GLN A 1 44  ? 2.866   -12.955 6.317   1.00   18.41 ? 44  GLN A OE1 1 
ATOM   331  N  NE2 . GLN A 1 44  ? 4.714   -13.384 7.516   1.00   23.72 ? 44  GLN A NE2 1 
ATOM   332  N  N   . GLY A 1 45  ? 0.535   -9.686  8.173   1.00   18.59 ? 45  GLY A N   1 
ATOM   333  C  CA  . GLY A 1 45  ? -0.633  -8.888  7.947   1.00   18.58 ? 45  GLY A CA  1 
ATOM   334  C  C   . GLY A 1 45  ? -1.611  -9.592  7.035   1.00   20.36 ? 45  GLY A C   1 
ATOM   335  O  O   . GLY A 1 45  ? -1.972  -10.763 7.273   1.00   23.35 ? 45  GLY A O   1 
ATOM   336  N  N   . MET A 1 46  ? -2.055  -8.880  6.006   1.00   19.53 ? 46  MET A N   1 
ATOM   337  C  CA  . MET A 1 46  ? -2.977  -9.428  5.012   1.00   19.60 ? 46  MET A CA  1 
ATOM   338  C  C   . MET A 1 46  ? -2.379  -9.362  3.597   1.00   19.27 ? 46  MET A C   1 
ATOM   339  O  O   . MET A 1 46  ? -1.490  -8.539  3.310   1.00   15.59 ? 46  MET A O   1 
ATOM   340  C  CB  . MET A 1 46  ? -4.326  -8.713  5.049   1.00   23.74 ? 46  MET A CB  1 
ATOM   341  C  CG  . MET A 1 46  ? -4.325  -7.252  4.608   1.00   22.44 ? 46  MET A CG  1 
ATOM   342  S  SD  . MET A 1 46  ? -3.386  -6.110  5.607   1.00   21.19 ? 46  MET A SD  1 
ATOM   343  C  CE  . MET A 1 46  ? -4.233  -6.156  7.189   1.00   21.95 ? 46  MET A CE  1 
ATOM   344  N  N   . ARG A 1 47  ? -2.854  -10.275 2.753   1.00   20.30 ? 47  ARG A N   1 
ATOM   345  C  CA  . ARG A 1 47  ? -2.355  -10.459 1.392   1.00   18.90 ? 47  ARG A CA  1 
ATOM   346  C  C   . ARG A 1 47  ? -2.438  -9.204  0.555   1.00   17.96 ? 47  ARG A C   1 
ATOM   347  O  O   . ARG A 1 47  ? -3.495  -8.602  0.442   1.00   18.20 ? 47  ARG A O   1 
ATOM   348  C  CB  . ARG A 1 47  ? -3.152  -11.578 0.689   1.00   20.65 ? 47  ARG A CB  1 
ATOM   349  C  CG  . ARG A 1 47  ? -2.664  -11.886 -0.708  1.00   19.30 ? 47  ARG A CG  1 
ATOM   350  C  CD  . ARG A 1 47  ? -3.373  -13.113 -1.279  1.00   20.31 ? 47  ARG A CD  1 
ATOM   351  N  NE  . ARG A 1 47  ? -2.653  -13.564 -2.451  1.00   24.90 ? 47  ARG A NE  1 
ATOM   352  C  CZ  . ARG A 1 47  ? -3.092  -14.449 -3.337  1.00   25.31 ? 47  ARG A CZ  1 
ATOM   353  N  NH1 . ARG A 1 47  ? -4.307  -14.991 -3.218  1.00   22.32 ? 47  ARG A NH1 1 
ATOM   354  N  NH2 . ARG A 1 47  ? -2.302  -14.787 -4.345  1.00   26.54 ? 47  ARG A NH2 1 
ATOM   355  N  N   . MET A 1 48  ? -1.309  -8.815  -0.034  1.00   17.85 ? 48  MET A N   1 
ATOM   356  C  CA  . MET A 1 48  ? -1.271  -7.702  -0.979  1.00   19.28 ? 48  MET A CA  1 
ATOM   357  C  C   . MET A 1 48  ? -0.367  -8.028  -2.182  1.00   17.46 ? 48  MET A C   1 
ATOM   358  O  O   . MET A 1 48  ? 0.061   -7.148  -2.897  1.00   19.18 ? 48  MET A O   1 
ATOM   359  C  CB  . MET A 1 48  ? -0.728  -6.452  -0.284  1.00   18.33 ? 48  MET A CB  1 
ATOM   360  C  CG  . MET A 1 48  ? -1.631  -5.870  0.722   1.00   19.38 ? 48  MET A CG  1 
ATOM   361  S  SD  . MET A 1 48  ? -0.947  -4.365  1.407   1.00   20.03 ? 48  MET A SD  1 
ATOM   362  C  CE  . MET A 1 48  ? -1.918  -4.283  2.882   1.00   21.40 ? 48  MET A CE  1 
ATOM   363  N  N   . ASP A 1 49  ? -0.071  -9.300  -2.383  1.00   20.38 ? 49  ASP A N   1 
ATOM   364  C  CA  . ASP A 1 49  ? 0.976   -9.698  -3.345  1.00   20.91 ? 49  ASP A CA  1 
ATOM   365  C  C   . ASP A 1 49  ? 0.478   -9.989  -4.767  1.00   21.02 ? 49  ASP A C   1 
ATOM   366  O  O   . ASP A 1 49  ? 1.166   -10.626 -5.554  1.00   22.50 ? 49  ASP A O   1 
ATOM   367  C  CB  . ASP A 1 49  ? 1.791   -10.885 -2.809  1.00   23.37 ? 49  ASP A CB  1 
ATOM   368  C  CG  . ASP A 1 49  ? 0.981   -12.156 -2.688  1.00   18.49 ? 49  ASP A CG  1 
ATOM   369  O  OD1 . ASP A 1 49  ? -0.221  -12.156 -2.993  1.00   20.10 ? 49  ASP A OD1 1 
ATOM   370  O  OD2 . ASP A 1 49  ? 1.552   -13.176 -2.313  1.00   23.22 ? 49  ASP A OD2 1 
ATOM   371  N  N   . THR A 1 50  ? -0.726  -9.540  -5.074  1.00   18.04 ? 50  THR A N   1 
ATOM   372  C  CA  . THR A 1 50  ? -1.234  -9.523  -6.430  1.00   19.88 ? 50  THR A CA  1 
ATOM   373  C  C   . THR A 1 50  ? -1.762  -8.126  -6.697  1.00   18.35 ? 50  THR A C   1 
ATOM   374  O  O   . THR A 1 50  ? -1.993  -7.363  -5.754  1.00   17.16 ? 50  THR A O   1 
ATOM   375  C  CB  . THR A 1 50  ? -2.395  -10.550 -6.674  1.00   21.99 ? 50  THR A CB  1 
ATOM   376  O  OG1 . THR A 1 50  ? -3.645  -10.019 -6.195  1.00   19.50 ? 50  THR A OG1 1 
ATOM   377  C  CG2 . THR A 1 50  ? -2.081  -11.945 -6.029  1.00   20.33 ? 50  THR A CG2 1 
ATOM   378  N  N   . TYR A 1 51  ? -1.916  -7.769  -7.966  1.00   15.35 ? 51  TYR A N   1 
ATOM   379  C  CA  . TYR A 1 51  ? -2.430  -6.445  -8.323  1.00   17.00 ? 51  TYR A CA  1 
ATOM   380  C  C   . TYR A 1 51  ? -3.834  -6.201  -7.742  1.00   17.05 ? 51  TYR A C   1 
ATOM   381  O  O   . TYR A 1 51  ? -4.064  -5.186  -7.098  1.00   14.88 ? 51  TYR A O   1 
ATOM   382  C  CB  . TYR A 1 51  ? -2.440  -6.316  -9.838  1.00   20.70 ? 51  TYR A CB  1 
ATOM   383  C  CG  . TYR A 1 51  ? -3.131  -5.100  -10.385 1.00   18.90 ? 51  TYR A CG  1 
ATOM   384  C  CD1 . TYR A 1 51  ? -2.486  -3.872  -10.424 1.00   19.81 ? 51  TYR A CD1 1 
ATOM   385  C  CD2 . TYR A 1 51  ? -4.421  -5.175  -10.891 1.00   19.86 ? 51  TYR A CD2 1 
ATOM   386  C  CE1 . TYR A 1 51  ? -3.108  -2.759  -10.943 1.00   17.44 ? 51  TYR A CE1 1 
ATOM   387  C  CE2 . TYR A 1 51  ? -5.058  -4.031  -11.423 1.00   18.51 ? 51  TYR A CE2 1 
ATOM   388  C  CZ  . TYR A 1 51  ? -4.373  -2.838  -11.447 1.00   18.76 ? 51  TYR A CZ  1 
ATOM   389  O  OH  . TYR A 1 51  ? -4.975  -1.696  -11.959 1.00   21.64 ? 51  TYR A OH  1 
ATOM   390  N  N   . SER A 1 52  ? -4.772  -7.136  -7.919  1.00   18.01 ? 52  SER A N   1 
ATOM   391  C  CA  . SER A 1 52  ? -6.129  -6.931  -7.335  1.00   16.45 ? 52  SER A CA  1 
ATOM   392  C  C   . SER A 1 52  ? -6.083  -6.852  -5.811  1.00   16.48 ? 52  SER A C   1 
ATOM   393  O  O   . SER A 1 52  ? -6.837  -6.116  -5.196  1.00   19.52 ? 52  SER A O   1 
ATOM   394  C  CB  . SER A 1 52  ? -7.115  -8.013  -7.769  1.00   17.16 ? 52  SER A CB  1 
ATOM   395  O  OG  . SER A 1 52  ? -7.326  -7.935  -9.155  1.00   19.45 ? 52  SER A OG  1 
ATOM   396  N  N   . HIS A 1 53  ? -5.164  -7.582  -5.190  1.00   17.25 ? 53  HIS A N   1 
ATOM   397  C  CA  . HIS A 1 53  ? -5.094  -7.542  -3.740  1.00   16.81 ? 53  HIS A CA  1 
ATOM   398  C  C   . HIS A 1 53  ? -4.538  -6.226  -3.245  1.00   18.19 ? 53  HIS A C   1 
ATOM   399  O  O   . HIS A 1 53  ? -4.993  -5.739  -2.206  1.00   17.45 ? 53  HIS A O   1 
ATOM   400  C  CB  . HIS A 1 53  ? -4.332  -8.740  -3.166  1.00   19.30 ? 53  HIS A CB  1 
ATOM   401  C  CG  . HIS A 1 53  ? -5.146  -9.995  -3.113  1.00   18.84 ? 53  HIS A CG  1 
ATOM   402  N  ND1 . HIS A 1 53  ? -5.183  -10.915 -4.150  1.00   18.46 ? 53  HIS A ND1 1 
ATOM   403  C  CD2 . HIS A 1 53  ? -6.004  -10.460 -2.171  1.00   20.09 ? 53  HIS A CD2 1 
ATOM   404  C  CE1 . HIS A 1 53  ? -5.996  -11.902 -3.829  1.00   18.22 ? 53  HIS A CE1 1 
ATOM   405  N  NE2 . HIS A 1 53  ? -6.498  -11.656 -2.630  1.00   19.05 ? 53  HIS A NE2 1 
ATOM   406  N  N   . LEU A 1 54  ? -3.653  -5.597  -4.028  1.00   14.81 ? 54  LEU A N   1 
ATOM   407  C  CA  . LEU A 1 54  ? -3.046  -4.323  -3.621  1.00   17.22 ? 54  LEU A CA  1 
ATOM   408  C  C   . LEU A 1 54  ? -3.943  -3.100  -3.855  1.00   20.28 ? 54  LEU A C   1 
ATOM   409  O  O   . LEU A 1 54  ? -4.057  -2.244  -2.962  1.00   18.69 ? 54  LEU A O   1 
ATOM   410  C  CB  . LEU A 1 54  ? -1.691  -4.119  -4.309  1.00   17.87 ? 54  LEU A CB  1 
ATOM   411  C  CG  . LEU A 1 54  ? -0.849  -2.910  -3.850  1.00   14.80 ? 54  LEU A CG  1 
ATOM   412  C  CD1 . LEU A 1 54  ? -0.420  -2.934  -2.373  1.00   17.26 ? 54  LEU A CD1 1 
ATOM   413  C  CD2 . LEU A 1 54  ? 0.349   -2.847  -4.753  1.00   20.36 ? 54  LEU A CD2 1 
ATOM   414  N  N   . ILE A 1 55  ? -4.581  -3.027  -5.023  1.00   19.10 ? 55  ILE A N   1 
ATOM   415  C  CA  . ILE A 1 55  ? -5.469  -1.892  -5.329  1.00   18.29 ? 55  ILE A CA  1 
ATOM   416  C  C   . ILE A 1 55  ? -6.709  -1.774  -4.410  1.00   20.75 ? 55  ILE A C   1 
ATOM   417  O  O   . ILE A 1 55  ? -7.330  -0.698  -4.338  1.00   21.16 ? 55  ILE A O   1 
ATOM   418  C  CB  . ILE A 1 55  ? -5.863  -1.865  -6.803  1.00   18.28 ? 55  ILE A CB  1 
ATOM   419  C  CG1 . ILE A 1 55  ? -6.868  -2.971  -7.140  1.00   18.20 ? 55  ILE A CG1 1 
ATOM   420  C  CG2 . ILE A 1 55  ? -4.595  -1.941  -7.687  1.00   18.71 ? 55  ILE A CG2 1 
ATOM   421  C  CD1 . ILE A 1 55  ? -7.565  -2.758  -8.452  1.00   19.20 ? 55  ILE A CD1 1 
ATOM   422  N  N   . PHE A 1 56  ? -7.026  -2.862  -3.691  1.00   19.31 ? 56  PHE A N   1 
ATOM   423  C  CA  . PHE A 1 56  ? -8.020  -2.873  -2.609  1.00   20.25 ? 56  PHE A CA  1 
ATOM   424  C  C   . PHE A 1 56  ? -7.797  -1.699  -1.634  1.00   21.21 ? 56  PHE A C   1 
ATOM   425  O  O   . PHE A 1 56  ? -8.760  -1.110  -1.078  1.00   18.47 ? 56  PHE A O   1 
ATOM   426  C  CB  . PHE A 1 56  ? -7.940  -4.233  -1.880  1.00   19.47 ? 56  PHE A CB  1 
ATOM   427  C  CG  . PHE A 1 56  ? -8.972  -4.451  -0.786  1.00   19.23 ? 56  PHE A CG  1 
ATOM   428  C  CD1 . PHE A 1 56  ? -8.758  -3.959  0.511   1.00   20.43 ? 56  PHE A CD1 1 
ATOM   429  C  CD2 . PHE A 1 56  ? -10.114 -5.192  -1.025  1.00   18.74 ? 56  PHE A CD2 1 
ATOM   430  C  CE1 . PHE A 1 56  ? -9.671  -4.174  1.509   1.00   20.50 ? 56  PHE A CE1 1 
ATOM   431  C  CE2 . PHE A 1 56  ? -11.039 -5.409  -0.014  1.00   19.83 ? 56  PHE A CE2 1 
ATOM   432  C  CZ  . PHE A 1 56  ? -10.810 -4.896  1.247   1.00   20.47 ? 56  PHE A CZ  1 
ATOM   433  N  N   . TYR A 1 57  ? -6.522  -1.356  -1.467  1.00   18.43 ? 57  TYR A N   1 
ATOM   434  C  CA  . TYR A 1 57  ? -6.058  -0.378  -0.489  1.00   18.80 ? 57  TYR A CA  1 
ATOM   435  C  C   . TYR A 1 57  ? -5.794  0.998   -1.098  1.00   20.20 ? 57  TYR A C   1 
ATOM   436  O  O   . TYR A 1 57  ? -5.193  1.856   -0.471  1.00   21.93 ? 57  TYR A O   1 
ATOM   437  C  CB  . TYR A 1 57  ? -4.791  -0.928  0.165   1.00   19.23 ? 57  TYR A CB  1 
ATOM   438  C  CG  . TYR A 1 57  ? -5.102  -2.228  0.860   1.00   18.24 ? 57  TYR A CG  1 
ATOM   439  C  CD1 . TYR A 1 57  ? -5.637  -2.229  2.146   1.00   17.47 ? 57  TYR A CD1 1 
ATOM   440  C  CD2 . TYR A 1 57  ? -4.912  -3.468  0.211   1.00   17.65 ? 57  TYR A CD2 1 
ATOM   441  C  CE1 . TYR A 1 57  ? -5.949  -3.421  2.790   1.00   20.53 ? 57  TYR A CE1 1 
ATOM   442  C  CE2 . TYR A 1 57  ? -5.223  -4.661  0.847   1.00   18.90 ? 57  TYR A CE2 1 
ATOM   443  C  CZ  . TYR A 1 57  ? -5.755  -4.630  2.123   1.00   20.30 ? 57  TYR A CZ  1 
ATOM   444  O  OH  . TYR A 1 57  ? -6.077  -5.789  2.753   1.00   21.55 ? 57  TYR A OH  1 
ATOM   445  N  N   . THR A 1 58  ? -6.268  1.221   -2.310  1.00   17.86 ? 58  THR A N   1 
ATOM   446  C  CA  . THR A 1 58  ? -6.056  2.501   -2.950  1.00   22.30 ? 58  THR A CA  1 
ATOM   447  C  C   . THR A 1 58  ? -7.378  3.250   -3.097  1.00   21.15 ? 58  THR A C   1 
ATOM   448  O  O   . THR A 1 58  ? -7.658  4.075   -2.262  1.00   21.09 ? 58  THR A O   1 
ATOM   449  C  CB  . THR A 1 58  ? -5.264  2.381   -4.253  1.00   20.65 ? 58  THR A CB  1 
ATOM   450  O  OG1 . THR A 1 58  ? -6.002  1.616   -5.200  1.00   17.68 ? 58  THR A OG1 1 
ATOM   451  C  CG2 . THR A 1 58  ? -3.896  1.732   -3.982  1.00   21.29 ? 58  THR A CG2 1 
ATOM   452  N  N   . ALA A 1 59  ? -8.165  2.993   -4.133  1.00   21.38 ? 59  ALA A N   1 
ATOM   453  C  CA  . ALA A 1 59  ? -9.450  3.688   -4.298  1.00   22.39 ? 59  ALA A CA  1 
ATOM   454  C  C   . ALA A 1 59  ? -10.621 3.063   -3.528  1.00   23.97 ? 59  ALA A C   1 
ATOM   455  O  O   . ALA A 1 59  ? -11.504 3.777   -3.015  1.00   22.13 ? 59  ALA A O   1 
ATOM   456  C  CB  . ALA A 1 59  ? -9.806  3.760   -5.767  1.00   24.71 ? 59  ALA A CB  1 
ATOM   457  N  N   . TRP A 1 60  ? -10.662 1.725   -3.479  1.00   23.61 ? 60  TRP A N   1 
ATOM   458  C  CA  . TRP A 1 60  ? -11.834 1.034   -2.956  1.00   21.01 ? 60  TRP A CA  1 
ATOM   459  C  C   . TRP A 1 60  ? -11.526 -0.452  -2.839  1.00   21.21 ? 60  TRP A C   1 
ATOM   460  O  O   . TRP A 1 60  ? -10.883 -1.013  -3.719  1.00   21.42 ? 60  TRP A O   1 
ATOM   461  C  CB  . TRP A 1 60  ? -13.025 1.243   -3.905  1.00   20.86 ? 60  TRP A CB  1 
ATOM   462  C  CG  . TRP A 1 60  ? -14.263 0.535   -3.460  1.00   25.21 ? 60  TRP A CG  1 
ATOM   463  C  CD1 . TRP A 1 60  ? -15.210 0.998   -2.603  1.00   23.91 ? 60  TRP A CD1 1 
ATOM   464  C  CD2 . TRP A 1 60  ? -14.685 -0.768  -3.868  1.00   23.86 ? 60  TRP A CD2 1 
ATOM   465  N  NE1 . TRP A 1 60  ? -16.186 0.048   -2.424  1.00   22.20 ? 60  TRP A NE1 1 
ATOM   466  C  CE2 . TRP A 1 60  ? -15.894 -1.038  -3.207  1.00   22.13 ? 60  TRP A CE2 1 
ATOM   467  C  CE3 . TRP A 1 60  ? -14.148 -1.742  -4.727  1.00   22.07 ? 60  TRP A CE3 1 
ATOM   468  C  CZ2 . TRP A 1 60  ? -16.563 -2.252  -3.350  1.00   20.99 ? 60  TRP A CZ2 1 
ATOM   469  C  CZ3 . TRP A 1 60  ? -14.823 -2.930  -4.883  1.00   19.89 ? 60  TRP A CZ3 1 
ATOM   470  C  CH2 . TRP A 1 60  ? -16.014 -3.174  -4.196  1.00   23.87 ? 60  TRP A CH2 1 
ATOM   471  N  N   . PRO A 1 61  ? -11.993 -1.095  -1.767  1.00   19.53 ? 61  PRO A N   1 
ATOM   472  C  CA  . PRO A 1 61  ? -12.788 -0.593  -0.626  1.00   24.20 ? 61  PRO A CA  1 
ATOM   473  C  C   . PRO A 1 61  ? -12.022 0.137   0.508   1.00   25.00 ? 61  PRO A C   1 
ATOM   474  O  O   . PRO A 1 61  ? -12.657 0.919   1.232   1.00   24.21 ? 61  PRO A O   1 
ATOM   475  C  CB  . PRO A 1 61  ? -13.430 -1.872  -0.069  1.00   22.29 ? 61  PRO A CB  1 
ATOM   476  C  CG  . PRO A 1 61  ? -13.286 -2.890  -1.126  1.00   22.56 ? 61  PRO A CG  1 
ATOM   477  C  CD  . PRO A 1 61  ? -12.005 -2.562  -1.801  1.00   21.64 ? 61  PRO A CD  1 
ATOM   478  N  N   . ASP A 1 62  ? -10.725 -0.119  0.691   1.00   19.20 ? 62  ASP A N   1 
ATOM   479  C  CA  . ASP A 1 62  ? -10.015 0.475   1.831   1.00   25.63 ? 62  ASP A CA  1 
ATOM   480  C  C   . ASP A 1 62  ? -9.337  1.750   1.326   1.00   25.33 ? 62  ASP A C   1 
ATOM   481  O  O   . ASP A 1 62  ? -8.096  1.861   1.294   1.00   24.15 ? 62  ASP A O   1 
ATOM   482  C  CB  . ASP A 1 62  ? -9.028  -0.517  2.438   1.00   24.68 ? 62  ASP A CB  1 
ATOM   483  C  CG  . ASP A 1 62  ? -8.576  -0.156  3.885   1.00   27.94 ? 62  ASP A CG  1 
ATOM   484  O  OD1 . ASP A 1 62  ? -8.825  0.929   4.417   1.00   25.64 ? 62  ASP A OD1 1 
ATOM   485  O  OD2 . ASP A 1 62  ? -7.912  -1.006  4.519   1.00   29.11 ? 62  ASP A OD2 1 
ATOM   486  N  N   . THR A 1 63  ? -10.159 2.724   0.936   1.00   23.30 ? 63  THR A N   1 
ATOM   487  C  CA  . THR A 1 63  ? -9.609  3.870   0.226   1.00   24.14 ? 63  THR A CA  1 
ATOM   488  C  C   . THR A 1 63  ? -8.597  4.653   1.047   1.00   22.87 ? 63  THR A C   1 
ATOM   489  O  O   . THR A 1 63  ? -8.756  4.848   2.250   1.00   22.80 ? 63  THR A O   1 
ATOM   490  C  CB  . THR A 1 63  ? -10.686 4.808   -0.404  1.00   25.40 ? 63  THR A CB  1 
ATOM   491  O  OG1 . THR A 1 63  ? -10.459 6.167   -0.047  1.00   28.46 ? 63  THR A OG1 1 
ATOM   492  C  CG2 . THR A 1 63  ? -11.987 4.455   0.003   1.00   23.32 ? 63  THR A CG2 1 
ATOM   493  N  N   . GLY A 1 64  ? -7.535  5.063   0.364   1.00   22.68 ? 64  GLY A N   1 
ATOM   494  C  CA  . GLY A 1 64  ? -6.437  5.776   0.985   1.00   23.15 ? 64  GLY A CA  1 
ATOM   495  C  C   . GLY A 1 64  ? -5.455  5.013   1.878   1.00   24.30 ? 64  GLY A C   1 
ATOM   496  O  O   . GLY A 1 64  ? -4.464  5.603   2.316   1.00   21.43 ? 64  GLY A O   1 
ATOM   497  N  N   . ALA A 1 65  ? -5.678  3.729   2.160   1.00   24.78 ? 65  ALA A N   1 
ATOM   498  C  CA  . ALA A 1 65  ? -4.830  3.035   3.151   1.00   21.88 ? 65  ALA A CA  1 
ATOM   499  C  C   . ALA A 1 65  ? -3.356  2.926   2.746   1.00   23.58 ? 65  ALA A C   1 
ATOM   500  O  O   . ALA A 1 65  ? -2.457  3.150   3.568   1.00   21.18 ? 65  ALA A O   1 
ATOM   501  C  CB  . ALA A 1 65  ? -5.391  1.638   3.481   1.00   24.78 ? 65  ALA A CB  1 
ATOM   502  N  N   . LEU A 1 66  ? -3.103  2.588   1.486   1.00   22.48 ? 66  LEU A N   1 
ATOM   503  C  CA  . LEU A 1 66  ? -1.734  2.463   1.018   1.00   20.17 ? 66  LEU A CA  1 
ATOM   504  C  C   . LEU A 1 66  ? -1.045  3.813   1.093   1.00   22.74 ? 66  LEU A C   1 
ATOM   505  O  O   . LEU A 1 66  ? 0.150   3.905   1.440   1.00   23.53 ? 66  LEU A O   1 
ATOM   506  C  CB  . LEU A 1 66  ? -1.732  1.956   -0.417  1.00   23.23 ? 66  LEU A CB  1 
ATOM   507  C  CG  . LEU A 1 66  ? -0.386  1.763   -1.084  1.00   20.19 ? 66  LEU A CG  1 
ATOM   508  C  CD1 . LEU A 1 66  ? 0.399   0.706   -0.351  1.00   21.58 ? 66  LEU A CD1 1 
ATOM   509  C  CD2 . LEU A 1 66  ? -0.591  1.388   -2.529  1.00   19.44 ? 66  LEU A CD2 1 
ATOM   510  N  N   . MET A 1 67  ? -1.802  4.860   0.763   1.00   22.11 ? 67  MET A N   1 
ATOM   511  C  CA  . MET A 1 67  ? -1.284  6.226   0.820   1.00   23.45 ? 67  MET A CA  1 
ATOM   512  C  C   . MET A 1 67  ? -0.986  6.630   2.269   1.00   22.35 ? 67  MET A C   1 
ATOM   513  O  O   . MET A 1 67  ? 0.106   7.139   2.564   1.00   25.27 ? 67  MET A O   1 
ATOM   514  C  CB  . MET A 1 67  ? -2.231  7.211   0.113   1.00   23.37 ? 67  MET A CB  1 
ATOM   515  C  CG  . MET A 1 67  ? -2.419  6.938   -1.391  1.00   24.64 ? 67  MET A CG  1 
ATOM   516  S  SD  . MET A 1 67  ? -3.529  5.508   -1.742  1.00   24.69 ? 67  MET A SD  1 
ATOM   517  C  CE  . MET A 1 67  ? -4.938  6.317   -2.508  1.00   23.18 ? 67  MET A CE  1 
ATOM   518  N  N   . ARG A 1 68  ? -1.910  6.342   3.184   1.00   19.49 ? 68  ARG A N   1 
ATOM   519  C  CA  . ARG A 1 68  ? -1.693  6.614   4.605   1.00   22.79 ? 68  ARG A CA  1 
ATOM   520  C  C   . ARG A 1 68  ? -0.488  5.860   5.188   1.00   23.57 ? 68  ARG A C   1 
ATOM   521  O  O   . ARG A 1 68  ? 0.279   6.424   5.962   1.00   24.09 ? 68  ARG A O   1 
ATOM   522  C  CB  . ARG A 1 68  ? -2.928  6.279   5.421   1.00   23.95 ? 68  ARG A CB  1 
ATOM   523  C  CG  . ARG A 1 68  ? -4.124  7.209   5.157   1.00   24.56 ? 68  ARG A CG  1 
ATOM   524  C  CD  . ARG A 1 68  ? -5.145  7.048   6.236   1.00   25.56 ? 68  ARG A CD  1 
ATOM   525  N  NE  . ARG A 1 68  ? -5.857  5.789   6.113   1.00   26.68 ? 68  ARG A NE  1 
ATOM   526  C  CZ  . ARG A 1 68  ? -6.787  5.538   5.199   1.00   27.28 ? 68  ARG A CZ  1 
ATOM   527  N  NH1 . ARG A 1 68  ? -7.118  6.473   4.301   1.00   29.25 ? 68  ARG A NH1 1 
ATOM   528  N  NH2 . ARG A 1 68  ? -7.380  4.352   5.175   1.00   25.54 ? 68  ARG A NH2 1 
ATOM   529  N  N   . ARG A 1 69  ? -0.324  4.589   4.836   1.00   19.79 ? 69  ARG A N   1 
ATOM   530  C  CA  . ARG A 1 69  ? 0.668   3.786   5.519   1.00   21.96 ? 69  ARG A CA  1 
ATOM   531  C  C   . ARG A 1 69  ? 2.053   4.059   4.944   1.00   23.84 ? 69  ARG A C   1 
ATOM   532  O  O   . ARG A 1 69  ? 3.053   3.980   5.679   1.00   20.81 ? 69  ARG A O   1 
ATOM   533  C  CB  . ARG A 1 69  ? 0.326   2.306   5.467   1.00   23.87 ? 69  ARG A CB  1 
ATOM   534  C  CG  . ARG A 1 69  ? -0.979  1.906   6.179   1.00   23.38 ? 69  ARG A CG  1 
ATOM   535  C  CD  . ARG A 1 69  ? -1.204  2.641   7.507   1.00   23.28 ? 69  ARG A CD  1 
ATOM   536  N  NE  . ARG A 1 69  ? -2.339  2.096   8.261   1.00   19.27 ? 69  ARG A NE  1 
ATOM   537  C  CZ  . ARG A 1 69  ? -2.298  0.974   8.973   1.00   20.17 ? 69  ARG A CZ  1 
ATOM   538  N  NH1 . ARG A 1 69  ? -1.185  0.238   9.031   1.00   23.07 ? 69  ARG A NH1 1 
ATOM   539  N  NH2 . ARG A 1 69  ? -3.374  0.561   9.621   1.00   22.15 ? 69  ARG A NH2 1 
ATOM   540  N  N   . LEU A 1 70  ? 2.125   4.386   3.647   1.00   21.03 ? 70  LEU A N   1 
ATOM   541  C  CA  . LEU A 1 70  ? 3.415   4.721   3.047   1.00   21.74 ? 70  LEU A CA  1 
ATOM   542  C  C   . LEU A 1 70  ? 3.841   6.215   3.188   1.00   26.10 ? 70  LEU A C   1 
ATOM   543  O  O   . LEU A 1 70  ? 4.977   6.588   2.809   1.00   23.28 ? 70  LEU A O   1 
ATOM   544  C  CB  . LEU A 1 70  ? 3.479   4.284   1.586   1.00   22.80 ? 70  LEU A CB  1 
ATOM   545  C  CG  . LEU A 1 70  ? 3.522   2.773   1.316   1.00   20.42 ? 70  LEU A CG  1 
ATOM   546  C  CD1 . LEU A 1 70  ? 3.831   2.551   -0.141  1.00   18.98 ? 70  LEU A CD1 1 
ATOM   547  C  CD2 . LEU A 1 70  ? 4.523   2.040   2.225   1.00   21.56 ? 70  LEU A CD2 1 
ATOM   548  N  N   . ASP A 1 71  ? 2.971   7.050   3.747   1.00   24.68 ? 71  ASP A N   1 
ATOM   549  C  CA  . ASP A 1 71  ? 3.256   8.482   3.795   1.00   26.03 ? 71  ASP A CA  1 
ATOM   550  C  C   . ASP A 1 71  ? 4.507   8.753   4.644   1.00   27.77 ? 71  ASP A C   1 
ATOM   551  O  O   . ASP A 1 71  ? 4.681   8.158   5.714   1.00   25.19 ? 71  ASP A O   1 
ATOM   552  C  CB  . ASP A 1 71  ? 2.079   9.273   4.343   1.00   27.07 ? 71  ASP A CB  1 
ATOM   553  C  CG  . ASP A 1 71  ? 2.173   10.761  3.999   1.00   31.39 ? 71  ASP A CG  1 
ATOM   554  O  OD1 . ASP A 1 71  ? 2.002   11.104  2.816   1.00   29.14 ? 71  ASP A OD1 1 
ATOM   555  O  OD2 . ASP A 1 71  ? 2.418   11.573  4.916   1.00   30.84 ? 71  ASP A OD2 1 
ATOM   556  N  N   . ASP A 1 72  ? 5.373   9.642   4.147   1.00   27.90 ? 72  ASP A N   1 
ATOM   557  C  CA  . ASP A 1 72  ? 6.624   9.976   4.859   1.00   29.56 ? 72  ASP A CA  1 
ATOM   558  C  C   . ASP A 1 72  ? 6.389   10.988  5.968   1.00   32.24 ? 72  ASP A C   1 
ATOM   559  O  O   . ASP A 1 72  ? 7.239   11.167  6.845   1.00   31.70 ? 72  ASP A O   1 
ATOM   560  C  CB  . ASP A 1 72  ? 7.733   10.455  3.905   1.00   28.62 ? 72  ASP A CB  1 
ATOM   561  C  CG  . ASP A 1 72  ? 7.375   11.726  3.131   1.00   30.71 ? 72  ASP A CG  1 
ATOM   562  O  OD1 . ASP A 1 72  ? 6.433   12.435  3.510   1.00   28.32 ? 72  ASP A OD1 1 
ATOM   563  O  OD2 . ASP A 1 72  ? 8.066   12.018  2.116   1.00   29.77 ? 72  ASP A OD2 1 
ATOM   564  N  N   . GLY A 1 73  ? 5.231   11.638  5.926   1.00   30.37 ? 73  GLY A N   1 
ATOM   565  C  CA  . GLY A 1 73  ? 4.817   12.524  6.992   1.00   36.84 ? 73  GLY A CA  1 
ATOM   566  C  C   . GLY A 1 73  ? 5.203   13.989  6.817   1.00   37.43 ? 73  GLY A C   1 
ATOM   567  O  O   . GLY A 1 73  ? 5.413   14.679  7.804   1.00   38.04 ? 73  GLY A O   1 
ATOM   568  N  N   . LYS A 1 74  ? 5.288   14.485  5.584   1.00   38.89 ? 74  LYS A N   1 
ATOM   569  C  CA  . LYS A 1 74  ? 5.515   15.924  5.362   1.00   30.85 ? 74  LYS A CA  1 
ATOM   570  C  C   . LYS A 1 74  ? 4.246   16.607  4.817   1.00   34.93 ? 74  LYS A C   1 
ATOM   571  O  O   . LYS A 1 74  ? 3.920   17.754  5.174   1.00   38.62 ? 74  LYS A O   1 
ATOM   572  C  CB  . LYS A 1 74  ? 6.679   16.132  4.410   1.00   39.70 ? 74  LYS A CB  1 
ATOM   573  N  N   . ASP A 1 78  ? 2.752   15.727  13.905  1.00   32.95 ? 78  ASP A N   1 
ATOM   574  C  CA  . ASP A 1 78  ? 2.014   15.753  12.654  1.00   33.11 ? 78  ASP A CA  1 
ATOM   575  C  C   . ASP A 1 78  ? 2.885   15.156  11.569  1.00   35.07 ? 78  ASP A C   1 
ATOM   576  O  O   . ASP A 1 78  ? 2.393   14.712  10.526  1.00   40.74 ? 78  ASP A O   1 
ATOM   577  C  CB  . ASP A 1 78  ? 1.599   17.186  12.288  1.00   33.39 ? 78  ASP A CB  1 
ATOM   578  N  N   . ALA A 1 79  ? 4.192   15.155  11.807  1.00   39.96 ? 79  ALA A N   1 
ATOM   579  C  CA  . ALA A 1 79  ? 5.124   14.569  10.843  1.00   35.34 ? 79  ALA A CA  1 
ATOM   580  C  C   . ALA A 1 79  ? 5.382   13.064  11.095  1.00   38.55 ? 79  ALA A C   1 
ATOM   581  O  O   . ALA A 1 79  ? 6.430   12.521  10.706  1.00   37.64 ? 79  ALA A O   1 
ATOM   582  C  CB  . ALA A 1 79  ? 6.426   15.351  10.821  1.00   35.83 ? 79  ALA A CB  1 
ATOM   583  N  N   . LYS A 1 80  ? 4.435   12.381  11.730  1.00   34.91 ? 80  LYS A N   1 
ATOM   584  C  CA  . LYS A 1 80  ? 4.589   10.933  11.894  1.00   38.78 ? 80  LYS A CA  1 
ATOM   585  C  C   . LYS A 1 80  ? 4.448   10.278  10.515  1.00   31.23 ? 80  LYS A C   1 
ATOM   586  O  O   . LYS A 1 80  ? 3.434   10.458  9.847   1.00   34.41 ? 80  LYS A O   1 
ATOM   587  C  CB  . LYS A 1 80  ? 3.558   10.371  12.884  1.00   39.61 ? 80  LYS A CB  1 
ATOM   588  N  N   . PRO A 1 81  ? 5.478   9.549   10.061  1.00   34.40 ? 81  PRO A N   1 
ATOM   589  C  CA  . PRO A 1 81  ? 5.228   8.844   8.796   1.00   34.73 ? 81  PRO A CA  1 
ATOM   590  C  C   . PRO A 1 81  ? 4.195   7.737   9.010   1.00   29.10 ? 81  PRO A C   1 
ATOM   591  O  O   . PRO A 1 81  ? 3.943   7.372   10.147  1.00   29.28 ? 81  PRO A O   1 
ATOM   592  C  CB  . PRO A 1 81  ? 6.609   8.281   8.422   1.00   33.64 ? 81  PRO A CB  1 
ATOM   593  C  CG  . PRO A 1 81  ? 7.391   8.277   9.707   1.00   39.24 ? 81  PRO A CG  1 
ATOM   594  C  CD  . PRO A 1 81  ? 6.890   9.458   10.475  1.00   35.65 ? 81  PRO A CD  1 
ATOM   595  N  N   . GLY A 1 82  ? 3.572   7.242   7.945   1.00   27.60 ? 82  GLY A N   1 
ATOM   596  C  CA  . GLY A 1 82  ? 2.776   6.036   8.066   1.00   24.76 ? 82  GLY A CA  1 
ATOM   597  C  C   . GLY A 1 82  ? 3.640   4.865   8.560   1.00   22.72 ? 82  GLY A C   1 
ATOM   598  O  O   . GLY A 1 82  ? 4.848   4.811   8.328   1.00   22.29 ? 82  GLY A O   1 
ATOM   599  N  N   . ASN A 1 83  ? 3.013   3.893   9.205   1.00   22.27 ? 83  ASN A N   1 
ATOM   600  C  CA  . ASN A 1 83  ? 3.768   2.838   9.860   1.00   23.16 ? 83  ASN A CA  1 
ATOM   601  C  C   . ASN A 1 83  ? 4.357   1.783   8.895   1.00   21.68 ? 83  ASN A C   1 
ATOM   602  O  O   . ASN A 1 83  ? 4.983   0.841   9.336   1.00   24.56 ? 83  ASN A O   1 
ATOM   603  C  CB  . ASN A 1 83  ? 2.920   2.196   10.970  1.00   23.16 ? 83  ASN A CB  1 
ATOM   604  C  CG  . ASN A 1 83  ? 1.893   1.207   10.443  1.00   23.01 ? 83  ASN A CG  1 
ATOM   605  O  OD1 . ASN A 1 83  ? 1.500   1.260   9.269   1.00   23.32 ? 83  ASN A OD1 1 
ATOM   606  N  ND2 . ASN A 1 83  ? 1.446   0.293   11.308  1.00   21.22 ? 83  ASN A ND2 1 
ATOM   607  N  N   . MET A 1 84  ? 4.187   1.952   7.593   1.00   20.20 ? 84  MET A N   1 
ATOM   608  C  CA  . MET A 1 84  ? 4.839   1.059   6.627   1.00   23.49 ? 84  MET A CA  1 
ATOM   609  C  C   . MET A 1 84  ? 5.930   1.744   5.808   1.00   24.11 ? 84  MET A C   1 
ATOM   610  O  O   . MET A 1 84  ? 6.652   1.073   5.049   1.00   23.47 ? 84  MET A O   1 
ATOM   611  C  CB  . MET A 1 84  ? 3.820   0.421   5.684   1.00   19.17 ? 84  MET A CB  1 
ATOM   612  C  CG  . MET A 1 84  ? 2.786   -0.462  6.404   1.00   19.06 ? 84  MET A CG  1 
ATOM   613  S  SD  . MET A 1 84  ? 3.425   -2.027  7.042   1.00   19.97 ? 84  MET A SD  1 
ATOM   614  C  CE  . MET A 1 84  ? 2.792   -2.009  8.719   1.00   20.63 ? 84  MET A CE  1 
ATOM   615  N  N   . TYR A 1 85  ? 6.071   3.056   5.978   1.00   23.06 ? 85  TYR A N   1 
ATOM   616  C  CA  . TYR A 1 85  ? 7.075   3.822   5.246   1.00   21.09 ? 85  TYR A CA  1 
ATOM   617  C  C   . TYR A 1 85  ? 8.489   3.262   5.466   1.00   21.08 ? 85  TYR A C   1 
ATOM   618  O  O   . TYR A 1 85  ? 9.289   3.286   4.568   1.00   17.82 ? 85  TYR A O   1 
ATOM   619  C  CB  . TYR A 1 85  ? 7.013   5.294   5.665   1.00   24.74 ? 85  TYR A CB  1 
ATOM   620  C  CG  . TYR A 1 85  ? 8.103   6.173   5.068   1.00   23.32 ? 85  TYR A CG  1 
ATOM   621  C  CD1 . TYR A 1 85  ? 8.146   6.441   3.720   1.00   26.62 ? 85  TYR A CD1 1 
ATOM   622  C  CD2 . TYR A 1 85  ? 9.075   6.745   5.865   1.00   25.32 ? 85  TYR A CD2 1 
ATOM   623  C  CE1 . TYR A 1 85  ? 9.156   7.241   3.174   1.00   27.70 ? 85  TYR A CE1 1 
ATOM   624  C  CE2 . TYR A 1 85  ? 10.074  7.536   5.331   1.00   27.09 ? 85  TYR A CE2 1 
ATOM   625  C  CZ  . TYR A 1 85  ? 10.105  7.789   3.995   1.00   25.95 ? 85  TYR A CZ  1 
ATOM   626  O  OH  . TYR A 1 85  ? 11.096  8.587   3.463   1.00   28.55 ? 85  TYR A OH  1 
ATOM   627  N  N   . ARG A 1 86  ? 8.762   2.744   6.663   1.00   23.18 ? 86  ARG A N   1 
ATOM   628  C  CA  . ARG A 1 86  ? 10.094  2.257   7.009   1.00   25.17 ? 86  ARG A CA  1 
ATOM   629  C  C   . ARG A 1 86  ? 10.512  1.114   6.116   1.00   25.36 ? 86  ARG A C   1 
ATOM   630  O  O   . ARG A 1 86  ? 11.718  0.917   5.845   1.00   24.78 ? 86  ARG A O   1 
ATOM   631  C  CB  . ARG A 1 86  ? 10.186  1.829   8.494   1.00   26.52 ? 86  ARG A CB  1 
ATOM   632  C  CG  . ARG A 1 86  ? 9.370   0.613   8.918   1.00   26.29 ? 86  ARG A CG  1 
ATOM   633  C  CD  . ARG A 1 86  ? 9.417   0.469   10.464  1.00   31.64 ? 86  ARG A CD  1 
ATOM   634  N  NE  . ARG A 1 86  ? 8.798   -0.768  10.949  1.00   31.61 ? 86  ARG A NE  1 
ATOM   635  C  CZ  . ARG A 1 86  ? 9.431   -1.935  11.125  1.00   34.58 ? 86  ARG A CZ  1 
ATOM   636  N  NH1 . ARG A 1 86  ? 10.727  -2.042  10.866  1.00   33.45 ? 86  ARG A NH1 1 
ATOM   637  N  NH2 . ARG A 1 86  ? 8.763   -3.015  11.559  1.00   33.20 ? 86  ARG A NH2 1 
ATOM   638  N  N   . HIS A 1 87  ? 9.520   0.358   5.651   1.00   23.10 ? 87  HIS A N   1 
ATOM   639  C  CA  . HIS A 1 87  ? 9.790   -0.792  4.818   1.00   21.77 ? 87  HIS A CA  1 
ATOM   640  C  C   . HIS A 1 87  ? 10.213  -0.440  3.414   1.00   22.51 ? 87  HIS A C   1 
ATOM   641  O  O   . HIS A 1 87  ? 10.605  -1.321  2.669   1.00   21.39 ? 87  HIS A O   1 
ATOM   642  C  CB  . HIS A 1 87  ? 8.567   -1.714  4.812   1.00   21.71 ? 87  HIS A CB  1 
ATOM   643  C  CG  . HIS A 1 87  ? 8.299   -2.282  6.158   1.00   20.82 ? 87  HIS A CG  1 
ATOM   644  N  ND1 . HIS A 1 87  ? 9.261   -2.978  6.847   1.00   21.32 ? 87  HIS A ND1 1 
ATOM   645  C  CD2 . HIS A 1 87  ? 7.243   -2.155  6.997   1.00   20.86 ? 87  HIS A CD2 1 
ATOM   646  C  CE1 . HIS A 1 87  ? 8.791   -3.311  8.034   1.00   24.33 ? 87  HIS A CE1 1 
ATOM   647  N  NE2 . HIS A 1 87  ? 7.571   -2.820  8.151   1.00   22.26 ? 87  HIS A NE2 1 
ATOM   648  N  N   . LEU A 1 88  ? 10.128  0.842   3.054   1.00   23.23 ? 88  LEU A N   1 
ATOM   649  C  CA  . LEU A 1 88  ? 10.469  1.271   1.695   1.00   23.11 ? 88  LEU A CA  1 
ATOM   650  C  C   . LEU A 1 88  ? 11.980  1.341   1.425   1.00   24.63 ? 88  LEU A C   1 
ATOM   651  O  O   . LEU A 1 88  ? 12.411  1.527   0.264   1.00   25.50 ? 88  LEU A O   1 
ATOM   652  C  CB  . LEU A 1 88  ? 9.787   2.610   1.352   1.00   21.86 ? 88  LEU A CB  1 
ATOM   653  C  CG  . LEU A 1 88  ? 8.279   2.555   1.057   1.00   24.49 ? 88  LEU A CG  1 
ATOM   654  C  CD1 . LEU A 1 88  ? 7.681   3.971   0.954   1.00   24.73 ? 88  LEU A CD1 1 
ATOM   655  C  CD2 . LEU A 1 88  ? 7.948   1.719   -0.227  1.00   21.41 ? 88  LEU A CD2 1 
ATOM   656  N  N   . GLY A 1 89  ? 12.790  1.167   2.461   1.00   23.77 ? 89  GLY A N   1 
ATOM   657  C  CA  . GLY A 1 89  ? 14.220  1.156   2.265   1.00   26.37 ? 89  GLY A CA  1 
ATOM   658  C  C   . GLY A 1 89  ? 14.993  1.231   3.565   1.00   27.94 ? 89  GLY A C   1 
ATOM   659  O  O   . GLY A 1 89  ? 14.443  1.594   4.591   1.00   29.38 ? 89  GLY A O   1 
ATOM   660  N  N   . ALA A 1 90  ? 16.283  0.906   3.481   1.00   28.60 ? 90  ALA A N   1 
ATOM   661  C  CA  . ALA A 1 90  ? 17.198  0.823   4.619   1.00   32.19 ? 90  ALA A CA  1 
ATOM   662  C  C   . ALA A 1 90  ? 17.838  2.182   4.917   1.00   33.02 ? 90  ALA A C   1 
ATOM   663  O  O   . ALA A 1 90  ? 18.347  2.382   6.009   1.00   33.65 ? 90  ALA A O   1 
ATOM   664  C  CB  . ALA A 1 90  ? 18.281  -0.223  4.341   1.00   29.52 ? 90  ALA A CB  1 
ATOM   665  N  N   . THR A 1 91  ? 17.816  3.087   3.934   1.00   31.21 ? 91  THR A N   1 
ATOM   666  C  CA  . THR A 1 91  ? 18.211  4.486   4.122   1.00   32.73 ? 91  THR A CA  1 
ATOM   667  C  C   . THR A 1 91  ? 17.085  5.441   3.702   1.00   32.48 ? 91  THR A C   1 
ATOM   668  O  O   . THR A 1 91  ? 16.189  5.069   2.929   1.00   28.79 ? 91  THR A O   1 
ATOM   669  C  CB  . THR A 1 91  ? 19.431  4.845   3.282   1.00   35.27 ? 91  THR A CB  1 
ATOM   670  O  OG1 . THR A 1 91  ? 19.057  4.911   1.896   1.00   35.17 ? 91  THR A OG1 1 
ATOM   671  C  CG2 . THR A 1 91  ? 20.549  3.813   3.483   1.00   38.32 ? 91  THR A CG2 1 
ATOM   672  N  N   . GLU A 1 92  ? 17.150  6.681   4.190   1.00   33.27 ? 92  GLU A N   1 
ATOM   673  C  CA  . GLU A 1 92  ? 16.124  7.678   3.861   1.00   33.58 ? 92  GLU A CA  1 
ATOM   674  C  C   . GLU A 1 92  ? 16.054  7.946   2.371   1.00   32.88 ? 92  GLU A C   1 
ATOM   675  O  O   . GLU A 1 92  ? 14.963  8.146   1.854   1.00   30.48 ? 92  GLU A O   1 
ATOM   676  C  CB  . GLU A 1 92  ? 16.320  8.995   4.619   1.00   33.68 ? 92  GLU A CB  1 
ATOM   677  C  CG  . GLU A 1 92  ? 15.207  10.048  4.365   1.00   36.78 ? 92  GLU A CG  1 
ATOM   678  C  CD  . GLU A 1 92  ? 13.825  9.668   4.954   1.00   37.22 ? 92  GLU A CD  1 
ATOM   679  O  OE1 . GLU A 1 92  ? 13.696  8.653   5.696   1.00   40.18 ? 92  GLU A OE1 1 
ATOM   680  O  OE2 . GLU A 1 92  ? 12.857  10.410  4.694   1.00   39.86 ? 92  GLU A OE2 1 
ATOM   681  N  N   . GLU A 1 93  ? 17.207  7.949   1.695   1.00   30.95 ? 93  GLU A N   1 
ATOM   682  C  CA  . GLU A 1 93  ? 17.255  8.148   0.247   1.00   30.90 ? 93  GLU A CA  1 
ATOM   683  C  C   . GLU A 1 93  ? 16.525  7.025   -0.477  1.00   32.77 ? 93  GLU A C   1 
ATOM   684  O  O   . GLU A 1 93  ? 15.772  7.271   -1.412  1.00   31.15 ? 93  GLU A O   1 
ATOM   685  C  CB  . GLU A 1 93  ? 18.698  8.199   -0.267  1.00   25.22 ? 93  GLU A CB  1 
ATOM   686  N  N   . GLU A 1 94  ? 16.766  5.785   -0.069  1.00   29.40 ? 94  GLU A N   1 
ATOM   687  C  CA  . GLU A 1 94  ? 16.044  4.669   -0.668  1.00   30.37 ? 94  GLU A CA  1 
ATOM   688  C  C   . GLU A 1 94  ? 14.542  4.825   -0.414  1.00   27.90 ? 94  GLU A C   1 
ATOM   689  O  O   . GLU A 1 94  ? 13.743  4.625   -1.318  1.00   29.11 ? 94  GLU A O   1 
ATOM   690  C  CB  . GLU A 1 94  ? 16.561  3.320   -0.142  1.00   31.01 ? 94  GLU A CB  1 
ATOM   691  C  CG  . GLU A 1 94  ? 16.116  2.103   -1.007  1.00   32.22 ? 94  GLU A CG  1 
ATOM   692  C  CD  . GLU A 1 94  ? 16.874  0.804   -0.681  1.00   30.50 ? 94  GLU A CD  1 
ATOM   693  O  OE1 . GLU A 1 94  ? 17.194  0.574   0.515   1.00   28.28 ? 94  GLU A OE1 1 
ATOM   694  O  OE2 . GLU A 1 94  ? 17.174  0.032   -1.635  1.00   33.49 ? 94  GLU A OE2 1 
ATOM   695  N  N   . ARG A 1 95  ? 14.172  5.214   0.803   1.00   28.46 ? 95  ARG A N   1 
ATOM   696  C  CA  . ARG A 1 95  ? 12.763  5.306   1.164   1.00   28.47 ? 95  ARG A CA  1 
ATOM   697  C  C   . ARG A 1 95  ? 12.092  6.337   0.272   1.00   28.72 ? 95  ARG A C   1 
ATOM   698  O  O   . ARG A 1 95  ? 11.037  6.092   -0.282  1.00   23.58 ? 95  ARG A O   1 
ATOM   699  C  CB  . ARG A 1 95  ? 12.585  5.645   2.647   1.00   27.25 ? 95  ARG A CB  1 
ATOM   700  C  CG  . ARG A 1 95  ? 12.894  4.459   3.574   1.00   29.08 ? 95  ARG A CG  1 
ATOM   701  C  CD  . ARG A 1 95  ? 12.622  4.745   5.023   1.00   31.56 ? 95  ARG A CD  1 
ATOM   702  N  NE  . ARG A 1 95  ? 13.669  5.576   5.626   1.00   34.94 ? 95  ARG A NE  1 
ATOM   703  C  CZ  . ARG A 1 95  ? 14.708  5.128   6.330   1.00   36.22 ? 95  ARG A CZ  1 
ATOM   704  N  NH1 . ARG A 1 95  ? 14.894  3.830   6.542   1.00   32.07 ? 95  ARG A NH1 1 
ATOM   705  N  NH2 . ARG A 1 95  ? 15.586  6.007   6.807   1.00   36.57 ? 95  ARG A NH2 1 
ATOM   706  N  N   . GLN A 1 96  ? 12.724  7.493   0.136   1.00   28.40 ? 96  GLN A N   1 
ATOM   707  C  CA  . GLN A 1 96  ? 12.227  8.525   -0.754  1.00   28.88 ? 96  GLN A CA  1 
ATOM   708  C  C   . GLN A 1 96  ? 12.118  8.073   -2.218  1.00   27.70 ? 96  GLN A C   1 
ATOM   709  O  O   . GLN A 1 96  ? 11.135  8.392   -2.892  1.00   30.10 ? 96  GLN A O   1 
ATOM   710  C  CB  . GLN A 1 96  ? 13.102  9.780   -0.618  1.00   31.83 ? 96  GLN A CB  1 
ATOM   711  C  CG  . GLN A 1 96  ? 12.802  10.574  0.652   1.00   31.54 ? 96  GLN A CG  1 
ATOM   712  C  CD  . GLN A 1 96  ? 11.407  11.163  0.658   1.00   32.69 ? 96  GLN A CD  1 
ATOM   713  O  OE1 . GLN A 1 96  ? 11.023  11.859  -0.269  1.00   36.89 ? 96  GLN A OE1 1 
ATOM   714  N  NE2 . GLN A 1 96  ? 10.625  10.841  1.676   1.00   29.33 ? 96  GLN A NE2 1 
ATOM   715  N  N   . ARG A 1 97  ? 13.107  7.349   -2.725  1.00   29.09 ? 97  ARG A N   1 
ATOM   716  C  CA  . ARG A 1 97  ? 13.050  6.921   -4.126  1.00   28.66 ? 97  ARG A CA  1 
ATOM   717  C  C   . ARG A 1 97  ? 11.861  5.992   -4.327  1.00   27.62 ? 97  ARG A C   1 
ATOM   718  O  O   . ARG A 1 97  ? 11.061  6.168   -5.243  1.00   27.70 ? 97  ARG A O   1 
ATOM   719  C  CB  . ARG A 1 97  ? 14.332  6.199   -4.562  1.00   33.06 ? 97  ARG A CB  1 
ATOM   720  C  CG  . ARG A 1 97  ? 15.552  7.084   -4.701  1.00   35.87 ? 97  ARG A CG  1 
ATOM   721  C  CD  . ARG A 1 97  ? 16.628  6.409   -5.528  1.00   36.00 ? 97  ARG A CD  1 
ATOM   722  N  NE  . ARG A 1 97  ? 17.127  5.204   -4.879  1.00   37.63 ? 97  ARG A NE  1 
ATOM   723  C  CZ  . ARG A 1 97  ? 18.162  5.153   -4.040  1.00   37.80 ? 97  ARG A CZ  1 
ATOM   724  N  NH1 . ARG A 1 97  ? 18.853  6.255   -3.725  1.00   39.69 ? 97  ARG A NH1 1 
ATOM   725  N  NH2 . ARG A 1 97  ? 18.521  3.985   -3.516  1.00   36.74 ? 97  ARG A NH2 1 
ATOM   726  N  N   . ASN A 1 98  ? 11.712  5.027   -3.432  1.00   28.51 ? 98  ASN A N   1 
ATOM   727  C  CA  . ASN A 1 98  ? 10.621  4.070   -3.576  1.00   26.56 ? 98  ASN A CA  1 
ATOM   728  C  C   . ASN A 1 98  ? 9.250   4.679   -3.310  1.00   27.79 ? 98  ASN A C   1 
ATOM   729  O  O   . ASN A 1 98  ? 8.259   4.308   -3.962  1.00   25.06 ? 98  ASN A O   1 
ATOM   730  C  CB  . ASN A 1 98  ? 10.881  2.823   -2.719  1.00   24.96 ? 98  ASN A CB  1 
ATOM   731  C  CG  . ASN A 1 98  ? 11.959  1.926   -3.337  1.00   25.93 ? 98  ASN A CG  1 
ATOM   732  O  OD1 . ASN A 1 98  ? 12.109  1.878   -4.562  1.00   21.56 ? 98  ASN A OD1 1 
ATOM   733  N  ND2 . ASN A 1 98  ? 12.717  1.233   -2.495  1.00   26.52 ? 98  ASN A ND2 1 
ATOM   734  N  N   . LEU A 1 99  ? 9.188   5.623   -2.376  1.00   26.56 ? 99  LEU A N   1 
ATOM   735  C  CA  . LEU A 1 99  ? 7.949   6.319   -2.134  1.00   24.26 ? 99  LEU A CA  1 
ATOM   736  C  C   . LEU A 1 99  ? 7.542   7.062   -3.382  1.00   27.49 ? 99  LEU A C   1 
ATOM   737  O  O   . LEU A 1 99  ? 6.350   7.217   -3.648  1.00   26.55 ? 99  LEU A O   1 
ATOM   738  C  CB  . LEU A 1 99  ? 8.083   7.297   -0.974  1.00   28.64 ? 99  LEU A CB  1 
ATOM   739  C  CG  . LEU A 1 99  ? 6.849   8.167   -0.713  1.00   32.82 ? 99  LEU A CG  1 
ATOM   740  C  CD1 . LEU A 1 99  ? 5.577   7.313   -0.479  1.00   30.83 ? 99  LEU A CD1 1 
ATOM   741  C  CD2 . LEU A 1 99  ? 7.106   9.096   0.461   1.00   27.93 ? 99  LEU A CD2 1 
ATOM   742  N  N   . ALA A 1 100 ? 8.528   7.530   -4.141  1.00   25.53 ? 100 ALA A N   1 
ATOM   743  C  CA  . ALA A 1 100 ? 8.236   8.341   -5.302  1.00   25.42 ? 100 ALA A CA  1 
ATOM   744  C  C   . ALA A 1 100 ? 7.622   7.471   -6.403  1.00   26.48 ? 100 ALA A C   1 
ATOM   745  O  O   . ALA A 1 100 ? 6.774   7.940   -7.141  1.00   24.22 ? 100 ALA A O   1 
ATOM   746  C  CB  . ALA A 1 100 ? 9.496   9.074   -5.789  1.00   27.71 ? 100 ALA A CB  1 
ATOM   747  N  N   . VAL A 1 101 ? 8.029   6.201   -6.464  1.00   24.99 ? 101 VAL A N   1 
ATOM   748  C  CA  . VAL A 1 101 ? 7.482   5.241   -7.418  1.00   23.66 ? 101 VAL A CA  1 
ATOM   749  C  C   . VAL A 1 101 ? 6.024   4.922   -7.070  1.00   24.31 ? 101 VAL A C   1 
ATOM   750  O  O   . VAL A 1 101 ? 5.166   4.864   -7.961  1.00   26.13 ? 101 VAL A O   1 
ATOM   751  C  CB  . VAL A 1 101 ? 8.338   3.947   -7.455  1.00   26.26 ? 101 VAL A CB  1 
ATOM   752  C  CG1 . VAL A 1 101 ? 7.793   2.927   -8.439  1.00   24.41 ? 101 VAL A CG1 1 
ATOM   753  C  CG2 . VAL A 1 101 ? 9.817   4.265   -7.798  1.00   28.14 ? 101 VAL A CG2 1 
ATOM   754  N  N   . PHE A 1 102 ? 5.721   4.750   -5.788  1.00   22.01 ? 102 PHE A N   1 
ATOM   755  C  CA  . PHE A 1 102 ? 4.338   4.499   -5.393  1.00   24.92 ? 102 PHE A CA  1 
ATOM   756  C  C   . PHE A 1 102 ? 3.424   5.704   -5.661  1.00   22.59 ? 102 PHE A C   1 
ATOM   757  O  O   . PHE A 1 102 ? 2.272   5.522   -6.037  1.00   27.33 ? 102 PHE A O   1 
ATOM   758  C  CB  . PHE A 1 102 ? 4.224   4.092   -3.919  1.00   24.89 ? 102 PHE A CB  1 
ATOM   759  C  CG  . PHE A 1 102 ? 4.485   2.635   -3.653  1.00   23.51 ? 102 PHE A CG  1 
ATOM   760  C  CD1 . PHE A 1 102 ? 5.781   2.185   -3.422  1.00   24.09 ? 102 PHE A CD1 1 
ATOM   761  C  CD2 . PHE A 1 102 ? 3.450   1.729   -3.590  1.00   21.24 ? 102 PHE A CD2 1 
ATOM   762  C  CE1 . PHE A 1 102 ? 6.030   0.857   -3.152  1.00   25.88 ? 102 PHE A CE1 1 
ATOM   763  C  CE2 . PHE A 1 102 ? 3.674   0.397   -3.319  1.00   23.17 ? 102 PHE A CE2 1 
ATOM   764  C  CZ  . PHE A 1 102 ? 4.973   -0.047  -3.103  1.00   26.38 ? 102 PHE A CZ  1 
ATOM   765  N  N   . LYS A 1 103 ? 3.914   6.928   -5.475  1.00   25.56 ? 103 LYS A N   1 
ATOM   766  C  CA  . LYS A 1 103 ? 3.051   8.107   -5.723  1.00   27.18 ? 103 LYS A CA  1 
ATOM   767  C  C   . LYS A 1 103 ? 2.718   8.243   -7.218  1.00   27.21 ? 103 LYS A C   1 
ATOM   768  O  O   . LYS A 1 103 ? 1.603   8.637   -7.607  1.00   27.17 ? 103 LYS A O   1 
ATOM   769  C  CB  . LYS A 1 103 ? 3.682   9.392   -5.199  1.00   28.00 ? 103 LYS A CB  1 
ATOM   770  C  CG  . LYS A 1 103 ? 3.951   9.407   -3.687  1.00   30.04 ? 103 LYS A CG  1 
ATOM   771  C  CD  . LYS A 1 103 ? 4.039   10.820  -3.141  1.00   30.76 ? 103 LYS A CD  1 
ATOM   772  C  CE  . LYS A 1 103 ? 4.027   10.860  -1.613  1.00   33.21 ? 103 LYS A CE  1 
ATOM   773  N  NZ  . LYS A 1 103 ? 4.374   12.220  -1.104  1.00   34.33 ? 103 LYS A NZ  1 
ATOM   774  N  N   . ALA A 1 104 ? 3.684   7.907   -8.062  1.00   26.45 ? 104 ALA A N   1 
ATOM   775  C  CA  . ALA A 1 104 ? 3.459   7.932   -9.509  1.00   26.57 ? 104 ALA A CA  1 
ATOM   776  C  C   . ALA A 1 104 ? 2.456   6.879   -9.917  1.00   27.07 ? 104 ALA A C   1 
ATOM   777  O  O   . ALA A 1 104 ? 1.628   7.093   -10.793 1.00   30.51 ? 104 ALA A O   1 
ATOM   778  C  CB  . ALA A 1 104 ? 4.747   7.710   -10.245 1.00   26.68 ? 104 ALA A CB  1 
ATOM   779  N  N   . TRP A 1 105 ? 2.527   5.723   -9.286  1.00   26.19 ? 105 TRP A N   1 
ATOM   780  C  CA  . TRP A 1 105 ? 1.645   4.639   -9.658  1.00   25.10 ? 105 TRP A CA  1 
ATOM   781  C  C   . TRP A 1 105 ? 0.217   4.961   -9.233  1.00   24.97 ? 105 TRP A C   1 
ATOM   782  O  O   . TRP A 1 105 ? -0.738  4.761   -9.976  1.00   25.46 ? 105 TRP A O   1 
ATOM   783  C  CB  . TRP A 1 105 ? 2.114   3.346   -8.993  1.00   24.62 ? 105 TRP A CB  1 
ATOM   784  C  CG  . TRP A 1 105 ? 1.206   2.187   -9.258  1.00   23.53 ? 105 TRP A CG  1 
ATOM   785  C  CD1 . TRP A 1 105 ? 0.875   1.676   -10.470 1.00   23.68 ? 105 TRP A CD1 1 
ATOM   786  C  CD2 . TRP A 1 105 ? 0.515   1.398   -8.286  1.00   25.62 ? 105 TRP A CD2 1 
ATOM   787  N  NE1 . TRP A 1 105 ? 0.003   0.619   -10.319 1.00   24.24 ? 105 TRP A NE1 1 
ATOM   788  C  CE2 . TRP A 1 105 ? -0.223  0.419   -8.985  1.00   23.88 ? 105 TRP A CE2 1 
ATOM   789  C  CE3 . TRP A 1 105 ? 0.453   1.414   -6.888  1.00   24.48 ? 105 TRP A CE3 1 
ATOM   790  C  CZ2 . TRP A 1 105 ? -1.011  -0.531  -8.337  1.00   25.57 ? 105 TRP A CZ2 1 
ATOM   791  C  CZ3 . TRP A 1 105 ? -0.325  0.466   -6.248  1.00   23.26 ? 105 TRP A CZ3 1 
ATOM   792  C  CH2 . TRP A 1 105 ? -1.047  -0.489  -6.971  1.00   24.29 ? 105 TRP A CH2 1 
ATOM   793  N  N   . VAL A 1 106 ? 0.075   5.478   -8.032  1.00   23.62 ? 106 VAL A N   1 
ATOM   794  C  CA  . VAL A 1 106 ? -1.242  5.666   -7.465  1.00   26.40 ? 106 VAL A CA  1 
ATOM   795  C  C   . VAL A 1 106 ? -1.989  6.771   -8.202  1.00   27.23 ? 106 VAL A C   1 
ATOM   796  O  O   . VAL A 1 106 ? -3.194  6.676   -8.377  1.00   26.73 ? 106 VAL A O   1 
ATOM   797  C  CB  . VAL A 1 106 ? -1.167  5.955   -5.968  1.00   24.60 ? 106 VAL A CB  1 
ATOM   798  C  CG1 . VAL A 1 106 ? -2.521  6.396   -5.428  1.00   29.50 ? 106 VAL A CG1 1 
ATOM   799  C  CG2 . VAL A 1 106 ? -0.680  4.684   -5.210  1.00   22.61 ? 106 VAL A CG2 1 
ATOM   800  N  N   . GLY A 1 107 ? -1.256  7.784   -8.662  1.00   28.96 ? 107 GLY A N   1 
ATOM   801  C  CA  . GLY A 1 107 ? -1.845  8.911   -9.374  1.00   30.69 ? 107 GLY A CA  1 
ATOM   802  C  C   . GLY A 1 107 ? -1.861  10.129  -8.472  1.00   31.36 ? 107 GLY A C   1 
ATOM   803  O  O   . GLY A 1 107 ? -0.922  10.926  -8.482  1.00   37.15 ? 107 GLY A O   1 
ATOM   804  N  N   . VAL A 1 108 ? -2.918  10.263  -7.678  1.00   29.33 ? 108 VAL A N   1 
ATOM   805  C  CA  . VAL A 1 108 ? -2.990  11.292  -6.654  1.00   32.16 ? 108 VAL A CA  1 
ATOM   806  C  C   . VAL A 1 108 ? -2.792  10.650  -5.263  1.00   29.72 ? 108 VAL A C   1 
ATOM   807  O  O   . VAL A 1 108 ? -3.454  9.677   -4.952  1.00   32.05 ? 108 VAL A O   1 
ATOM   808  C  CB  . VAL A 1 108 ? -4.342  12.067  -6.739  1.00   31.88 ? 108 VAL A CB  1 
ATOM   809  C  CG1 . VAL A 1 108 ? -4.505  13.039  -5.591  1.00   32.65 ? 108 VAL A CG1 1 
ATOM   810  C  CG2 . VAL A 1 108 ? -4.439  12.843  -8.059  1.00   36.93 ? 108 VAL A CG2 1 
ATOM   811  N  N   . TRP A 1 109 ? -1.897  11.195  -4.438  1.00   30.55 ? 109 TRP A N   1 
ATOM   812  C  CA  . TRP A 1 109 ? -1.680  10.698  -3.069  1.00   26.54 ? 109 TRP A CA  1 
ATOM   813  C  C   . TRP A 1 109 ? -2.808  11.082  -2.097  1.00   29.34 ? 109 TRP A C   1 
ATOM   814  O  O   . TRP A 1 109 ? -2.590  11.789  -1.116  1.00   28.16 ? 109 TRP A O   1 
ATOM   815  C  CB  . TRP A 1 109 ? -0.341  11.191  -2.547  1.00   28.74 ? 109 TRP A CB  1 
ATOM   816  C  CG  . TRP A 1 109 ? 0.302   10.296  -1.502  1.00   27.78 ? 109 TRP A CG  1 
ATOM   817  C  CD1 . TRP A 1 109 ? 0.551   10.595  -0.189  1.00   30.42 ? 109 TRP A CD1 1 
ATOM   818  C  CD2 . TRP A 1 109 ? 0.771   8.950   -1.700  1.00   24.67 ? 109 TRP A CD2 1 
ATOM   819  N  NE1 . TRP A 1 109 ? 1.155   9.515   0.439   1.00   27.00 ? 109 TRP A NE1 1 
ATOM   820  C  CE2 . TRP A 1 109 ? 1.301   8.500   -0.474  1.00   28.99 ? 109 TRP A CE2 1 
ATOM   821  C  CE3 . TRP A 1 109 ? 0.805   8.090   -2.801  1.00   27.94 ? 109 TRP A CE3 1 
ATOM   822  C  CZ2 . TRP A 1 109 ? 1.858   7.212   -0.325  1.00   28.33 ? 109 TRP A CZ2 1 
ATOM   823  C  CZ3 . TRP A 1 109 ? 1.360   6.816   -2.651  1.00   27.71 ? 109 TRP A CZ3 1 
ATOM   824  C  CH2 . TRP A 1 109 ? 1.866   6.395   -1.432  1.00   24.30 ? 109 TRP A CH2 1 
ATOM   825  N  N   . ASN A 1 110 ? -4.013  10.578  -2.334  1.00   27.33 ? 110 ASN A N   1 
ATOM   826  C  CA  . ASN A 1 110 ? -5.144  10.929  -1.490  1.00   27.83 ? 110 ASN A CA  1 
ATOM   827  C  C   . ASN A 1 110 ? -5.205  10.090  -0.201  1.00   29.23 ? 110 ASN A C   1 
ATOM   828  O  O   . ASN A 1 110 ? -5.304  8.864   -0.258  1.00   26.77 ? 110 ASN A O   1 
ATOM   829  C  CB  . ASN A 1 110 ? -6.440  10.776  -2.282  1.00   29.04 ? 110 ASN A CB  1 
ATOM   830  C  CG  . ASN A 1 110 ? -7.615  11.497  -1.635  1.00   32.22 ? 110 ASN A CG  1 
ATOM   831  O  OD1 . ASN A 1 110 ? -7.840  11.413  -0.429  1.00   30.61 ? 110 ASN A OD1 1 
ATOM   832  N  ND2 . ASN A 1 110 ? -8.373  12.221  -2.455  1.00   37.84 ? 110 ASN A ND2 1 
ATOM   833  N  N   . LEU A 1 111 ? -5.181  10.755  0.955   1.00   27.42 ? 111 LEU A N   1 
ATOM   834  C  CA  . LEU A 1 111 ? -5.175  10.066  2.235   1.00   26.84 ? 111 LEU A CA  1 
ATOM   835  C  C   . LEU A 1 111 ? -6.554  9.852   2.851   1.00   28.70 ? 111 LEU A C   1 
ATOM   836  O  O   . LEU A 1 111 ? -6.661  9.283   3.951   1.00   29.63 ? 111 LEU A O   1 
ATOM   837  C  CB  . LEU A 1 111 ? -4.331  10.833  3.251   1.00   29.60 ? 111 LEU A CB  1 
ATOM   838  C  CG  . LEU A 1 111 ? -2.926  11.308  2.895   1.00   33.42 ? 111 LEU A CG  1 
ATOM   839  C  CD1 . LEU A 1 111 ? -2.197  11.710  4.174   1.00   39.96 ? 111 LEU A CD1 1 
ATOM   840  C  CD2 . LEU A 1 111 ? -2.129  10.249  2.198   1.00   30.18 ? 111 LEU A CD2 1 
ATOM   841  N  N   . LYS A 1 112 ? -7.608  10.313  2.178   1.00   28.22 ? 112 LYS A N   1 
ATOM   842  C  CA  . LYS A 1 112 ? -8.928  10.269  2.752   1.00   26.88 ? 112 LYS A CA  1 
ATOM   843  C  C   . LYS A 1 112 ? -9.486  8.871   2.802   1.00   28.35 ? 112 LYS A C   1 
ATOM   844  O  O   . LYS A 1 112 ? -9.013  7.970   2.109   1.00   26.09 ? 112 LYS A O   1 
ATOM   845  C  CB  . LYS A 1 112 ? -9.898  11.113  1.942   1.00   32.36 ? 112 LYS A CB  1 
ATOM   846  C  CG  . LYS A 1 112 ? -9.682  12.595  2.055   1.00   34.11 ? 112 LYS A CG  1 
ATOM   847  C  CD  . LYS A 1 112 ? -10.505 13.334  1.008   1.00   36.85 ? 112 LYS A CD  1 
ATOM   848  C  CE  . LYS A 1 112 ? -10.147 14.815  0.985   1.00   39.49 ? 112 LYS A CE  1 
ATOM   849  N  NZ  . LYS A 1 112 ? -11.042 15.570  0.059   1.00   40.04 ? 112 LYS A NZ  1 
ATOM   850  N  N   . LYS A 1 113 ? -10.517 8.727   3.622   1.00   27.49 ? 113 LYS A N   1 
ATOM   851  C  CA  . LYS A 1 113 ? -11.194 7.451   3.865   1.00   27.32 ? 113 LYS A CA  1 
ATOM   852  C  C   . LYS A 1 113 ? -12.486 7.436   3.048   1.00   28.29 ? 113 LYS A C   1 
ATOM   853  O  O   . LYS A 1 113 ? -12.935 8.487   2.577   1.00   27.25 ? 113 LYS A O   1 
ATOM   854  C  CB  . LYS A 1 113 ? -11.469 7.257   5.374   1.00   26.51 ? 113 LYS A CB  1 
ATOM   855  C  CG  . LYS A 1 113 ? -10.257 6.691   6.110   1.00   27.85 ? 113 LYS A CG  1 
ATOM   856  C  CD  . LYS A 1 113 ? -10.445 6.576   7.590   1.00   32.38 ? 113 LYS A CD  1 
ATOM   857  C  CE  . LYS A 1 113 ? -9.142  6.141   8.265   1.00   38.13 ? 113 LYS A CE  1 
ATOM   858  N  NZ  . LYS A 1 113 ? -9.227  6.188   9.777   0.0000 47.60 ? 113 LYS A NZ  1 
ATOM   859  N  N   . TRP A 1 114 ? -13.077 6.254   2.885   1.00   26.69 ? 114 TRP A N   1 
ATOM   860  C  CA  . TRP A 1 114 ? -14.119 6.061   1.879   1.00   26.56 ? 114 TRP A CA  1 
ATOM   861  C  C   . TRP A 1 114 ? -15.326 7.031   2.035   1.00   27.48 ? 114 TRP A C   1 
ATOM   862  O  O   . TRP A 1 114 ? -15.779 7.608   1.052   1.00   25.73 ? 114 TRP A O   1 
ATOM   863  C  CB  . TRP A 1 114 ? -14.608 4.609   1.873   1.00   24.36 ? 114 TRP A CB  1 
ATOM   864  C  CG  . TRP A 1 114 ? -15.807 4.373   1.032   1.00   23.45 ? 114 TRP A CG  1 
ATOM   865  C  CD1 . TRP A 1 114 ? -17.068 4.095   1.471   1.00   27.63 ? 114 TRP A CD1 1 
ATOM   866  C  CD2 . TRP A 1 114 ? -15.876 4.398   -0.390  1.00   26.55 ? 114 TRP A CD2 1 
ATOM   867  N  NE1 . TRP A 1 114 ? -17.914 3.939   0.408   1.00   24.10 ? 114 TRP A NE1 1 
ATOM   868  C  CE2 . TRP A 1 114 ? -17.208 4.117   -0.746  1.00   24.80 ? 114 TRP A CE2 1 
ATOM   869  C  CE3 . TRP A 1 114 ? -14.937 4.628   -1.408  1.00   22.25 ? 114 TRP A CE3 1 
ATOM   870  C  CZ2 . TRP A 1 114 ? -17.626 4.073   -2.056  1.00   23.62 ? 114 TRP A CZ2 1 
ATOM   871  C  CZ3 . TRP A 1 114 ? -15.359 4.561   -2.708  1.00   24.42 ? 114 TRP A CZ3 1 
ATOM   872  C  CH2 . TRP A 1 114 ? -16.695 4.289   -3.022  1.00   25.16 ? 114 TRP A CH2 1 
ATOM   873  N  N   . PRO A 1 115 ? -15.825 7.213   3.265   1.00   27.97 ? 115 PRO A N   1 
ATOM   874  C  CA  . PRO A 1 115 ? -17.006 8.058   3.471   1.00   28.47 ? 115 PRO A CA  1 
ATOM   875  C  C   . PRO A 1 115 ? -16.774 9.548   3.176   1.00   32.67 ? 115 PRO A C   1 
ATOM   876  O  O   . PRO A 1 115 ? -17.742 10.292  3.043   1.00   32.82 ? 115 PRO A O   1 
ATOM   877  C  CB  . PRO A 1 115 ? -17.302 7.875   4.961   1.00   28.70 ? 115 PRO A CB  1 
ATOM   878  C  CG  . PRO A 1 115 ? -16.592 6.655   5.362   1.00   34.38 ? 115 PRO A CG  1 
ATOM   879  C  CD  . PRO A 1 115 ? -15.384 6.591   4.526   1.00   30.28 ? 115 PRO A CD  1 
ATOM   880  N  N   . ASP A 1 116 ? -15.519 9.979   3.112   1.00   28.91 ? 116 ASP A N   1 
ATOM   881  C  CA  . ASP A 1 116 ? -15.204 11.397  2.987   1.00   34.06 ? 116 ASP A CA  1 
ATOM   882  C  C   . ASP A 1 116 ? -14.643 11.734  1.616   1.00   33.49 ? 116 ASP A C   1 
ATOM   883  O  O   . ASP A 1 116 ? -14.200 12.856  1.405   1.00   36.73 ? 116 ASP A O   1 
ATOM   884  C  CB  . ASP A 1 116 ? -14.182 11.803  4.052   1.00   33.73 ? 116 ASP A CB  1 
ATOM   885  C  CG  . ASP A 1 116 ? -14.580 11.352  5.433   1.00   37.16 ? 116 ASP A CG  1 
ATOM   886  O  OD1 . ASP A 1 116 ? -15.729 11.675  5.833   1.00   37.14 ? 116 ASP A OD1 1 
ATOM   887  O  OD2 . ASP A 1 116 ? -13.761 10.646  6.102   1.00   32.70 ? 116 ASP A OD2 1 
ATOM   888  N  N   . ILE A 1 117 ? -14.653 10.780  0.688   1.00   30.49 ? 117 ILE A N   1 
ATOM   889  C  CA  . ILE A 1 117 ? -14.036 11.008  -0.624  1.00   31.97 ? 117 ILE A CA  1 
ATOM   890  C  C   . ILE A 1 117 ? -15.091 11.188  -1.693  1.00   30.90 ? 117 ILE A C   1 
ATOM   891  O  O   . ILE A 1 117 ? -16.168 10.607  -1.618  1.00   30.39 ? 117 ILE A O   1 
ATOM   892  C  CB  . ILE A 1 117 ? -13.056 9.872   -1.042  1.00   33.28 ? 117 ILE A CB  1 
ATOM   893  C  CG1 . ILE A 1 117 ? -12.311 10.259  -2.320  1.00   34.83 ? 117 ILE A CG1 1 
ATOM   894  C  CG2 . ILE A 1 117 ? -13.789 8.557   -1.278  1.00   28.97 ? 117 ILE A CG2 1 
ATOM   895  C  CD1 . ILE A 1 117 ? -10.949 9.635   -2.440  1.00   33.95 ? 117 ILE A CD1 1 
ATOM   896  N  N   . THR A 1 118 ? -14.769 12.004  -2.684  1.00   30.55 ? 118 THR A N   1 
ATOM   897  C  CA  . THR A 1 118 ? -15.687 12.302  -3.772  1.00   33.94 ? 118 THR A CA  1 
ATOM   898  C  C   . THR A 1 118 ? -15.379 11.439  -4.971  1.00   30.73 ? 118 THR A C   1 
ATOM   899  O  O   . THR A 1 118 ? -14.267 10.962  -5.125  1.00   32.48 ? 118 THR A O   1 
ATOM   900  C  CB  . THR A 1 118 ? -15.542 13.757  -4.268  1.00   33.49 ? 118 THR A CB  1 
ATOM   901  O  OG1 . THR A 1 118 ? -14.382 13.859  -5.104  1.00   33.38 ? 118 THR A OG1 1 
ATOM   902  C  CG2 . THR A 1 118 ? -15.442 14.723  -3.107  1.00   37.63 ? 118 THR A CG2 1 
ATOM   903  N  N   . LYS A 1 119 ? -16.371 11.284  -5.834  1.00   29.50 ? 119 LYS A N   1 
ATOM   904  C  CA  . LYS A 1 119 ? -16.199 10.596  -7.084  1.00   31.05 ? 119 LYS A CA  1 
ATOM   905  C  C   . LYS A 1 119 ? -15.077 11.220  -7.921  1.00   31.04 ? 119 LYS A C   1 
ATOM   906  O  O   . LYS A 1 119 ? -14.292 10.508  -8.503  1.00   29.21 ? 119 LYS A O   1 
ATOM   907  C  CB  . LYS A 1 119 ? -17.527 10.570  -7.860  1.00   30.83 ? 119 LYS A CB  1 
ATOM   908  C  CG  . LYS A 1 119 ? -17.441 9.909   -9.227  1.00   29.79 ? 119 LYS A CG  1 
ATOM   909  C  CD  . LYS A 1 119 ? -16.877 8.487   -9.145  1.00   30.75 ? 119 LYS A CD  1 
ATOM   910  C  CE  . LYS A 1 119 ? -17.359 7.571   -10.268 1.00   26.75 ? 119 LYS A CE  1 
ATOM   911  N  NZ  . LYS A 1 119 ? -16.957 7.996   -11.651 1.00   29.68 ? 119 LYS A NZ  1 
ATOM   912  N  N   . GLU A 1 120 ? -14.983 12.548  -7.971  1.00   32.81 ? 120 GLU A N   1 
ATOM   913  C  CA  . GLU A 1 120 ? -13.967 13.189  -8.810  1.00   31.23 ? 120 GLU A CA  1 
ATOM   914  C  C   . GLU A 1 120 ? -12.563 12.778  -8.322  1.00   32.74 ? 120 GLU A C   1 
ATOM   915  O  O   . GLU A 1 120 ? -11.648 12.561  -9.117  1.00   35.06 ? 120 GLU A O   1 
ATOM   916  C  CB  . GLU A 1 120 ? -14.135 14.725  -8.806  1.00   30.66 ? 120 GLU A CB  1 
ATOM   917  N  N   . GLU A 1 121 ? -12.416 12.628  -7.011  1.00   32.45 ? 121 GLU A N   1 
ATOM   918  C  CA  . GLU A 1 121 ? -11.123 12.294  -6.420  1.00   34.36 ? 121 GLU A CA  1 
ATOM   919  C  C   . GLU A 1 121 ? -10.790 10.842  -6.735  1.00   33.71 ? 121 GLU A C   1 
ATOM   920  O  O   . GLU A 1 121 ? -9.663  10.518  -7.091  1.00   35.07 ? 121 GLU A O   1 
ATOM   921  C  CB  . GLU A 1 121 ? -11.157 12.521  -4.910  1.00   34.12 ? 121 GLU A CB  1 
ATOM   922  C  CG  . GLU A 1 121 ? -11.295 13.974  -4.526  1.00   34.25 ? 121 GLU A CG  1 
ATOM   923  C  CD  . GLU A 1 121 ? -11.268 14.197  -3.031  1.00   36.04 ? 121 GLU A CD  1 
ATOM   924  O  OE1 . GLU A 1 121 ? -12.241 13.816  -2.322  1.00   34.37 ? 121 GLU A OE1 1 
ATOM   925  O  OE2 . GLU A 1 121 ? -10.258 14.755  -2.560  1.00   37.36 ? 121 GLU A OE2 1 
ATOM   926  N  N   . LEU A 1 122 ? -11.793 9.977   -6.613  1.00   34.16 ? 122 LEU A N   1 
ATOM   927  C  CA  . LEU A 1 122 ? -11.664 8.575   -7.009  1.00   31.43 ? 122 LEU A CA  1 
ATOM   928  C  C   . LEU A 1 122 ? -11.194 8.457   -8.439  1.00   31.48 ? 122 LEU A C   1 
ATOM   929  O  O   . LEU A 1 122 ? -10.435 7.546   -8.767  1.00   28.90 ? 122 LEU A O   1 
ATOM   930  C  CB  . LEU A 1 122 ? -12.985 7.816   -6.820  1.00   29.15 ? 122 LEU A CB  1 
ATOM   931  C  CG  . LEU A 1 122 ? -13.428 7.574   -5.373  1.00   26.84 ? 122 LEU A CG  1 
ATOM   932  C  CD1 . LEU A 1 122 ? -14.916 7.215   -5.289  1.00   26.98 ? 122 LEU A CD1 1 
ATOM   933  C  CD2 . LEU A 1 122 ? -12.599 6.501   -4.708  1.00   29.60 ? 122 LEU A CD2 1 
ATOM   934  N  N   . ASN A 1 123 ? -11.613 9.370   -9.307  1.00   31.38 ? 123 ASN A N   1 
ATOM   935  C  CA  . ASN A 1 123 ? -11.219 9.256   -10.707 1.00   29.36 ? 123 ASN A CA  1 
ATOM   936  C  C   . ASN A 1 123 ? -9.713  9.410   -10.892 1.00   28.42 ? 123 ASN A C   1 
ATOM   937  O  O   . ASN A 1 123 ? -9.148  8.935   -11.860 1.00   26.23 ? 123 ASN A O   1 
ATOM   938  C  CB  . ASN A 1 123 ? -11.957 10.284  -11.575 1.00   32.72 ? 123 ASN A CB  1 
ATOM   939  C  CG  . ASN A 1 123 ? -13.473 10.065  -11.605 1.00   33.41 ? 123 ASN A CG  1 
ATOM   940  O  OD1 . ASN A 1 123 ? -13.965 8.925   -11.574 1.00   33.71 ? 123 ASN A OD1 1 
ATOM   941  N  ND2 . ASN A 1 123 ? -14.220 11.162  -11.699 1.00   34.65 ? 123 ASN A ND2 1 
ATOM   942  N  N   . ALA A 1 124 ? -9.062  10.066  -9.948  1.00   27.33 ? 124 ALA A N   1 
ATOM   943  C  CA  . ALA A 1 124 ? -7.676  10.474  -10.125 1.00   28.88 ? 124 ALA A CA  1 
ATOM   944  C  C   . ALA A 1 124 ? -6.706  9.372   -9.710  1.00   28.92 ? 124 ALA A C   1 
ATOM   945  O  O   . ALA A 1 124 ? -5.481  9.518   -9.847  1.00   29.30 ? 124 ALA A O   1 
ATOM   946  C  CB  . ALA A 1 124 ? -7.412  11.710  -9.321  1.00   28.97 ? 124 ALA A CB  1 
ATOM   947  N  N   . ILE A 1 125 ? -7.259  8.283   -9.190  1.00   26.04 ? 125 ILE A N   1 
ATOM   948  C  CA  . ILE A 1 125 ? -6.456  7.153   -8.733  1.00   29.04 ? 125 ILE A CA  1 
ATOM   949  C  C   . ILE A 1 125 ? -6.311  6.171   -9.894  1.00   28.46 ? 125 ILE A C   1 
ATOM   950  O  O   . ILE A 1 125 ? -7.258  5.492   -10.243 1.00   27.33 ? 125 ILE A O   1 
ATOM   951  C  CB  . ILE A 1 125 ? -7.115  6.525   -7.485  1.00   26.81 ? 125 ILE A CB  1 
ATOM   952  C  CG1 . ILE A 1 125 ? -6.926  7.469   -6.287  1.00   26.89 ? 125 ILE A CG1 1 
ATOM   953  C  CG2 . ILE A 1 125 ? -6.524  5.183   -7.179  1.00   29.90 ? 125 ILE A CG2 1 
ATOM   954  C  CD1 . ILE A 1 125 ? -7.730  7.102   -5.042  1.00   27.54 ? 125 ILE A CD1 1 
ATOM   955  N  N   . THR A 1 126 ? -5.129  6.102   -10.502 1.00   26.83 ? 126 THR A N   1 
ATOM   956  C  CA  . THR A 1 126 ? -4.982  5.415   -11.787 1.00   26.38 ? 126 THR A CA  1 
ATOM   957  C  C   . THR A 1 126 ? -4.513  3.965   -11.700 1.00   26.57 ? 126 THR A C   1 
ATOM   958  O  O   . THR A 1 126 ? -5.100  3.064   -12.340 1.00   22.95 ? 126 THR A O   1 
ATOM   959  C  CB  . THR A 1 126 ? -4.008  6.189   -12.687 1.00   27.81 ? 126 THR A CB  1 
ATOM   960  O  OG1 . THR A 1 126 ? -2.854  6.553   -11.931 1.00   29.57 ? 126 THR A OG1 1 
ATOM   961  C  CG2 . THR A 1 126 ? -4.658  7.454   -13.190 1.00   31.73 ? 126 THR A CG2 1 
ATOM   962  N  N   . VAL A 1 127 ? -3.398  3.775   -11.002 1.00   24.98 ? 127 VAL A N   1 
ATOM   963  C  CA  . VAL A 1 127 ? -3.034  2.492   -10.482 1.00   26.37 ? 127 VAL A CA  1 
ATOM   964  C  C   . VAL A 1 127 ? -2.882  1.520   -11.682 1.00   24.40 ? 127 VAL A C   1 
ATOM   965  O  O   . VAL A 1 127 ? -3.414  0.434   -11.714 1.00   23.35 ? 127 VAL A O   1 
ATOM   966  C  CB  . VAL A 1 127 ? -4.101  2.177   -9.329  1.00   28.49 ? 127 VAL A CB  1 
ATOM   967  C  CG1 . VAL A 1 127 ? -5.214  1.227   -9.729  1.00   25.14 ? 127 VAL A CG1 1 
ATOM   968  C  CG2 . VAL A 1 127 ? -3.442  1.823   -8.063  1.00   25.21 ? 127 VAL A CG2 1 
ATOM   969  N  N   . THR A 1 128 ? -2.153  1.971   -12.703 1.00   24.50 ? 128 THR A N   1 
ATOM   970  C  CA  . THR A 1 128 ? -2.034  1.212   -13.941 1.00   23.13 ? 128 THR A CA  1 
ATOM   971  C  C   . THR A 1 128 ? -1.377  -0.159  -13.781 1.00   23.05 ? 128 THR A C   1 
ATOM   972  O  O   . THR A 1 128 ? -0.334  -0.291  -13.128 1.00   24.44 ? 128 THR A O   1 
ATOM   973  C  CB  . THR A 1 128 ? -1.246  2.018   -14.988 1.00   25.77 ? 128 THR A CB  1 
ATOM   974  O  OG1 . THR A 1 128 ? -1.874  3.296   -15.144 1.00   24.31 ? 128 THR A OG1 1 
ATOM   975  C  CG2 . THR A 1 128 ? -1.201  1.294   -16.325 1.00   23.32 ? 128 THR A CG2 1 
ATOM   976  N  N   . TYR A 1 129 ? -1.995  -1.176  -14.372 1.00   21.92 ? 129 TYR A N   1 
ATOM   977  C  CA  . TYR A 1 129 ? -1.469  -2.535  -14.264 1.00   25.00 ? 129 TYR A CA  1 
ATOM   978  C  C   . TYR A 1 129 ? -0.209  -2.731  -15.103 1.00   25.81 ? 129 TYR A C   1 
ATOM   979  O  O   . TYR A 1 129 ? 0.806   -3.284  -14.661 1.00   26.93 ? 129 TYR A O   1 
ATOM   980  C  CB  . TYR A 1 129 ? -2.506  -3.531  -14.739 1.00   24.19 ? 129 TYR A CB  1 
ATOM   981  C  CG  . TYR A 1 129 ? -2.007  -4.960  -14.755 1.00   21.96 ? 129 TYR A CG  1 
ATOM   982  C  CD1 . TYR A 1 129 ? -1.661  -5.603  -13.574 1.00   23.33 ? 129 TYR A CD1 1 
ATOM   983  C  CD2 . TYR A 1 129 ? -1.890  -5.664  -15.941 1.00   23.72 ? 129 TYR A CD2 1 
ATOM   984  C  CE1 . TYR A 1 129 ? -1.210  -6.931  -13.580 1.00   25.57 ? 129 TYR A CE1 1 
ATOM   985  C  CE2 . TYR A 1 129 ? -1.453  -6.992  -15.956 1.00   25.79 ? 129 TYR A CE2 1 
ATOM   986  C  CZ  . TYR A 1 129 ? -1.117  -7.612  -14.778 1.00   19.69 ? 129 TYR A CZ  1 
ATOM   987  O  OH  . TYR A 1 129 ? -0.685  -8.900  -14.762 1.00   22.26 ? 129 TYR A OH  1 
ATOM   988  O  OXT . TYR A 1 129 ? -0.202  -2.359  -16.275 1.00   29.01 ? 129 TYR A OXT 1 
HETATM 989  C  CHA . HEM B 2 .   ? -0.551  -3.338  7.464   1.00   20.02 ? 201 HEM A CHA 1 
HETATM 990  C  CHB . HEM B 2 .   ? 1.363   -1.901  3.266   1.00   16.52 ? 201 HEM A CHB 1 
HETATM 991  C  CHC . HEM B 2 .   ? 5.470   -4.006  4.658   1.00   19.56 ? 201 HEM A CHC 1 
HETATM 992  C  CHD . HEM B 2 .   ? 3.412   -5.936  8.522   1.00   18.80 ? 201 HEM A CHD 1 
HETATM 993  C  C1A . HEM B 2 .   ? -0.338  -2.705  6.256   1.00   18.97 ? 201 HEM A C1A 1 
HETATM 994  C  C2A . HEM B 2 .   ? -1.284  -1.820  5.634   1.00   17.72 ? 201 HEM A C2A 1 
HETATM 995  C  C3A . HEM B 2 .   ? -0.767  -1.417  4.473   1.00   19.71 ? 201 HEM A C3A 1 
HETATM 996  C  C4A . HEM B 2 .   ? 0.523   -2.032  4.328   1.00   17.63 ? 201 HEM A C4A 1 
HETATM 997  C  CMA . HEM B 2 .   ? -1.409  -0.486  3.437   1.00   20.25 ? 201 HEM A CMA 1 
HETATM 998  C  CAA . HEM B 2 .   ? -2.639  -1.438  6.252   1.00   20.91 ? 201 HEM A CAA 1 
HETATM 999  C  CBA . HEM B 2 .   ? -3.784  -2.366  5.851   1.00   19.09 ? 201 HEM A CBA 1 
HETATM 1000 C  CGA . HEM B 2 .   ? -5.065  -1.763  6.407   1.00   22.62 ? 201 HEM A CGA 1 
HETATM 1001 O  O1A . HEM B 2 .   ? -5.645  -0.834  5.808   1.00   21.30 ? 201 HEM A O1A 1 
HETATM 1002 O  O2A . HEM B 2 .   ? -5.505  -2.211  7.473   1.00   20.02 ? 201 HEM A O2A 1 
HETATM 1003 C  C1B . HEM B 2 .   ? 2.655   -2.368  3.284   1.00   18.17 ? 201 HEM A C1B 1 
HETATM 1004 C  C2B . HEM B 2 .   ? 3.625   -2.104  2.271   1.00   16.63 ? 201 HEM A C2B 1 
HETATM 1005 C  C3B . HEM B 2 .   ? 4.768   -2.673  2.648   1.00   17.85 ? 201 HEM A C3B 1 
HETATM 1006 C  C4B . HEM B 2 .   ? 4.538   -3.305  3.924   1.00   20.09 ? 201 HEM A C4B 1 
HETATM 1007 C  CMB . HEM B 2 .   ? 3.264   -1.327  1.008   1.00   17.28 ? 201 HEM A CMB 1 
HETATM 1008 C  CAB . HEM B 2 .   ? 6.121   -2.664  1.930   1.00   19.30 ? 201 HEM A CAB 1 
HETATM 1009 C  CBB . HEM B 2 .   ? 6.580   -1.462  1.498   1.00   19.36 ? 201 HEM A CBB 1 
HETATM 1010 C  C1C . HEM B 2 .   ? 5.247   -4.735  5.790   1.00   19.68 ? 201 HEM A C1C 1 
HETATM 1011 C  C2C . HEM B 2 .   ? 6.253   -5.545  6.432   1.00   19.79 ? 201 HEM A C2C 1 
HETATM 1012 C  C3C . HEM B 2 .   ? 5.685   -6.112  7.510   1.00   20.13 ? 201 HEM A C3C 1 
HETATM 1013 C  C4C . HEM B 2 .   ? 4.324   -5.618  7.574   1.00   18.46 ? 201 HEM A C4C 1 
HETATM 1014 C  CMC . HEM B 2 .   ? 7.679   -5.737  5.867   1.00   22.76 ? 201 HEM A CMC 1 
HETATM 1015 C  CAC . HEM B 2 .   ? 6.296   -7.056  8.585   1.00   21.53 ? 201 HEM A CAC 1 
HETATM 1016 C  CBC . HEM B 2 .   ? 7.588   -6.942  8.967   1.00   23.42 ? 201 HEM A CBC 1 
HETATM 1017 C  C1D . HEM B 2 .   ? 2.139   -5.445  8.563   1.00   18.99 ? 201 HEM A C1D 1 
HETATM 1018 C  C2D . HEM B 2 .   ? 1.175   -5.842  9.553   1.00   21.22 ? 201 HEM A C2D 1 
HETATM 1019 C  C3D . HEM B 2 .   ? -0.076  -5.036  9.227   1.00   20.58 ? 201 HEM A C3D 1 
HETATM 1020 C  C4D . HEM B 2 .   ? 0.279   -4.235  8.076   1.00   18.00 ? 201 HEM A C4D 1 
HETATM 1021 C  CMD . HEM B 2 .   ? 1.398   -6.888  10.674  1.00   23.50 ? 201 HEM A CMD 1 
HETATM 1022 C  CAD . HEM B 2 .   ? -1.421  -5.066  9.961   1.00   22.38 ? 201 HEM A CAD 1 
HETATM 1023 C  CBD . HEM B 2 .   ? -1.336  -4.288  11.269  1.00   21.53 ? 201 HEM A CBD 1 
HETATM 1024 C  CGD . HEM B 2 .   ? -1.263  -2.822  10.929  1.00   21.33 ? 201 HEM A CGD 1 
HETATM 1025 O  O1D . HEM B 2 .   ? -2.227  -2.226  10.394  1.00   22.87 ? 201 HEM A O1D 1 
HETATM 1026 O  O2D . HEM B 2 .   ? -0.208  -2.234  11.200  1.00   23.80 ? 201 HEM A O2D 1 
HETATM 1027 N  NA  . HEM B 2 .   ? 0.773   -2.797  5.451   1.00   16.00 ? 201 HEM A NA  1 
HETATM 1028 N  NB  . HEM B 2 .   ? 3.243   -3.085  4.291   1.00   17.07 ? 201 HEM A NB  1 
HETATM 1029 N  NC  . HEM B 2 .   ? 4.085   -4.778  6.533   1.00   17.77 ? 201 HEM A NC  1 
HETATM 1030 N  ND  . HEM B 2 .   ? 1.587   -4.499  7.712   1.00   20.18 ? 201 HEM A ND  1 
HETATM 1031 FE FE  . HEM B 2 .   ? 2.448   -3.801  5.907   1.00   18.04 ? 201 HEM A FE  1 
HETATM 1032 ZN ZN  . ZN  C 3 .   ? -7.341  0.082   6.070   1.00   31.96 ? 202 ZN  A ZN  1 
HETATM 1033 ZN ZN  . ZN  D 3 .   ? -14.532 -3.783  5.438   1.00   42.60 ? 203 ZN  A ZN  1 
HETATM 1034 ZN ZN  . ZN  E 3 .   ? 10.956  -3.959  6.228   1.00   22.98 ? 204 ZN  A ZN  1 
HETATM 1035 AS AS  . CAC F 4 .   ? -17.051 -1.947  6.428   1.00   98.92 ? 205 CAC A AS  1 
HETATM 1036 O  O1  . CAC F 4 .   ? -17.286 -1.831  8.154   1.00   54.52 ? 205 CAC A O1  1 
HETATM 1037 O  O2  . CAC F 4 .   ? -16.116 -3.406  6.216   1.00   46.04 ? 205 CAC A O2  1 
HETATM 1038 C  C1  . CAC F 4 .   ? -18.800 -2.108  5.551   1.00   41.32 ? 205 CAC A C1  1 
HETATM 1039 C  C2  . CAC F 4 .   ? -16.152 -0.354  5.724   1.00   43.42 ? 205 CAC A C2  1 
HETATM 1040 C  C   . ACT G 5 .   ? 13.222  -2.335  5.401   1.00   25.35 ? 206 ACT A C   1 
HETATM 1041 O  O   . ACT G 5 .   ? 12.502  -2.861  6.288   1.00   23.23 ? 206 ACT A O   1 
HETATM 1042 O  OXT . ACT G 5 .   ? 12.963  -2.575  4.193   1.00   26.13 ? 206 ACT A OXT 1 
HETATM 1043 C  CH3 . ACT G 5 .   ? 14.376  -1.439  5.752   1.00   26.99 ? 206 ACT A CH3 1 
HETATM 1044 O  O   . HOH H 6 .   ? -6.501  1.926   6.565   1.00   24.70 ? 301 HOH A O   1 
HETATM 1045 O  O   . HOH H 6 .   ? 1.753   -6.873  -5.129  1.00   22.62 ? 302 HOH A O   1 
HETATM 1046 O  O   . HOH H 6 .   ? 3.307   -13.461 3.916   1.00   19.34 ? 303 HOH A O   1 
HETATM 1047 O  O   . HOH H 6 .   ? -2.273  -14.771 1.552   1.00   24.44 ? 304 HOH A O   1 
HETATM 1048 O  O   . HOH H 6 .   ? -2.036  -17.593 4.272   1.00   26.80 ? 305 HOH A O   1 
HETATM 1049 O  O   . HOH H 6 .   ? -9.485  -8.046  1.115   1.00   16.40 ? 306 HOH A O   1 
HETATM 1050 O  O   . HOH H 6 .   ? -7.060  -7.284  -0.967  1.00   20.92 ? 307 HOH A O   1 
HETATM 1051 O  O   . HOH H 6 .   ? -1.502  -9.874  -10.184 1.00   18.16 ? 308 HOH A O   1 
HETATM 1052 O  O   . HOH H 6 .   ? -16.522 -2.508  2.407   1.00   34.20 ? 309 HOH A O   1 
HETATM 1053 O  O   . HOH H 6 .   ? -5.940  -8.178  1.479   1.00   17.34 ? 310 HOH A O   1 
HETATM 1054 O  O   . HOH H 6 .   ? 0.015   -9.913  -12.318 1.00   24.48 ? 311 HOH A O   1 
HETATM 1055 O  O   . HOH H 6 .   ? 0.550   4.592   10.075  1.00   22.77 ? 312 HOH A O   1 
HETATM 1056 O  O   . HOH H 6 .   ? -11.778 -8.237  2.919   1.00   20.69 ? 313 HOH A O   1 
HETATM 1057 O  O   . HOH H 6 .   ? -1.430  0.337   12.487  1.00   26.31 ? 314 HOH A O   1 
HETATM 1058 O  O   . HOH H 6 .   ? 4.096   -13.554 -2.287  1.00   28.20 ? 315 HOH A O   1 
HETATM 1059 O  O   . HOH H 6 .   ? -14.477 -3.978  3.386   1.00   31.64 ? 316 HOH A O   1 
HETATM 1060 O  O   . HOH H 6 .   ? -0.756  -12.515 -9.859  1.00   29.90 ? 317 HOH A O   1 
HETATM 1061 O  O   . HOH H 6 .   ? 6.007   -3.253  10.448  1.00   20.84 ? 318 HOH A O   1 
HETATM 1062 O  O   . HOH H 6 .   ? -7.870  12.117  -5.519  1.00   29.21 ? 319 HOH A O   1 
HETATM 1063 O  O   . HOH H 6 .   ? -6.233  -14.477 -1.087  1.00   21.87 ? 320 HOH A O   1 
HETATM 1064 O  O   . HOH H 6 .   ? -0.841  2.741   11.823  1.00   22.65 ? 321 HOH A O   1 
HETATM 1065 O  O   . HOH H 6 .   ? -6.764  -3.490  10.879  1.00   36.20 ? 322 HOH A O   1 
HETATM 1066 O  O   . HOH H 6 .   ? 4.870   -7.701  11.483  1.00   29.93 ? 323 HOH A O   1 
HETATM 1067 O  O   . HOH H 6 .   ? 12.117  7.245   -7.656  1.00   33.18 ? 324 HOH A O   1 
HETATM 1068 O  O   . HOH H 6 .   ? -17.673 10.576  -12.478 1.00   38.28 ? 325 HOH A O   1 
HETATM 1069 O  O   . HOH H 6 .   ? 4.780   -14.921 -0.371  1.00   29.61 ? 326 HOH A O   1 
HETATM 1070 O  O   . HOH H 6 .   ? -13.911 -9.444  9.895   1.00   34.50 ? 327 HOH A O   1 
HETATM 1071 O  O   . HOH H 6 .   ? -1.498  13.773  0.049   1.00   43.07 ? 328 HOH A O   1 
HETATM 1072 O  O   . HOH H 6 .   ? 5.637   -0.683  11.522  1.00   32.78 ? 329 HOH A O   1 
HETATM 1073 O  O   . HOH H 6 .   ? -3.894  -16.323 0.071   1.00   26.91 ? 330 HOH A O   1 
HETATM 1074 O  O   . HOH H 6 .   ? 0.726   -13.655 -12.202 1.00   35.16 ? 331 HOH A O   1 
HETATM 1075 O  O   . HOH H 6 .   ? 3.787   -7.456  14.099  1.00   32.89 ? 332 HOH A O   1 
HETATM 1076 O  O   . HOH H 6 .   ? 9.136   -8.250  2.533   1.00   19.82 ? 333 HOH A O   1 
HETATM 1077 O  O   . HOH H 6 .   ? -11.162 10.594  5.607   1.00   30.26 ? 334 HOH A O   1 
HETATM 1078 O  O   . HOH H 6 .   ? -13.323 13.822  -13.342 1.00   41.31 ? 335 HOH A O   1 
HETATM 1079 O  O   . HOH H 6 .   ? 3.789   11.278  -8.633  1.00   38.72 ? 336 HOH A O   1 
HETATM 1080 O  O   . HOH H 6 .   ? 17.749  4.348   7.985   1.00   30.94 ? 337 HOH A O   1 
HETATM 1081 O  O   . HOH H 6 .   ? 9.839   10.643  -2.564  1.00   28.57 ? 338 HOH A O   1 
HETATM 1082 O  O   . HOH H 6 .   ? -9.527  -10.269 15.626  1.00   31.47 ? 339 HOH A O   1 
HETATM 1083 O  O   . HOH H 6 .   ? -14.339 -8.653  11.987  1.00   38.80 ? 340 HOH A O   1 
HETATM 1084 O  O   . HOH H 6 .   ? 6.378   10.257  -7.855  1.00   33.39 ? 341 HOH A O   1 
HETATM 1085 O  O   . HOH H 6 .   ? -11.571 3.955   3.946   1.00   29.09 ? 342 HOH A O   1 
HETATM 1086 O  O   . HOH H 6 .   ? -6.323  -2.365  -14.213 1.00   22.36 ? 343 HOH A O   1 
HETATM 1087 O  O   . HOH H 6 .   ? -4.475  -0.728  -15.999 1.00   25.31 ? 344 HOH A O   1 
HETATM 1088 O  O   . HOH H 6 .   ? -4.924  2.991   7.051   1.00   31.15 ? 345 HOH A O   1 
HETATM 1089 O  O   . HOH H 6 .   ? 10.807  -4.066  4.166   1.00   23.00 ? 346 HOH A O   1 
HETATM 1090 O  O   . HOH H 6 .   ? -4.203  0.765   13.300  1.00   22.34 ? 347 HOH A O   1 
HETATM 1091 O  O   . HOH H 6 .   ? 13.531  1.270   7.961   1.00   28.86 ? 348 HOH A O   1 
HETATM 1092 O  O   . HOH H 6 .   ? -7.644  -11.712 17.936  1.00   25.51 ? 349 HOH A O   1 
HETATM 1093 O  O   . HOH H 6 .   ? 7.015   2.443   11.770  1.00   28.51 ? 350 HOH A O   1 
HETATM 1094 O  O   . HOH H 6 .   ? -9.995  5.384   -10.435 1.00   21.73 ? 351 HOH A O   1 
HETATM 1095 O  O   . HOH H 6 .   ? -8.609  -17.035 6.680   1.00   26.38 ? 352 HOH A O   1 
HETATM 1096 O  O   . HOH H 6 .   ? 0.643   -10.091 -16.452 1.00   25.41 ? 353 HOH A O   1 
HETATM 1097 O  O   . HOH H 6 .   ? -4.500  -18.527 3.899   1.00   30.37 ? 354 HOH A O   1 
HETATM 1098 O  O   . HOH H 6 .   ? -0.297  8.664   7.518   1.00   29.51 ? 355 HOH A O   1 
HETATM 1099 O  O   . HOH H 6 .   ? -4.574  -3.355  9.767   1.00   28.04 ? 356 HOH A O   1 
HETATM 1100 O  O   . HOH H 6 .   ? -4.095  10.655  -11.832 1.00   30.41 ? 357 HOH A O   1 
HETATM 1101 O  O   . HOH H 6 .   ? 9.360   -10.539 9.116   1.00   35.19 ? 358 HOH A O   1 
HETATM 1102 O  O   . HOH H 6 .   ? 1.892   -3.193  12.499  1.00   24.44 ? 359 HOH A O   1 
HETATM 1103 O  O   . HOH H 6 .   ? 16.117  9.715   -2.586  1.00   30.87 ? 360 HOH A O   1 
HETATM 1104 O  O   . HOH H 6 .   ? -9.260  10.463  7.715   1.00   34.15 ? 361 HOH A O   1 
HETATM 1105 O  O   . HOH H 6 .   ? 10.423  -7.992  4.949   1.00   25.10 ? 362 HOH A O   1 
HETATM 1106 O  O   . HOH H 6 .   ? -18.698 12.699  -5.275  1.00   35.57 ? 363 HOH A O   1 
HETATM 1107 O  O   . HOH H 6 .   ? -4.083  -17.532 -4.471  1.00   34.53 ? 364 HOH A O   1 
HETATM 1108 O  O   . HOH H 6 .   ? 7.296   3.633   9.115   1.00   27.35 ? 365 HOH A O   1 
HETATM 1109 O  O   . HOH H 6 .   ? 1.236   -17.420 9.062   1.00   33.36 ? 366 HOH A O   1 
HETATM 1110 O  O   . HOH H 6 .   ? 6.924   -11.259 9.910   1.00   28.67 ? 367 HOH A O   1 
HETATM 1111 O  O   . HOH H 6 .   ? -1.885  5.892   8.989   1.00   32.93 ? 368 HOH A O   1 
HETATM 1112 O  O   . HOH H 6 .   ? -10.738 -15.024 9.504   1.00   33.01 ? 369 HOH A O   1 
HETATM 1113 O  O   . HOH H 6 .   ? 19.071  -1.949  -2.109  1.00   28.82 ? 370 HOH A O   1 
HETATM 1114 O  O   . HOH H 6 .   ? -0.756  4.529   -12.324 1.00   29.62 ? 371 HOH A O   1 
HETATM 1115 O  O   . HOH H 6 .   ? -1.579  -0.660  -20.014 1.00   31.59 ? 372 HOH A O   1 
HETATM 1116 O  O   . HOH H 6 .   ? -4.655  -18.642 1.151   1.00   30.96 ? 373 HOH A O   1 
HETATM 1117 O  O   . HOH H 6 .   ? 0.405   -15.622 -2.470  1.00   26.67 ? 374 HOH A O   1 
HETATM 1118 O  O   . HOH H 6 .   ? -3.017  14.879  1.902   1.00   34.94 ? 375 HOH A O   1 
HETATM 1119 O  O   . HOH H 6 .   ? -6.438  -0.834  12.043  1.00   27.36 ? 376 HOH A O   1 
HETATM 1120 O  O   . HOH H 6 .   ? 4.154   11.764  1.784   1.00   29.66 ? 377 HOH A O   1 
HETATM 1121 O  O   . HOH H 6 .   ? 2.176   -10.087 -11.648 1.00   33.98 ? 378 HOH A O   1 
HETATM 1122 O  O   . HOH H 6 .   ? -0.855  -15.829 20.118  1.00   31.84 ? 379 HOH A O   1 
HETATM 1123 O  O   . HOH H 6 .   ? 3.845   -0.338  13.501  1.00   31.86 ? 380 HOH A O   1 
HETATM 1124 O  O   . HOH H 6 .   ? 6.175   -15.590 9.188   1.00   38.14 ? 381 HOH A O   1 
HETATM 1125 O  O   . HOH H 6 .   ? 7.042   12.109  -6.028  1.00   32.67 ? 382 HOH A O   1 
HETATM 1126 O  O   . HOH H 6 .   ? 12.547  -1.187  8.783   1.00   30.68 ? 383 HOH A O   1 
HETATM 1127 O  O   . HOH H 6 .   ? 20.838  4.755   -0.580  1.00   36.66 ? 384 HOH A O   1 
HETATM 1128 O  O   . HOH H 6 .   ? 0.678   13.602  2.013   1.00   29.41 ? 385 HOH A O   1 
HETATM 1129 O  O   . HOH H 6 .   ? -6.212  7.043   9.990   1.00   40.64 ? 386 HOH A O   1 
HETATM 1130 O  O   . HOH H 6 .   ? -7.384  10.562  6.207   1.00   29.58 ? 387 HOH A O   1 
HETATM 1131 O  O   . HOH H 6 .   ? 2.592   14.113  -2.399  1.00   34.30 ? 388 HOH A O   1 
HETATM 1132 O  O   . HOH H 6 .   ? 7.281   11.411  -3.422  1.00   37.77 ? 389 HOH A O   1 
HETATM 1133 O  O   . HOH H 6 .   ? -10.596 18.407  0.627   1.00   36.07 ? 390 HOH A O   1 
HETATM 1134 O  O   . HOH H 6 .   ? 2.050   -10.137 -8.731  1.00   27.59 ? 391 HOH A O   1 
HETATM 1135 O  O   . HOH H 6 .   ? -0.439  -19.280 0.189   1.00   37.54 ? 392 HOH A O   1 
HETATM 1136 O  O   . HOH H 6 .   ? -17.041 10.456  -15.192 1.00   36.21 ? 393 HOH A O   1 
HETATM 1137 O  O   . HOH H 6 .   ? -20.560 2.907   1.611   1.00   33.51 ? 394 HOH A O   1 
HETATM 1138 O  O   . HOH H 6 .   ? 7.162   -15.934 6.543   1.00   37.02 ? 395 HOH A O   1 
HETATM 1139 O  O   . HOH H 6 .   ? 5.391   5.843   11.854  1.00   30.80 ? 396 HOH A O   1 
HETATM 1140 O  O   . HOH H 6 .   ? 6.523   -8.036  -12.926 1.00   34.84 ? 397 HOH A O   1 
HETATM 1141 O  O   . HOH H 6 .   ? -0.407  -0.267  14.847  1.00   30.36 ? 398 HOH A O   1 
HETATM 1142 O  O   . HOH H 6 .   ? 7.069   12.900  -1.723  1.00   38.18 ? 399 HOH A O   1 
HETATM 1143 O  O   . HOH H 6 .   ? -2.893  4.269   11.820  1.00   34.73 ? 400 HOH A O   1 
HETATM 1144 O  O   . HOH H 6 .   ? 4.049   -17.529 9.275   1.00   43.31 ? 401 HOH A O   1 
HETATM 1145 O  O   . HOH H 6 .   ? 11.789  -5.481  -12.972 1.00   33.46 ? 402 HOH A O   1 
HETATM 1146 O  O   . HOH H 6 .   ? 11.513  5.411   8.268   1.00   32.35 ? 403 HOH A O   1 
HETATM 1147 O  O   . HOH H 6 .   ? 10.672  -3.780  -14.782 1.00   41.93 ? 404 HOH A O   1 
HETATM 1148 O  O   . HOH H 6 .   ? 0.848   5.419   -13.904 1.00   28.26 ? 405 HOH A O   1 
HETATM 1149 O  O   . HOH H 6 .   ? 1.020   -2.503  15.246  1.00   23.93 ? 406 HOH A O   1 
HETATM 1150 O  O   . HOH H 6 .   ? 13.801  12.680  3.385   1.00   40.37 ? 407 HOH A O   1 
HETATM 1151 O  O   . HOH H 6 .   ? -4.169  4.541   8.401   1.00   38.93 ? 408 HOH A O   1 
HETATM 1152 O  O   . HOH H 6 .   ? 0.664   3.026   14.232  1.00   36.39 ? 409 HOH A O   1 
HETATM 1153 O  O   . HOH H 6 .   ? 4.907   2.204   -19.143 1.00   31.42 ? 410 HOH A O   1 
HETATM 1154 O  O   . HOH H 6 .   ? -5.468  2.883   12.564  1.00   30.86 ? 411 HOH A O   1 
HETATM 1155 O  O   . HOH H 6 .   ? 4.566   -15.261 18.428  1.00   39.96 ? 412 HOH A O   1 
HETATM 1156 O  O   . HOH H 6 .   ? -1.418  -16.872 -1.414  1.00   33.50 ? 413 HOH A O   1 
HETATM 1157 O  O   . HOH H 6 .   ? -17.448 12.967  -11.783 1.00   37.98 ? 414 HOH A O   1 
HETATM 1158 O  O   . HOH H 6 .   ? 16.119  12.047  -0.917  1.00   30.75 ? 415 HOH A O   1 
HETATM 1159 O  O   . HOH H 6 .   ? 11.986  -2.798  -11.582 1.00   31.88 ? 416 HOH A O   1 
HETATM 1160 O  O   . HOH H 6 .   ? -2.612  -1.955  -18.286 1.00   33.07 ? 417 HOH A O   1 
HETATM 1161 O  O   . HOH H 6 .   ? 9.134   -9.590  -8.932  1.00   34.69 ? 418 HOH A O   1 
HETATM 1162 O  O   . HOH H 6 .   ? 4.193   -8.989  -13.247 1.00   39.27 ? 419 HOH A O   1 
HETATM 1163 O  O   . HOH H 6 .   ? 8.673   10.446  -9.673  1.00   36.62 ? 420 HOH A O   1 
HETATM 1164 O  O   . HOH H 6 .   ? 0.546   -5.712  -22.218 1.00   39.17 ? 421 HOH A O   1 
HETATM 1165 O  O   . HOH H 6 .   ? 8.412   -8.673  -11.045 1.00   38.46 ? 422 HOH A O   1 
HETATM 1166 O  O   . HOH H 6 .   ? 5.881   -14.019 1.582   1.00   33.44 ? 423 HOH A O   1 
HETATM 1167 O  O   . HOH H 6 .   ? 10.070  -8.963  11.575  1.00   38.00 ? 424 HOH A O   1 
HETATM 1168 O  O   . HOH H 6 .   ? -10.736 -3.785  -5.882  0.50   22.14 ? 425 HOH A O   1 
HETATM 1169 O  O   . HOH H 6 .   ? 22.184  2.217   -0.922  1.00   35.43 ? 426 HOH A O   1 
HETATM 1170 O  O   . HOH H 6 .   ? -9.896  -5.257  -4.625  1.00   25.51 ? 427 HOH A O   1 
HETATM 1171 O  O   . HOH H 6 .   ? 13.233  3.548   9.240   1.00   33.04 ? 428 HOH A O   1 
HETATM 1172 O  O   . HOH H 6 .   ? -0.942  -3.515  -20.981 1.00   41.07 ? 429 HOH A O   1 
HETATM 1173 O  O   . HOH H 6 .   ? 7.890   -13.083 0.165   1.00   32.49 ? 430 HOH A O   1 
HETATM 1174 O  O   . HOH H 6 .   ? -13.572 14.833  -0.297  1.00   38.68 ? 431 HOH A O   1 
HETATM 1175 O  O   . HOH H 6 .   ? 22.046  0.886   5.189   1.00   35.00 ? 432 HOH A O   1 
HETATM 1176 O  O   . HOH H 6 .   ? 3.771   -9.027  -5.328  1.00   28.49 ? 433 HOH A O   1 
HETATM 1177 O  O   . HOH H 6 .   ? -2.668  11.292  -17.515 1.00   41.50 ? 434 HOH A O   1 
HETATM 1178 O  O   . HOH H 6 .   ? 16.754  2.878   -5.215  1.00   35.10 ? 435 HOH A O   1 
HETATM 1179 O  O   . HOH H 6 .   ? 13.237  13.506  -0.591  1.00   39.28 ? 436 HOH A O   1 
HETATM 1180 O  O   . HOH H 6 .   ? -1.052  -19.211 6.354   1.00   35.28 ? 437 HOH A O   1 
HETATM 1181 O  O   . HOH H 6 .   ? -0.639  11.379  -16.540 1.00   43.35 ? 438 HOH A O   1 
HETATM 1182 O  O   . HOH H 6 .   ? 17.709  1.443   -3.994  1.00   35.76 ? 439 HOH A O   1 
HETATM 1183 O  O   . HOH H 6 .   ? -2.611  -20.691 8.061   1.00   36.89 ? 440 HOH A O   1 
HETATM 1184 O  O   . HOH H 6 .   ? -0.084  -18.041 -4.080  1.00   36.50 ? 441 HOH A O   1 
HETATM 1185 O  O   . HOH H 6 .   ? 18.204  9.511   -4.296  1.00   41.17 ? 442 HOH A O   1 
HETATM 1186 O  O   . HOH H 6 .   ? 10.998  -0.754  -9.211  1.00   37.01 ? 443 HOH A O   1 
HETATM 1187 O  O   . HOH H 6 .   ? 2.481   -2.507  -17.833 1.00   32.97 ? 444 HOH A O   1 
HETATM 1188 O  O   . HOH H 6 .   ? 21.365  0.747   2.447   1.00   39.54 ? 445 HOH A O   1 
HETATM 1189 O  O   . HOH H 6 .   ? -15.829 14.678  -13.045 1.00   47.43 ? 446 HOH A O   1 
HETATM 1190 O  O   . HOH H 6 .   ? -10.010 13.754  8.345   1.00   48.79 ? 447 HOH A O   1 
HETATM 1191 O  O   . HOH H 6 .   ? -9.198  -0.997  12.857  1.00   42.62 ? 448 HOH A O   1 
HETATM 1192 O  O   . HOH H 6 .   ? -7.790  -1.062  7.693   1.00   29.30 ? 449 HOH A O   1 
HETATM 1193 O  O   . HOH H 6 .   ? 11.389  10.918  8.041   1.00   36.90 ? 450 HOH A O   1 
HETATM 1194 O  O   . HOH H 6 .   ? 1.381   12.867  -5.062  1.00   39.89 ? 451 HOH A O   1 
HETATM 1195 O  O   . HOH H 6 .   ? 1.409   0.311   -19.925 1.00   33.35 ? 452 HOH A O   1 
HETATM 1196 O  O   . HOH H 6 .   ? 0.929   -14.135 -5.920  1.00   35.73 ? 453 HOH A O   1 
HETATM 1197 O  O   . HOH H 6 .   ? -0.764  13.771  -5.170  1.00   37.83 ? 454 HOH A O   1 
HETATM 1198 O  O   . HOH H 6 .   ? -13.851 16.587  -5.444  1.00   33.53 ? 455 HOH A O   1 
HETATM 1199 O  O   . HOH H 6 .   ? 19.034  6.914   6.711   1.00   33.29 ? 456 HOH A O   1 
HETATM 1200 O  O   . HOH H 6 .   ? -5.363  13.689  1.091   1.00   35.86 ? 457 HOH A O   1 
HETATM 1201 O  O   . HOH H 6 .   ? -8.600  18.147  -1.141  1.00   45.27 ? 458 HOH A O   1 
HETATM 1202 O  O   . HOH H 6 .   ? 19.694  8.645   2.724   1.00   36.23 ? 459 HOH A O   1 
HETATM 1203 O  O   . HOH H 6 .   ? 1.574   6.304   11.584  1.00   33.25 ? 460 HOH A O   1 
HETATM 1204 O  O   . HOH H 6 .   ? 9.450   10.047  7.443   1.00   36.94 ? 461 HOH A O   1 
HETATM 1205 O  O   . HOH H 6 .   ? 0.043   14.451  -1.325  1.00   48.25 ? 462 HOH A O   1 
HETATM 1206 O  O   . HOH H 6 .   ? 1.138   -12.339 -8.100  1.00   37.39 ? 463 HOH A O   1 
HETATM 1207 O  O   . HOH H 6 .   ? 1.319   11.472  -9.211  1.00   38.51 ? 464 HOH A O   1 
HETATM 1208 O  O   . HOH H 6 .   ? 14.329  14.951  5.407   1.00   38.05 ? 465 HOH A O   1 
HETATM 1209 O  O   . HOH H 6 .   ? -1.363  -5.479  -19.919 1.00   40.46 ? 466 HOH A O   1 
HETATM 1210 O  O   . HOH H 6 .   ? 3.997   2.159   15.086  1.00   36.13 ? 467 HOH A O   1 
HETATM 1211 O  O   . HOH H 6 .   ? -15.813 0.915   1.530   1.00   34.95 ? 468 HOH A O   1 
HETATM 1212 O  O   . HOH H 6 .   ? -11.965 -15.897 7.508   1.00   38.02 ? 469 HOH A O   1 
HETATM 1213 O  O   . HOH H 6 .   ? 0.178   -18.115 14.489  1.00   46.15 ? 470 HOH A O   1 
HETATM 1214 O  O   . HOH H 6 .   ? 8.467   1.779   13.409  1.00   37.00 ? 471 HOH A O   1 
HETATM 1215 O  O   . HOH H 6 .   ? -6.652  -18.725 5.580   1.00   35.51 ? 472 HOH A O   1 
HETATM 1216 O  O   . HOH H 6 .   ? -1.957  14.888  -3.111  1.00   39.45 ? 473 HOH A O   1 
HETATM 1217 O  O   . HOH H 6 .   ? 11.236  3.295   11.692  1.00   43.79 ? 474 HOH A O   1 
HETATM 1218 O  O   . HOH H 6 .   ? -10.886 13.391  -11.390 1.00   43.09 ? 475 HOH A O   1 
HETATM 1219 O  O   . HOH H 6 .   ? -8.324  15.768  -2.501  1.00   45.14 ? 476 HOH A O   1 
HETATM 1220 O  O   . HOH H 6 .   ? 9.188   5.225   9.902   1.00   27.48 ? 477 HOH A O   1 
# 
